data_9RUP
#
_entry.id   9RUP
#
_cell.length_a   1.00
_cell.length_b   1.00
_cell.length_c   1.00
_cell.angle_alpha   90.00
_cell.angle_beta   90.00
_cell.angle_gamma   90.00
#
_symmetry.space_group_name_H-M   'P 1'
#
loop_
_entity.id
_entity.type
_entity.pdbx_description
1 polymer 'T cell receptor, alpha chain'
2 polymer 'T cell receptor, beta chain'
3 polymer Beta-2-microglobulin
4 polymer 'MHC class I antigen'
5 polymer 'ORF3a_207-215 epitope'
#
loop_
_entity_poly.entity_id
_entity_poly.type
_entity_poly.pdbx_seq_one_letter_code
_entity_poly.pdbx_strand_id
1 'polypeptide(L)'
;QSVAQPEDQVNVAEGNPLTVKCTYSVSGNPYLFWYVQYPNRGLQFLLKYITGDNLVKGSYGFEAEFNKSQTSFHLKKPSA
LVSDSALYFCAVRVVTSGGSYIPTFGRGTSLIVHPYIQNPDPAVYQLRDSKSSDKSVCLFTDFDSQTNVSQSKDSDVYIT
DKCVLDMRSMDFKSNSAVAWSNKSDFACANAFNNSIIPEDTFFPSPESS
;
A,a
2 'polypeptide(L)'
;GVTQTPRYLIKTRGQQVTLSCSPISGHRSVSWYQQTPGQGLQFLFEYFSETQRNKGNFPGRFSGRQFSNSRSEMNVSTLE
LGDSALYLCASSLAGDLGTEAFFGQGTRLTVVEDLKNVFPPEVAVFEPSEAEISHTQKATLVCLATGFYPDHVELSWWVN
GKEVHSGVCTDPQPLKEQPALNDSRYALSSRLRVSATFWQNPRNHFRCQVQFYGLSENDEWTQDRAKPVTQIVSAEAWGR
AD
;
B,b
3 'polypeptide(L)'
;IQRTPKIQVYSRHPAENGKSNFLNCYVSGFHPSDIEVDLLKNGERIEKVEHSDLSFSKDWSFYLLYYTEFTPTEKDEYAC
RVNHVTLSQPKIVKWDRDM
;
E,e
4 'polypeptide(L)'
;HSMRYFFTSVSRPGRGEPRFIAVGYVDDTQFVRFDSDAASQKMEPRAPWIEQEGPEYWDQETRNMKAHSQTDRANLGTLR
GYYNQSEDGSHTIQIMYGCDVGPDGRFLRGYRQDAYDGKDYIALNEDLRSWTAADMAAQITKRKWEAVHAAEQRRVYLEG
RCVDGLRRYLENGKETLQRTDPPKTHMTHHPISDHEATLRCWALGFYPAEITLTWQRDGEDQTQDTELVETRPAGDGTFQ
KWAAVVVPSGEEQRYTCHVQHEGLPKPLTLRWELSS
;
C,c
5 'polypeptide(L)' FTSDYYQLY D,d
#
# COMPACT_ATOMS: atom_id res chain seq x y z
N VAL A 3 -10.13 47.15 5.31
CA VAL A 3 -9.68 46.16 4.34
C VAL A 3 -8.43 46.70 3.64
N ALA A 4 -8.13 47.97 3.87
CA ALA A 4 -6.98 48.64 3.28
C ALA A 4 -5.97 48.98 4.36
N GLN A 5 -4.69 48.78 4.06
CA GLN A 5 -3.63 49.03 5.02
C GLN A 5 -2.75 50.18 4.55
N PRO A 6 -2.25 51.02 5.47
CA PRO A 6 -1.51 52.21 5.04
C PRO A 6 -0.21 51.92 4.32
N GLU A 7 0.52 50.88 4.73
CA GLU A 7 1.91 50.71 4.27
C GLU A 7 1.92 50.18 2.85
N ASP A 8 2.20 51.06 1.89
CA ASP A 8 2.38 50.67 0.50
C ASP A 8 3.84 50.35 0.16
N GLN A 9 4.74 50.48 1.12
CA GLN A 9 6.15 50.21 0.88
C GLN A 9 6.83 49.95 2.22
N VAL A 10 7.32 48.74 2.43
CA VAL A 10 8.01 48.36 3.67
C VAL A 10 9.40 47.85 3.32
N ASN A 11 10.37 48.26 4.11
CA ASN A 11 11.76 47.88 3.92
C ASN A 11 12.31 47.28 5.19
N VAL A 12 13.34 46.46 5.05
CA VAL A 12 14.01 45.85 6.20
C VAL A 12 15.37 45.36 5.73
N ALA A 13 16.32 45.27 6.66
CA ALA A 13 17.62 44.68 6.41
C ALA A 13 17.60 43.21 6.86
N GLU A 14 18.71 42.52 6.66
CA GLU A 14 18.80 41.11 7.03
C GLU A 14 19.28 40.96 8.47
N GLY A 15 18.64 41.69 9.38
CA GLY A 15 18.95 41.59 10.79
C GLY A 15 17.74 41.79 11.70
N ASN A 16 16.57 41.99 11.09
CA ASN A 16 15.38 42.40 11.80
C ASN A 16 14.21 41.54 11.37
N PRO A 17 13.25 41.28 12.27
CA PRO A 17 12.09 40.46 11.89
C PRO A 17 11.12 41.24 11.01
N LEU A 18 10.72 40.61 9.91
CA LEU A 18 9.77 41.22 8.98
C LEU A 18 8.47 41.58 9.70
N THR A 19 7.98 42.78 9.41
CA THR A 19 6.68 43.24 9.92
C THR A 19 5.95 43.95 8.80
N VAL A 20 4.66 43.66 8.65
CA VAL A 20 3.79 44.35 7.70
C VAL A 20 2.47 44.64 8.41
N LYS A 21 1.58 45.35 7.70
CA LYS A 21 0.28 45.72 8.22
C LYS A 21 -0.81 45.06 7.41
N CYS A 22 -1.87 44.63 8.09
CA CYS A 22 -3.03 44.01 7.44
C CYS A 22 -4.27 44.37 8.24
N THR A 23 -4.94 45.45 7.84
CA THR A 23 -6.11 45.95 8.53
C THR A 23 -7.38 45.54 7.79
N TYR A 24 -8.49 45.54 8.52
CA TYR A 24 -9.76 45.13 7.95
C TYR A 24 -10.89 45.57 8.86
N SER A 25 -12.06 45.82 8.26
CA SER A 25 -13.25 46.21 9.02
C SER A 25 -14.47 45.82 8.19
N VAL A 26 -15.12 44.72 8.58
CA VAL A 26 -16.29 44.20 7.89
C VAL A 26 -17.32 43.78 8.93
N SER A 27 -18.46 43.30 8.47
CA SER A 27 -19.55 42.87 9.32
C SER A 27 -19.54 41.36 9.49
N GLY A 28 -20.36 40.88 10.43
CA GLY A 28 -20.44 39.46 10.66
C GLY A 28 -19.13 38.91 11.21
N ASN A 29 -18.85 37.65 10.88
CA ASN A 29 -17.60 37.03 11.28
C ASN A 29 -16.58 37.21 10.17
N PRO A 30 -15.51 37.98 10.38
CA PRO A 30 -14.51 38.18 9.33
C PRO A 30 -13.69 36.91 9.10
N TYR A 31 -13.15 36.82 7.89
CA TYR A 31 -12.20 35.77 7.53
C TYR A 31 -11.13 36.39 6.65
N LEU A 32 -9.87 36.19 7.01
CA LEU A 32 -8.75 36.84 6.33
C LEU A 32 -7.92 35.81 5.56
N PHE A 33 -7.45 36.20 4.39
CA PHE A 33 -6.51 35.42 3.59
C PHE A 33 -5.25 36.25 3.35
N TRP A 34 -4.13 35.56 3.20
CA TRP A 34 -2.85 36.20 2.88
C TRP A 34 -2.24 35.55 1.65
N TYR A 35 -1.50 36.34 0.88
CA TYR A 35 -0.87 35.84 -0.34
C TYR A 35 0.41 36.61 -0.58
N VAL A 36 1.21 36.11 -1.53
CA VAL A 36 2.45 36.76 -1.94
C VAL A 36 2.61 36.61 -3.44
N GLN A 37 3.10 37.66 -4.09
CA GLN A 37 3.29 37.70 -5.54
C GLN A 37 4.79 37.78 -5.84
N TYR A 38 5.43 36.62 -5.92
CA TYR A 38 6.83 36.58 -6.33
C TYR A 38 6.95 37.19 -7.74
N PRO A 39 8.07 37.87 -8.02
CA PRO A 39 8.13 38.74 -9.21
C PRO A 39 7.76 38.06 -10.52
N ASN A 40 6.65 38.51 -11.12
CA ASN A 40 6.17 37.99 -12.40
C ASN A 40 5.96 36.48 -12.34
N ARG A 41 5.06 36.07 -11.45
CA ARG A 41 4.77 34.65 -11.25
C ARG A 41 3.38 34.55 -10.63
N GLY A 42 3.04 33.37 -10.13
CA GLY A 42 1.72 33.13 -9.57
C GLY A 42 1.44 33.81 -8.26
N LEU A 43 0.39 33.37 -7.56
CA LEU A 43 -0.05 33.96 -6.30
C LEU A 43 -0.19 32.88 -5.23
N GLN A 44 0.82 32.02 -5.12
CA GLN A 44 0.79 30.99 -4.08
C GLN A 44 0.81 31.66 -2.71
N PHE A 45 -0.02 31.15 -1.81
CA PHE A 45 -0.19 31.78 -0.50
C PHE A 45 0.85 31.28 0.49
N LEU A 46 0.97 31.98 1.61
CA LEU A 46 1.81 31.54 2.71
C LEU A 46 1.11 31.54 4.06
N LEU A 47 0.01 32.28 4.23
CA LEU A 47 -0.67 32.40 5.53
C LEU A 47 -2.17 32.29 5.35
N LYS A 48 -2.79 31.40 6.11
CA LYS A 48 -4.23 31.23 6.14
C LYS A 48 -4.80 31.46 7.54
N TYR A 49 -5.94 32.13 7.59
CA TYR A 49 -6.75 32.22 8.80
C TYR A 49 -8.17 31.84 8.47
N ILE A 50 -8.78 31.02 9.32
CA ILE A 50 -10.19 30.71 9.21
C ILE A 50 -10.88 31.09 10.52
N THR A 51 -10.46 30.46 11.61
CA THR A 51 -10.95 30.73 12.96
C THR A 51 -10.11 29.89 13.92
N GLY A 52 -10.24 30.19 15.21
CA GLY A 52 -9.58 29.40 16.23
C GLY A 52 -8.46 30.11 16.97
N ASP A 53 -7.25 29.58 16.85
CA ASP A 53 -6.12 30.08 17.62
C ASP A 53 -5.73 31.49 17.16
N ASN A 54 -5.15 32.25 18.09
CA ASN A 54 -4.75 33.63 17.79
C ASN A 54 -3.46 33.66 16.98
N LEU A 55 -2.38 33.11 17.53
CA LEU A 55 -1.07 33.13 16.87
C LEU A 55 -1.12 32.12 15.72
N VAL A 56 -1.76 32.56 14.63
CA VAL A 56 -2.02 31.67 13.50
C VAL A 56 -0.71 31.18 12.91
N LYS A 57 -0.71 29.92 12.50
CA LYS A 57 0.45 29.28 11.89
C LYS A 57 0.77 29.95 10.55
N GLY A 58 1.82 29.46 9.90
CA GLY A 58 2.16 30.00 8.61
C GLY A 58 3.15 29.17 7.83
N SER A 59 3.79 29.84 6.87
CA SER A 59 4.77 29.29 5.95
C SER A 59 6.12 29.17 6.65
N TYR A 60 7.20 29.26 5.86
CA TYR A 60 8.57 28.97 6.23
C TYR A 60 8.99 29.62 7.55
N GLY A 61 8.09 30.38 8.17
CA GLY A 61 8.41 31.18 9.34
C GLY A 61 7.57 32.42 9.47
N PHE A 62 6.71 32.70 8.49
CA PHE A 62 5.73 33.76 8.64
C PHE A 62 4.68 33.37 9.69
N GLU A 63 4.06 34.38 10.29
CA GLU A 63 2.89 34.15 11.13
C GLU A 63 2.10 35.44 11.23
N ALA A 64 0.89 35.33 11.76
CA ALA A 64 0.06 36.49 12.05
C ALA A 64 -0.84 36.15 13.22
N GLU A 65 -1.35 37.19 13.86
CA GLU A 65 -2.23 37.04 15.02
C GLU A 65 -3.50 37.85 14.81
N PHE A 66 -4.60 37.34 15.37
CA PHE A 66 -5.90 37.97 15.25
C PHE A 66 -6.18 38.81 16.49
N ASN A 67 -6.63 40.05 16.27
CA ASN A 67 -6.78 40.99 17.37
C ASN A 67 -7.86 42.00 17.03
N LYS A 68 -9.00 41.93 17.72
CA LYS A 68 -10.01 42.98 17.62
C LYS A 68 -9.52 44.30 18.17
N SER A 69 -8.54 44.29 19.09
CA SER A 69 -8.06 45.53 19.66
C SER A 69 -7.44 46.45 18.61
N GLN A 70 -7.05 45.89 17.46
CA GLN A 70 -6.60 46.68 16.33
C GLN A 70 -7.31 46.32 15.03
N THR A 71 -8.18 45.31 15.05
CA THR A 71 -8.93 44.87 13.87
C THR A 71 -8.00 44.58 12.71
N SER A 72 -6.92 43.86 13.00
CA SER A 72 -5.87 43.65 12.02
C SER A 72 -5.06 42.42 12.40
N PHE A 73 -4.29 41.91 11.45
CA PHE A 73 -3.38 40.79 11.70
C PHE A 73 -1.92 41.20 11.81
N HIS A 74 -1.43 42.03 10.90
CA HIS A 74 -0.02 42.45 10.89
C HIS A 74 0.90 41.23 10.78
N LEU A 75 0.85 40.59 9.62
CA LEU A 75 1.68 39.44 9.34
C LEU A 75 3.11 39.66 9.80
N LYS A 76 3.58 38.79 10.68
CA LYS A 76 4.87 38.92 11.33
C LYS A 76 5.76 37.75 10.92
N LYS A 77 7.06 37.99 10.97
CA LYS A 77 8.00 36.90 10.72
C LYS A 77 9.28 37.16 11.48
N PRO A 78 9.64 36.30 12.43
CA PRO A 78 10.84 36.57 13.24
C PRO A 78 12.11 36.63 12.42
N SER A 79 12.18 35.93 11.30
CA SER A 79 13.39 35.92 10.47
C SER A 79 12.96 35.62 9.04
N ALA A 80 12.88 36.67 8.22
CA ALA A 80 12.57 36.48 6.81
C ALA A 80 13.69 35.72 6.11
N LEU A 81 13.32 34.88 5.16
CA LEU A 81 14.33 34.19 4.35
C LEU A 81 15.04 35.18 3.44
N VAL A 82 15.97 34.66 2.64
CA VAL A 82 16.89 35.53 1.91
C VAL A 82 16.14 36.37 0.88
N SER A 83 15.25 35.77 0.11
CA SER A 83 14.61 36.54 -0.97
C SER A 83 13.40 37.32 -0.47
N ASP A 84 12.30 36.63 -0.20
CA ASP A 84 11.10 37.18 0.45
C ASP A 84 10.74 38.59 0.01
N SER A 85 11.01 38.94 -1.25
CA SER A 85 10.84 40.30 -1.73
C SER A 85 9.74 40.29 -2.79
N ALA A 86 8.53 40.66 -2.40
CA ALA A 86 7.38 40.55 -3.28
C ALA A 86 6.27 41.44 -2.75
N LEU A 87 5.14 41.41 -3.46
CA LEU A 87 4.01 42.28 -3.15
C LEU A 87 3.01 41.54 -2.26
N TYR A 88 3.39 41.37 -1.00
CA TYR A 88 2.52 40.70 -0.04
C TYR A 88 1.21 41.45 0.11
N PHE A 89 0.10 40.72 0.23
CA PHE A 89 -1.18 41.37 0.45
C PHE A 89 -2.16 40.42 1.14
N CYS A 90 -3.15 41.02 1.81
CA CYS A 90 -4.14 40.29 2.60
C CYS A 90 -5.52 40.87 2.30
N ALA A 91 -6.56 40.05 2.44
CA ALA A 91 -7.87 40.49 1.98
C ALA A 91 -8.99 39.76 2.72
N VAL A 92 -10.13 40.45 2.79
CA VAL A 92 -11.33 39.97 3.46
C VAL A 92 -12.52 40.22 2.54
N ARG A 93 -13.51 39.34 2.63
CA ARG A 93 -14.81 39.61 2.04
C ARG A 93 -15.88 38.84 2.80
N VAL A 94 -17.09 39.42 2.83
CA VAL A 94 -18.15 38.96 3.72
C VAL A 94 -18.84 37.74 3.12
N VAL A 95 -19.57 37.02 3.97
CA VAL A 95 -20.27 35.82 3.54
C VAL A 95 -21.45 36.18 2.65
N THR A 96 -21.63 35.42 1.58
CA THR A 96 -22.79 35.53 0.71
C THR A 96 -23.31 34.13 0.42
N SER A 97 -24.40 34.06 -0.34
CA SER A 97 -24.98 32.77 -0.71
C SER A 97 -23.96 31.92 -1.47
N GLY A 98 -23.52 30.84 -0.86
CA GLY A 98 -22.46 30.01 -1.42
C GLY A 98 -21.08 30.41 -0.93
N GLY A 99 -20.84 31.70 -0.78
CA GLY A 99 -19.56 32.20 -0.32
C GLY A 99 -18.96 33.21 -1.28
N SER A 100 -18.13 34.11 -0.78
CA SER A 100 -17.53 35.15 -1.60
C SER A 100 -16.01 35.04 -1.66
N TYR A 101 -15.33 35.06 -0.51
CA TYR A 101 -13.91 34.76 -0.36
C TYR A 101 -13.04 35.35 -1.48
N ILE A 102 -13.05 36.67 -1.56
CA ILE A 102 -12.38 37.40 -2.64
C ILE A 102 -11.09 38.00 -2.10
N PRO A 103 -9.97 37.91 -2.83
CA PRO A 103 -8.73 38.59 -2.42
C PRO A 103 -8.70 40.07 -2.82
N THR A 104 -9.59 40.86 -2.19
CA THR A 104 -9.60 42.30 -2.39
C THR A 104 -8.72 42.94 -1.34
N PHE A 105 -7.45 43.14 -1.70
CA PHE A 105 -6.44 43.66 -0.78
C PHE A 105 -6.24 45.17 -0.90
N GLY A 106 -5.84 45.63 -2.08
CA GLY A 106 -5.49 47.02 -2.32
C GLY A 106 -4.00 47.25 -2.31
N ARG A 107 -3.39 47.24 -3.51
CA ARG A 107 -2.02 47.63 -3.76
C ARG A 107 -0.97 46.94 -2.88
N GLY A 108 -1.37 45.88 -2.17
CA GLY A 108 -0.45 45.09 -1.35
C GLY A 108 0.62 45.86 -0.61
N THR A 109 1.84 45.33 -0.61
CA THR A 109 3.03 45.95 -0.02
C THR A 109 4.25 45.18 -0.50
N SER A 110 5.31 45.90 -0.88
CA SER A 110 6.50 45.32 -1.49
C SER A 110 7.66 45.36 -0.50
N LEU A 111 8.09 44.19 -0.05
CA LEU A 111 9.24 44.08 0.82
C LEU A 111 10.54 44.05 0.03
N ILE A 112 11.59 44.65 0.58
CA ILE A 112 12.94 44.55 0.05
C ILE A 112 13.88 44.20 1.19
N VAL A 113 14.84 43.33 0.91
CA VAL A 113 15.60 42.61 1.94
C VAL A 113 17.10 42.92 1.80
N HIS A 114 17.43 44.19 1.53
CA HIS A 114 18.81 44.64 1.36
C HIS A 114 19.77 43.91 2.29
N PRO A 115 20.74 43.18 1.76
CA PRO A 115 21.72 42.51 2.62
C PRO A 115 22.91 43.42 2.94
N TYR A 116 23.59 43.06 4.03
CA TYR A 116 24.79 43.80 4.44
C TYR A 116 25.66 42.87 5.27
N ILE A 117 26.65 42.24 4.63
CA ILE A 117 27.62 41.40 5.31
C ILE A 117 28.93 41.45 4.52
N GLN A 118 29.98 40.86 5.10
CA GLN A 118 31.19 40.48 4.38
C GLN A 118 31.91 41.68 3.77
N ASN A 119 32.22 42.67 4.62
CA ASN A 119 33.11 43.80 4.34
C ASN A 119 32.98 44.32 2.92
N PRO A 120 31.91 45.03 2.58
CA PRO A 120 31.75 45.53 1.21
C PRO A 120 32.96 46.33 0.76
N ASP A 121 33.42 46.05 -0.45
CA ASP A 121 34.60 46.70 -1.03
C ASP A 121 34.17 47.48 -2.26
N PRO A 122 33.94 48.79 -2.15
CA PRO A 122 33.36 49.53 -3.27
C PRO A 122 34.23 49.46 -4.52
N ALA A 123 33.56 49.39 -5.67
CA ALA A 123 34.22 49.32 -6.97
C ALA A 123 33.22 49.60 -8.08
N VAL A 124 33.56 50.52 -8.98
CA VAL A 124 32.69 50.88 -10.10
C VAL A 124 33.51 50.84 -11.39
N TYR A 125 33.01 50.13 -12.39
CA TYR A 125 33.74 49.94 -13.64
C TYR A 125 32.83 50.13 -14.83
N GLN A 126 33.44 50.41 -15.97
CA GLN A 126 32.77 50.60 -17.25
C GLN A 126 33.08 49.42 -18.15
N LEU A 127 32.06 48.86 -18.79
CA LEU A 127 32.17 47.60 -19.52
C LEU A 127 31.82 47.83 -20.98
N ARG A 128 32.63 47.24 -21.87
CA ARG A 128 32.41 47.31 -23.31
C ARG A 128 31.83 46.00 -23.84
N ASP A 129 31.35 46.04 -25.08
CA ASP A 129 30.67 44.93 -25.71
C ASP A 129 31.53 44.30 -26.81
N SER A 130 30.94 43.33 -27.51
CA SER A 130 31.58 42.70 -28.66
C SER A 130 31.33 43.56 -29.90
N LYS A 131 31.62 43.01 -31.08
CA LYS A 131 31.50 43.69 -32.37
C LYS A 131 31.94 45.16 -32.28
N SER A 132 31.05 46.10 -32.57
CA SER A 132 31.37 47.52 -32.47
C SER A 132 31.55 47.89 -31.01
N SER A 133 32.80 48.03 -30.59
CA SER A 133 33.13 48.25 -29.18
C SER A 133 32.68 49.62 -28.67
N ASP A 134 32.26 50.53 -29.54
CA ASP A 134 31.99 51.90 -29.11
C ASP A 134 30.90 51.95 -28.05
N LYS A 135 29.76 51.30 -28.30
CA LYS A 135 28.71 51.25 -27.28
C LYS A 135 29.16 50.36 -26.13
N SER A 136 28.91 50.81 -24.91
CA SER A 136 29.48 50.17 -23.74
C SER A 136 28.64 50.50 -22.51
N VAL A 137 28.73 49.63 -21.51
CA VAL A 137 28.05 49.86 -20.23
C VAL A 137 29.06 50.05 -19.12
N ASP A 142 29.39 46.11 -5.27
CA ASP A 142 29.99 45.79 -3.98
C ASP A 142 29.83 46.96 -3.00
N PHE A 143 28.88 47.86 -3.29
CA PHE A 143 28.73 49.08 -2.52
C PHE A 143 27.98 48.81 -1.23
N ASP A 144 27.55 49.87 -0.55
CA ASP A 144 26.95 49.79 0.77
C ASP A 144 25.52 49.26 0.70
N SER A 145 24.81 49.32 1.83
CA SER A 145 23.47 48.77 1.89
C SER A 145 22.40 49.77 2.30
N GLN A 146 22.73 51.06 2.43
CA GLN A 146 21.77 52.07 2.85
C GLN A 146 21.44 53.08 1.76
N THR A 147 22.25 53.17 0.72
CA THR A 147 22.10 54.20 -0.32
C THR A 147 20.66 54.29 -0.81
N ASN A 148 20.03 55.45 -0.61
CA ASN A 148 18.64 55.65 -0.99
C ASN A 148 18.48 55.52 -2.50
N VAL A 149 17.32 55.01 -2.91
CA VAL A 149 17.04 54.88 -4.34
C VAL A 149 16.96 56.27 -4.98
N SER A 150 17.53 56.39 -6.17
CA SER A 150 17.56 57.65 -6.91
C SER A 150 17.05 57.41 -8.33
N GLN A 151 17.08 58.46 -9.13
CA GLN A 151 16.61 58.39 -10.52
C GLN A 151 17.53 59.24 -11.38
N SER A 152 17.59 58.89 -12.66
CA SER A 152 18.43 59.62 -13.60
C SER A 152 17.96 61.06 -13.73
N LYS A 153 18.92 61.99 -13.77
CA LYS A 153 18.58 63.41 -13.88
C LYS A 153 17.93 63.72 -15.22
N ASP A 154 18.29 62.97 -16.26
CA ASP A 154 17.74 63.20 -17.59
C ASP A 154 17.47 61.88 -18.29
N SER A 155 17.18 61.92 -19.58
CA SER A 155 16.93 60.74 -20.40
C SER A 155 18.17 60.38 -21.20
N ASP A 156 19.35 60.63 -20.64
CA ASP A 156 20.60 60.39 -21.33
C ASP A 156 21.63 59.98 -20.28
N VAL A 157 22.64 59.24 -20.72
CA VAL A 157 23.63 58.62 -19.84
C VAL A 157 22.89 57.72 -18.87
N TYR A 158 22.38 56.60 -19.37
CA TYR A 158 21.62 55.67 -18.54
C TYR A 158 22.56 54.87 -17.64
N ILE A 159 22.08 54.55 -16.44
CA ILE A 159 22.97 53.87 -15.51
C ILE A 159 22.45 52.49 -15.11
N THR A 160 21.40 52.41 -14.29
CA THR A 160 20.79 51.14 -13.88
C THR A 160 19.57 51.44 -13.02
N ASP A 161 18.94 50.40 -12.46
CA ASP A 161 18.04 50.52 -11.32
C ASP A 161 18.67 49.72 -10.18
N LYS A 162 17.91 49.55 -9.10
CA LYS A 162 18.38 48.86 -7.91
C LYS A 162 18.91 47.47 -8.22
N CYS A 163 20.07 47.13 -7.66
CA CYS A 163 20.71 45.83 -7.90
C CYS A 163 20.84 45.08 -6.59
N VAL A 164 20.30 43.86 -6.57
CA VAL A 164 20.49 42.93 -5.46
C VAL A 164 20.63 41.53 -6.06
N LEU A 165 21.75 40.87 -5.77
CA LEU A 165 22.01 39.56 -6.34
C LEU A 165 22.77 38.71 -5.32
N ASP A 166 23.06 37.46 -5.72
CA ASP A 166 23.78 36.53 -4.88
C ASP A 166 24.44 35.48 -5.77
N MET A 167 25.58 34.95 -5.31
CA MET A 167 26.26 33.86 -5.98
C MET A 167 26.27 32.66 -5.04
N ARG A 168 25.80 31.52 -5.55
CA ARG A 168 25.51 30.38 -4.68
C ARG A 168 26.78 29.66 -4.25
N SER A 169 27.83 29.70 -5.06
CA SER A 169 29.03 28.91 -4.83
C SER A 169 29.64 29.19 -3.47
N MET A 170 30.03 30.43 -3.21
CA MET A 170 30.65 30.80 -1.95
C MET A 170 29.73 31.62 -1.06
N ASP A 171 28.44 31.71 -1.39
CA ASP A 171 27.43 32.47 -0.63
C ASP A 171 27.73 33.95 -0.58
N PHE A 172 28.69 34.42 -1.37
CA PHE A 172 28.99 35.85 -1.44
C PHE A 172 27.98 36.51 -2.38
N LYS A 173 28.14 37.81 -2.61
CA LYS A 173 27.21 38.52 -3.49
C LYS A 173 27.80 39.86 -3.90
N SER A 174 27.11 40.58 -4.78
CA SER A 174 27.61 41.88 -5.21
C SER A 174 26.48 42.85 -5.52
N ASN A 175 26.09 43.66 -4.55
CA ASN A 175 25.30 44.84 -4.85
C ASN A 175 26.15 45.80 -5.66
N SER A 176 25.78 46.01 -6.92
CA SER A 176 26.63 46.72 -7.85
C SER A 176 25.76 47.64 -8.70
N ALA A 177 26.35 48.17 -9.77
CA ALA A 177 25.64 49.09 -10.65
C ALA A 177 26.28 49.04 -12.03
N VAL A 178 25.44 49.07 -13.06
CA VAL A 178 25.90 49.09 -14.44
C VAL A 178 25.74 50.54 -14.89
N ALA A 179 26.33 50.92 -16.02
CA ALA A 179 26.15 52.27 -16.53
C ALA A 179 26.31 52.34 -18.04
N TRP A 180 25.20 52.35 -18.77
CA TRP A 180 25.24 52.51 -20.23
C TRP A 180 24.88 53.94 -20.63
N SER A 181 25.91 54.75 -20.79
CA SER A 181 25.74 56.14 -21.19
C SER A 181 25.18 56.24 -22.60
N ASN A 182 24.18 57.11 -22.76
CA ASN A 182 23.61 57.34 -24.08
C ASN A 182 24.41 58.37 -24.87
N LYS A 183 24.83 59.45 -24.21
CA LYS A 183 25.65 60.46 -24.87
C LYS A 183 27.01 59.88 -25.23
N SER A 184 27.56 60.34 -26.36
CA SER A 184 28.88 59.92 -26.79
C SER A 184 29.97 60.34 -25.81
N ASP A 185 29.69 61.33 -24.96
CA ASP A 185 30.66 61.77 -23.96
C ASP A 185 30.81 60.75 -22.84
N ALA A 191 29.67 59.54 -13.79
CA ALA A 191 28.26 59.74 -14.12
C ALA A 191 27.40 59.44 -12.91
N PHE A 192 28.03 59.03 -11.81
CA PHE A 192 27.32 58.74 -10.58
C PHE A 192 27.07 60.03 -9.79
N ASN A 193 26.47 61.02 -10.46
CA ASN A 193 26.29 62.32 -9.83
C ASN A 193 25.25 62.26 -8.70
N ASN A 194 24.21 61.45 -8.86
CA ASN A 194 23.20 61.29 -7.83
C ASN A 194 23.57 60.25 -6.78
N SER A 195 24.75 59.62 -6.91
CA SER A 195 25.19 58.58 -6.01
C SER A 195 26.17 59.15 -4.98
N ILE A 196 26.23 58.48 -3.83
CA ILE A 196 27.00 58.95 -2.69
C ILE A 196 28.11 57.95 -2.41
N ILE A 197 28.66 57.35 -3.47
CA ILE A 197 29.69 56.33 -3.35
C ILE A 197 30.84 56.85 -2.51
N PRO A 198 31.34 56.08 -1.55
CA PRO A 198 32.35 56.59 -0.62
C PRO A 198 33.68 56.83 -1.31
N GLU A 199 34.56 57.52 -0.57
CA GLU A 199 35.86 57.89 -1.12
C GLU A 199 36.81 56.72 -1.25
N ASP A 200 36.57 55.62 -0.53
CA ASP A 200 37.42 54.45 -0.59
C ASP A 200 37.08 53.53 -1.76
N THR A 201 36.33 54.02 -2.73
CA THR A 201 35.96 53.21 -3.88
C THR A 201 37.18 52.89 -4.73
N PHE A 202 37.23 51.67 -5.25
CA PHE A 202 38.28 51.24 -6.16
C PHE A 202 38.09 51.80 -7.56
N PHE A 203 37.19 52.77 -7.73
CA PHE A 203 36.86 53.44 -8.98
C PHE A 203 38.12 53.88 -9.71
N PRO A 204 38.47 53.22 -10.82
CA PRO A 204 39.71 53.57 -11.53
C PRO A 204 39.51 54.65 -12.57
N SER A 205 38.39 55.35 -12.48
CA SER A 205 37.98 56.40 -13.41
C SER A 205 37.91 55.91 -14.85
N PRO A 206 37.06 54.91 -15.16
CA PRO A 206 36.82 54.51 -16.56
C PRO A 206 35.70 55.32 -17.21
N GLU A 207 35.74 56.64 -17.03
CA GLU A 207 34.66 57.49 -17.51
C GLU A 207 34.77 57.76 -19.01
N SER A 208 35.87 58.41 -19.41
CA SER A 208 36.08 58.68 -20.84
C SER A 208 36.33 57.39 -21.61
N SER A 209 37.10 56.48 -21.05
CA SER A 209 37.39 55.21 -21.71
C SER A 209 36.22 54.26 -21.59
N GLY B 1 -0.38 23.56 -12.34
CA GLY B 1 -1.06 23.20 -13.57
C GLY B 1 -2.34 23.99 -13.78
N VAL B 2 -2.29 25.28 -13.46
CA VAL B 2 -3.46 26.16 -13.55
C VAL B 2 -3.24 26.91 -14.86
N THR B 3 -2.51 26.26 -15.77
CA THR B 3 -1.99 26.86 -16.99
C THR B 3 -3.00 27.77 -17.67
N GLN B 4 -2.47 28.87 -18.22
CA GLN B 4 -3.25 29.84 -18.97
C GLN B 4 -2.64 30.00 -20.35
N THR B 5 -3.46 30.42 -21.30
CA THR B 5 -2.98 30.58 -22.67
C THR B 5 -3.83 31.60 -23.42
N PRO B 6 -3.22 32.53 -24.18
CA PRO B 6 -1.77 32.77 -24.31
C PRO B 6 -1.14 33.54 -23.13
N ARG B 7 0.15 33.32 -22.89
CA ARG B 7 0.76 33.70 -21.63
C ARG B 7 1.19 35.16 -21.62
N TYR B 8 1.63 35.68 -22.77
CA TYR B 8 1.56 37.11 -23.10
C TYR B 8 0.88 37.31 -24.45
N LEU B 9 0.19 38.44 -24.58
CA LEU B 9 -0.51 38.77 -25.81
C LEU B 9 -0.66 40.28 -25.88
N ILE B 10 -0.87 40.78 -27.10
CA ILE B 10 -1.01 42.22 -27.35
C ILE B 10 -2.18 42.42 -28.30
N LYS B 11 -2.98 43.46 -28.05
CA LYS B 11 -4.07 43.80 -28.94
C LYS B 11 -4.26 45.31 -28.92
N THR B 12 -4.61 45.86 -30.08
CA THR B 12 -4.87 47.29 -30.20
C THR B 12 -6.30 47.60 -29.73
N ARG B 13 -6.76 48.80 -30.03
CA ARG B 13 -7.88 49.44 -29.33
C ARG B 13 -9.20 48.91 -29.88
N GLY B 14 -9.92 48.14 -29.06
CA GLY B 14 -11.34 47.92 -29.28
C GLY B 14 -11.82 46.53 -29.69
N GLN B 15 -10.92 45.58 -29.92
CA GLN B 15 -11.36 44.27 -30.36
C GLN B 15 -11.57 43.33 -29.18
N GLN B 16 -12.01 42.10 -29.48
CA GLN B 16 -12.26 41.07 -28.49
C GLN B 16 -11.08 40.11 -28.43
N VAL B 17 -10.81 39.60 -27.24
CA VAL B 17 -9.66 38.74 -26.99
C VAL B 17 -10.15 37.38 -26.53
N THR B 18 -9.41 36.35 -26.90
CA THR B 18 -9.70 34.96 -26.54
C THR B 18 -8.57 34.47 -25.65
N LEU B 19 -8.78 34.55 -24.34
CA LEU B 19 -7.78 34.20 -23.34
C LEU B 19 -8.28 33.01 -22.54
N SER B 20 -7.44 31.99 -22.41
CA SER B 20 -7.84 30.72 -21.81
C SER B 20 -7.12 30.51 -20.49
N CYS B 21 -7.85 29.94 -19.53
CA CYS B 21 -7.29 29.45 -18.28
C CYS B 21 -7.69 28.00 -18.08
N SER B 22 -6.72 27.13 -17.86
CA SER B 22 -6.97 25.71 -17.71
C SER B 22 -6.72 25.27 -16.27
N PRO B 23 -7.73 24.83 -15.55
CA PRO B 23 -7.51 24.37 -14.17
C PRO B 23 -6.72 23.07 -14.15
N ILE B 24 -6.28 22.70 -12.93
CA ILE B 24 -5.48 21.49 -12.78
C ILE B 24 -6.33 20.25 -13.07
N SER B 25 -7.47 20.12 -12.39
CA SER B 25 -8.29 18.93 -12.46
C SER B 25 -9.65 19.27 -11.88
N GLY B 26 -10.40 18.23 -11.52
CA GLY B 26 -11.74 18.42 -10.99
C GLY B 26 -11.82 19.47 -9.91
N HIS B 27 -12.48 20.58 -10.28
CA HIS B 27 -12.79 21.68 -9.40
C HIS B 27 -14.07 22.28 -9.95
N ARG B 28 -14.62 23.29 -9.29
CA ARG B 28 -15.81 23.90 -9.84
C ARG B 28 -15.75 25.43 -9.86
N SER B 29 -15.00 26.07 -8.97
CA SER B 29 -15.07 27.51 -8.81
C SER B 29 -13.95 28.18 -9.57
N VAL B 30 -14.29 29.17 -10.39
CA VAL B 30 -13.33 29.95 -11.15
C VAL B 30 -13.57 31.42 -10.85
N SER B 31 -12.50 32.13 -10.51
CA SER B 31 -12.56 33.56 -10.19
C SER B 31 -11.68 34.33 -11.16
N TRP B 32 -12.03 35.61 -11.36
CA TRP B 32 -11.33 36.42 -12.34
C TRP B 32 -11.06 37.80 -11.76
N TYR B 33 -9.89 38.35 -12.05
CA TYR B 33 -9.48 39.62 -11.46
C TYR B 33 -8.64 40.38 -12.48
N GLN B 34 -8.01 41.47 -12.02
CA GLN B 34 -7.15 42.30 -12.87
C GLN B 34 -6.09 42.91 -11.94
N GLN B 35 -4.87 42.38 -12.01
CA GLN B 35 -3.81 42.73 -11.08
C GLN B 35 -3.00 43.95 -11.53
N THR B 36 -3.59 44.81 -12.34
CA THR B 36 -2.89 46.02 -12.77
C THR B 36 -2.63 46.91 -11.57
N PRO B 37 -1.56 47.71 -11.61
CA PRO B 37 -1.32 48.67 -10.53
C PRO B 37 -2.45 49.65 -10.33
N GLY B 38 -3.19 49.99 -11.39
CA GLY B 38 -4.32 50.87 -11.25
C GLY B 38 -5.52 50.21 -10.60
N GLN B 39 -6.36 51.04 -9.98
CA GLN B 39 -7.55 50.60 -9.27
C GLN B 39 -7.29 49.37 -8.41
N GLY B 40 -8.15 48.36 -8.55
CA GLY B 40 -8.03 47.13 -7.80
C GLY B 40 -8.56 45.95 -8.57
N LEU B 41 -8.49 44.77 -7.95
CA LEU B 41 -8.98 43.56 -8.59
C LEU B 41 -10.48 43.66 -8.87
N GLN B 42 -11.25 44.09 -7.87
CA GLN B 42 -12.67 44.41 -7.99
C GLN B 42 -13.51 43.15 -8.22
N PHE B 43 -12.86 41.99 -8.38
CA PHE B 43 -13.57 40.71 -8.48
C PHE B 43 -14.53 40.67 -9.66
N LEU B 44 -14.00 40.53 -10.87
CA LEU B 44 -14.81 40.43 -12.08
C LEU B 44 -16.02 39.54 -11.89
N PHE B 45 -15.82 38.24 -11.60
CA PHE B 45 -16.93 37.34 -11.32
C PHE B 45 -16.40 35.97 -10.91
N GLU B 46 -17.28 35.20 -10.26
CA GLU B 46 -17.07 33.79 -9.97
C GLU B 46 -18.27 33.01 -10.49
N TYR B 47 -18.03 31.76 -10.89
CA TYR B 47 -19.01 31.01 -11.68
C TYR B 47 -19.43 29.76 -10.91
N PHE B 48 -20.74 29.48 -10.90
CA PHE B 48 -21.27 28.42 -10.04
C PHE B 48 -22.54 27.77 -10.59
N SER B 49 -22.60 26.44 -10.54
CA SER B 49 -23.73 25.67 -11.03
C SER B 49 -24.07 26.04 -12.48
N GLU B 50 -23.05 26.11 -13.32
CA GLU B 50 -23.15 26.57 -14.69
C GLU B 50 -23.85 27.93 -14.77
N THR B 51 -23.50 28.83 -13.86
CA THR B 51 -24.10 30.17 -13.82
C THR B 51 -23.14 31.09 -13.07
N GLN B 52 -22.88 32.26 -13.64
CA GLN B 52 -22.09 33.28 -12.95
C GLN B 52 -22.78 33.64 -11.64
N ARG B 53 -22.15 33.35 -10.51
CA ARG B 53 -22.82 33.48 -9.22
C ARG B 53 -22.79 34.92 -8.72
N ASN B 54 -21.60 35.47 -8.50
CA ASN B 54 -21.46 36.80 -7.94
C ASN B 54 -21.12 37.79 -9.05
N LYS B 55 -21.92 38.84 -9.17
CA LYS B 55 -21.76 39.83 -10.22
C LYS B 55 -21.86 41.22 -9.62
N GLY B 56 -21.04 42.14 -10.14
CA GLY B 56 -21.06 43.51 -9.68
C GLY B 56 -21.80 44.43 -10.63
N ASN B 57 -21.14 45.50 -11.08
CA ASN B 57 -21.72 46.44 -12.02
C ASN B 57 -20.69 46.81 -13.07
N PHE B 58 -20.96 46.40 -14.31
CA PHE B 58 -20.04 46.61 -15.42
C PHE B 58 -20.71 47.29 -16.60
N PRO B 59 -19.94 47.97 -17.45
CA PRO B 59 -20.40 48.22 -18.82
C PRO B 59 -20.59 46.90 -19.55
N GLY B 60 -21.45 46.90 -20.56
CA GLY B 60 -21.86 45.65 -21.18
C GLY B 60 -20.73 44.90 -21.86
N ARG B 61 -19.59 45.55 -22.08
CA ARG B 61 -18.53 44.92 -22.87
C ARG B 61 -17.91 43.73 -22.13
N PHE B 62 -17.75 43.85 -20.81
CA PHE B 62 -17.15 42.75 -20.04
C PHE B 62 -18.05 41.51 -20.06
N SER B 63 -17.42 40.36 -20.25
CA SER B 63 -18.11 39.08 -20.25
C SER B 63 -17.09 37.97 -20.05
N GLY B 64 -17.58 36.79 -19.69
CA GLY B 64 -16.70 35.65 -19.49
C GLY B 64 -17.50 34.36 -19.55
N ARG B 65 -16.77 33.26 -19.73
CA ARG B 65 -17.41 31.96 -19.86
C ARG B 65 -16.38 30.87 -19.58
N GLN B 66 -16.87 29.72 -19.11
CA GLN B 66 -16.06 28.53 -18.97
C GLN B 66 -16.76 27.35 -19.63
N PHE B 67 -16.14 26.19 -19.55
CA PHE B 67 -16.66 24.98 -20.19
C PHE B 67 -17.09 23.97 -19.15
N SER B 68 -17.80 22.94 -19.62
CA SER B 68 -18.28 21.89 -18.74
C SER B 68 -17.13 21.12 -18.10
N ASN B 69 -16.06 20.89 -18.87
CA ASN B 69 -14.87 20.22 -18.37
C ASN B 69 -13.95 21.15 -17.59
N SER B 70 -14.48 22.28 -17.15
CA SER B 70 -13.87 23.29 -16.28
C SER B 70 -12.92 24.21 -17.02
N ARG B 71 -12.68 24.00 -18.32
CA ARG B 71 -11.88 24.96 -19.08
C ARG B 71 -12.60 26.30 -19.12
N SER B 72 -11.81 27.38 -19.00
CA SER B 72 -12.37 28.71 -18.84
C SER B 72 -11.71 29.69 -19.80
N GLU B 73 -12.51 30.63 -20.30
CA GLU B 73 -12.06 31.59 -21.31
C GLU B 73 -12.50 33.00 -20.92
N MET B 74 -11.71 33.98 -21.31
CA MET B 74 -12.11 35.38 -21.20
C MET B 74 -12.35 35.98 -22.57
N ASN B 75 -13.25 36.96 -22.60
CA ASN B 75 -13.65 37.63 -23.83
C ASN B 75 -13.95 39.09 -23.47
N VAL B 76 -13.06 39.99 -23.87
CA VAL B 76 -13.21 41.42 -23.62
C VAL B 76 -13.52 42.06 -24.96
N SER B 77 -14.80 42.29 -25.23
CA SER B 77 -15.23 42.71 -26.57
C SER B 77 -14.63 44.05 -26.96
N THR B 78 -14.61 45.01 -26.03
CA THR B 78 -14.12 46.36 -26.32
C THR B 78 -12.97 46.68 -25.39
N LEU B 79 -11.85 47.10 -25.96
CA LEU B 79 -10.70 47.54 -25.18
C LEU B 79 -10.72 49.05 -25.00
N GLU B 80 -10.31 49.49 -23.82
CA GLU B 80 -10.21 50.91 -23.47
C GLU B 80 -8.81 51.23 -22.96
N LEU B 81 -7.81 50.80 -23.74
CA LEU B 81 -6.40 51.05 -23.45
C LEU B 81 -5.94 50.32 -22.20
N GLY B 82 -5.72 51.06 -21.11
CA GLY B 82 -5.11 50.50 -19.93
C GLY B 82 -5.91 49.40 -19.27
N ASP B 83 -7.22 49.35 -19.51
CA ASP B 83 -8.08 48.41 -18.80
C ASP B 83 -7.72 46.94 -19.07
N SER B 84 -6.79 46.69 -19.98
CA SER B 84 -6.29 45.34 -20.24
C SER B 84 -4.79 45.35 -19.98
N ALA B 85 -4.41 45.09 -18.72
CA ALA B 85 -3.01 45.05 -18.35
C ALA B 85 -2.55 43.68 -17.88
N LEU B 86 -3.23 43.09 -16.89
CA LEU B 86 -2.82 41.82 -16.33
C LEU B 86 -4.03 41.14 -15.71
N TYR B 87 -4.16 39.84 -15.92
CA TYR B 87 -5.36 39.13 -15.52
C TYR B 87 -5.00 37.79 -14.87
N LEU B 88 -5.85 37.36 -13.95
CA LEU B 88 -5.60 36.18 -13.13
C LEU B 88 -6.86 35.32 -13.05
N CYS B 89 -6.65 34.00 -12.94
CA CYS B 89 -7.73 33.04 -12.81
C CYS B 89 -7.50 32.15 -11.61
N ALA B 90 -8.59 31.69 -11.01
CA ALA B 90 -8.54 30.90 -9.79
C ALA B 90 -9.31 29.60 -9.97
N SER B 91 -8.92 28.59 -9.20
CA SER B 91 -9.59 27.30 -9.19
C SER B 91 -9.68 26.77 -7.76
N SER B 92 -10.83 26.20 -7.43
CA SER B 92 -11.05 25.64 -6.11
C SER B 92 -12.11 24.55 -6.18
N LEU B 93 -12.08 23.65 -5.20
CA LEU B 93 -12.99 22.51 -5.20
C LEU B 93 -14.45 22.96 -5.20
N ALA B 94 -14.87 23.63 -4.14
CA ALA B 94 -16.25 24.06 -4.01
C ALA B 94 -16.40 25.52 -3.62
N GLY B 95 -15.31 26.21 -3.27
CA GLY B 95 -15.41 27.59 -2.87
C GLY B 95 -16.26 27.82 -1.65
N ASP B 96 -15.79 27.37 -0.49
CA ASP B 96 -16.48 27.58 0.77
C ASP B 96 -15.76 28.67 1.57
N LEU B 97 -16.34 29.01 2.72
CA LEU B 97 -15.79 30.08 3.54
C LEU B 97 -14.41 29.73 4.06
N GLY B 98 -14.23 28.49 4.50
CA GLY B 98 -12.96 28.03 5.04
C GLY B 98 -11.99 27.49 4.02
N THR B 99 -12.30 27.59 2.73
CA THR B 99 -11.43 27.07 1.69
C THR B 99 -11.00 28.20 0.76
N GLU B 100 -9.87 27.98 0.11
CA GLU B 100 -9.21 28.96 -0.73
C GLU B 100 -9.37 28.59 -2.20
N ALA B 101 -8.81 29.44 -3.06
CA ALA B 101 -8.71 29.18 -4.49
C ALA B 101 -7.28 29.46 -4.92
N PHE B 102 -6.79 28.69 -5.88
CA PHE B 102 -5.40 28.79 -6.32
C PHE B 102 -5.32 29.52 -7.66
N PHE B 103 -4.33 30.39 -7.77
CA PHE B 103 -4.21 31.30 -8.90
C PHE B 103 -3.24 30.74 -9.94
N GLY B 104 -3.38 31.22 -11.16
CA GLY B 104 -2.53 30.81 -12.27
C GLY B 104 -1.42 31.80 -12.53
N GLN B 105 -0.54 31.43 -13.47
CA GLN B 105 0.58 32.30 -13.81
C GLN B 105 0.13 33.56 -14.54
N GLY B 106 -1.17 33.77 -14.70
CA GLY B 106 -1.68 35.04 -15.18
C GLY B 106 -1.66 35.18 -16.68
N THR B 107 -2.06 36.36 -17.11
CA THR B 107 -2.17 36.70 -18.53
C THR B 107 -1.57 38.08 -18.77
N ARG B 108 -0.34 38.28 -18.30
CA ARG B 108 0.38 39.53 -18.49
C ARG B 108 0.40 39.92 -19.97
N LEU B 109 -0.28 41.01 -20.32
CA LEU B 109 -0.57 41.32 -21.71
C LEU B 109 -0.38 42.81 -21.97
N THR B 110 0.73 43.37 -21.47
CA THR B 110 1.06 44.79 -21.63
C THR B 110 0.81 45.25 -23.06
N VAL B 111 -0.02 46.28 -23.19
CA VAL B 111 -0.59 46.69 -24.47
C VAL B 111 0.22 47.84 -25.06
N VAL B 112 0.33 47.82 -26.39
CA VAL B 112 0.94 48.91 -27.13
C VAL B 112 -0.11 49.98 -27.40
N GLU B 113 0.36 51.18 -27.77
CA GLU B 113 -0.56 52.21 -28.25
C GLU B 113 -1.25 51.77 -29.53
N ASP B 114 -0.47 51.53 -30.58
CA ASP B 114 -0.98 51.00 -31.84
C ASP B 114 0.03 50.01 -32.38
N LEU B 115 -0.35 49.32 -33.47
CA LEU B 115 0.58 48.41 -34.11
C LEU B 115 1.79 49.11 -34.68
N LYS B 116 1.72 50.44 -34.84
CA LYS B 116 2.80 51.17 -35.49
C LYS B 116 4.09 51.12 -34.67
N ASN B 117 4.00 51.26 -33.36
CA ASN B 117 5.17 51.48 -32.51
C ASN B 117 5.71 50.20 -31.87
N VAL B 118 5.20 49.04 -32.25
CA VAL B 118 5.70 47.78 -31.68
C VAL B 118 7.10 47.54 -32.25
N PHE B 119 8.11 47.50 -31.38
CA PHE B 119 9.49 47.53 -31.82
C PHE B 119 10.28 46.34 -31.33
N PRO B 120 11.28 45.89 -32.09
CA PRO B 120 12.13 44.79 -31.65
C PRO B 120 13.25 45.30 -30.76
N PRO B 121 14.00 44.40 -30.10
CA PRO B 121 15.03 44.86 -29.17
C PRO B 121 16.42 44.95 -29.78
N GLU B 122 17.23 45.89 -29.29
CA GLU B 122 18.64 45.97 -29.63
C GLU B 122 19.43 45.50 -28.42
N VAL B 123 20.14 44.39 -28.57
CA VAL B 123 20.81 43.73 -27.45
C VAL B 123 22.26 43.46 -27.82
N ALA B 124 23.13 43.50 -26.81
CA ALA B 124 24.53 43.15 -26.98
C ALA B 124 25.11 42.71 -25.63
N VAL B 125 25.90 41.64 -25.65
CA VAL B 125 26.59 41.22 -24.44
C VAL B 125 27.79 42.13 -24.20
N PHE B 126 27.93 42.60 -22.96
CA PHE B 126 28.99 43.51 -22.58
C PHE B 126 30.04 42.72 -21.80
N GLU B 127 31.21 42.58 -22.41
CA GLU B 127 32.25 41.73 -21.87
C GLU B 127 32.74 42.27 -20.53
N PRO B 128 33.10 41.40 -19.58
CA PRO B 128 33.76 41.88 -18.36
C PRO B 128 35.09 42.55 -18.70
N SER B 129 35.39 43.62 -17.98
CA SER B 129 36.64 44.33 -18.14
C SER B 129 37.69 43.82 -17.17
N GLU B 130 38.95 44.01 -17.52
CA GLU B 130 40.05 43.50 -16.71
C GLU B 130 40.04 44.07 -15.30
N ALA B 131 39.38 45.21 -15.09
CA ALA B 131 39.29 45.79 -13.76
C ALA B 131 38.58 44.85 -12.80
N GLU B 132 37.40 44.37 -13.18
CA GLU B 132 36.71 43.34 -12.41
C GLU B 132 37.08 41.95 -12.95
N ILE B 133 38.38 41.76 -13.20
CA ILE B 133 38.93 40.45 -13.53
C ILE B 133 40.18 40.19 -12.67
N SER B 134 41.11 41.15 -12.68
CA SER B 134 42.47 40.89 -12.24
C SER B 134 42.53 40.48 -10.78
N HIS B 135 41.79 41.18 -9.91
CA HIS B 135 41.94 40.98 -8.47
C HIS B 135 40.66 40.56 -7.76
N THR B 136 39.48 40.82 -8.33
CA THR B 136 38.25 40.51 -7.63
C THR B 136 37.89 39.02 -7.68
N GLN B 137 38.45 38.27 -8.63
CA GLN B 137 38.10 36.86 -8.82
C GLN B 137 36.59 36.70 -9.01
N LYS B 138 36.02 37.57 -9.83
CA LYS B 138 34.57 37.60 -10.01
C LYS B 138 34.25 38.36 -11.30
N ALA B 139 33.67 37.67 -12.27
CA ALA B 139 33.39 38.26 -13.57
C ALA B 139 32.12 39.10 -13.52
N THR B 140 31.82 39.74 -14.65
CA THR B 140 30.62 40.59 -14.75
C THR B 140 30.21 40.67 -16.22
N LEU B 141 29.18 39.93 -16.60
CA LEU B 141 28.64 39.97 -17.94
C LEU B 141 27.28 40.67 -17.92
N VAL B 142 26.97 41.41 -18.98
CA VAL B 142 25.76 42.20 -19.07
C VAL B 142 25.13 42.04 -20.45
N CYS B 143 23.85 41.70 -20.49
CA CYS B 143 23.03 41.86 -21.68
C CYS B 143 22.02 42.98 -21.43
N LEU B 144 21.83 43.81 -22.43
CA LEU B 144 20.99 44.99 -22.34
C LEU B 144 20.04 45.02 -23.53
N ALA B 145 18.77 45.27 -23.27
CA ALA B 145 17.75 45.26 -24.30
C ALA B 145 17.29 46.70 -24.52
N THR B 146 18.00 47.42 -25.39
CA THR B 146 17.68 48.81 -25.68
C THR B 146 16.60 48.89 -26.75
N GLY B 147 15.51 49.59 -26.45
CA GLY B 147 14.55 49.95 -27.47
C GLY B 147 13.42 48.96 -27.71
N PHE B 148 12.84 48.41 -26.65
CA PHE B 148 11.68 47.55 -26.80
C PHE B 148 10.48 48.17 -26.11
N TYR B 149 9.29 47.95 -26.69
CA TYR B 149 8.04 48.44 -26.14
C TYR B 149 6.96 47.47 -26.58
N PRO B 150 6.08 47.03 -25.67
CA PRO B 150 6.09 47.35 -24.25
C PRO B 150 6.89 46.32 -23.42
N ASP B 151 6.65 46.30 -22.11
CA ASP B 151 7.38 45.42 -21.21
C ASP B 151 6.78 44.01 -21.26
N HIS B 152 7.13 43.30 -22.33
CA HIS B 152 6.79 41.89 -22.49
C HIS B 152 7.97 40.95 -22.46
N VAL B 153 9.19 41.46 -22.62
CA VAL B 153 10.34 40.57 -22.69
C VAL B 153 10.48 39.80 -21.39
N GLU B 154 10.97 38.57 -21.49
CA GLU B 154 11.10 37.62 -20.40
C GLU B 154 12.54 37.17 -20.27
N LEU B 155 13.43 38.15 -20.17
CA LEU B 155 14.86 37.93 -20.09
C LEU B 155 15.21 36.77 -19.18
N SER B 156 15.87 35.77 -19.76
CA SER B 156 16.52 34.71 -18.99
C SER B 156 17.94 34.60 -19.51
N TRP B 157 18.66 33.57 -19.11
CA TRP B 157 20.05 33.47 -19.52
C TRP B 157 20.43 32.01 -19.76
N TRP B 158 21.44 31.83 -20.59
CA TRP B 158 21.99 30.52 -20.92
C TRP B 158 23.47 30.49 -20.55
N VAL B 159 23.87 29.44 -19.84
CA VAL B 159 25.26 29.24 -19.45
C VAL B 159 25.76 27.98 -20.13
N ASN B 160 26.88 28.12 -20.85
CA ASN B 160 27.59 27.06 -21.58
C ASN B 160 26.63 26.02 -22.14
N GLY B 161 25.55 26.49 -22.78
CA GLY B 161 24.55 25.61 -23.34
C GLY B 161 23.33 25.42 -22.45
N LYS B 162 23.55 25.30 -21.14
CA LYS B 162 22.47 25.01 -20.23
C LYS B 162 21.97 26.30 -19.57
N GLU B 163 21.04 26.16 -18.63
CA GLU B 163 20.47 27.28 -17.90
C GLU B 163 20.65 27.05 -16.41
N VAL B 164 21.08 28.10 -15.71
CA VAL B 164 21.23 28.08 -14.26
C VAL B 164 20.63 29.36 -13.70
N HIS B 165 20.35 29.32 -12.39
CA HIS B 165 19.86 30.48 -11.64
C HIS B 165 20.88 30.80 -10.57
N SER B 166 21.91 31.55 -10.93
CA SER B 166 22.96 31.95 -9.99
C SER B 166 23.74 33.08 -10.60
N GLY B 167 23.85 34.21 -9.90
CA GLY B 167 24.55 35.37 -10.40
C GLY B 167 23.80 36.17 -11.42
N VAL B 168 22.55 35.83 -11.70
CA VAL B 168 21.74 36.54 -12.68
C VAL B 168 20.57 37.19 -11.96
N CYS B 169 20.26 38.42 -12.35
CA CYS B 169 19.22 39.19 -11.70
C CYS B 169 18.69 40.21 -12.70
N THR B 170 17.53 40.78 -12.37
CA THR B 170 16.91 41.81 -13.20
C THR B 170 15.86 42.51 -12.37
N ASP B 171 15.81 43.84 -12.47
CA ASP B 171 14.86 44.61 -11.71
C ASP B 171 13.43 44.33 -12.17
N PRO B 172 12.44 44.49 -11.28
CA PRO B 172 11.05 44.24 -11.68
C PRO B 172 10.47 45.31 -12.57
N GLN B 173 11.13 46.46 -12.71
CA GLN B 173 10.61 47.54 -13.53
C GLN B 173 11.71 48.10 -14.42
N PRO B 174 11.67 47.85 -15.72
CA PRO B 174 12.65 48.47 -16.62
C PRO B 174 12.56 49.98 -16.57
N LEU B 175 13.72 50.64 -16.66
CA LEU B 175 13.75 52.10 -16.64
C LEU B 175 13.14 52.62 -17.93
N LYS B 176 12.13 53.48 -17.79
CA LYS B 176 11.43 54.03 -18.93
C LYS B 176 12.30 55.05 -19.64
N GLU B 177 12.00 55.27 -20.92
CA GLU B 177 12.70 56.29 -21.70
C GLU B 177 12.14 57.66 -21.34
N GLN B 178 12.43 58.65 -22.16
CA GLN B 178 11.82 59.96 -21.96
C GLN B 178 10.30 59.81 -21.90
N PRO B 179 9.62 60.51 -20.99
CA PRO B 179 8.21 60.19 -20.73
C PRO B 179 7.32 60.30 -21.95
N ALA B 180 7.58 61.27 -22.83
CA ALA B 180 6.73 61.53 -24.01
C ALA B 180 5.30 61.77 -23.49
N LEU B 181 4.28 61.22 -24.14
CA LEU B 181 2.91 61.36 -23.67
C LEU B 181 2.34 60.05 -23.16
N ASN B 182 2.33 59.01 -23.99
CA ASN B 182 1.78 57.72 -23.58
C ASN B 182 2.60 56.54 -24.06
N ASP B 183 3.85 56.75 -24.47
CA ASP B 183 4.67 55.67 -24.99
C ASP B 183 6.13 55.98 -24.77
N SER B 184 6.94 54.93 -24.77
CA SER B 184 8.40 55.00 -24.61
C SER B 184 8.96 53.63 -24.92
N ARG B 185 10.25 53.45 -24.68
CA ARG B 185 10.92 52.16 -24.78
C ARG B 185 11.50 51.81 -23.40
N TYR B 186 12.27 50.72 -23.36
CA TYR B 186 12.85 50.28 -22.10
C TYR B 186 14.21 49.64 -22.37
N ALA B 187 15.01 49.52 -21.30
CA ALA B 187 16.35 48.93 -21.39
C ALA B 187 16.44 47.60 -20.64
N LEU B 188 16.14 47.60 -19.34
CA LEU B 188 15.94 46.39 -18.54
C LEU B 188 17.19 45.50 -18.61
N SER B 189 18.26 46.00 -18.00
CA SER B 189 19.55 45.33 -18.08
C SER B 189 19.55 44.02 -17.28
N SER B 190 20.56 43.20 -17.54
CA SER B 190 20.79 41.97 -16.81
C SER B 190 22.27 41.88 -16.44
N ARG B 191 22.58 40.97 -15.51
CA ARG B 191 23.93 40.81 -15.03
C ARG B 191 24.30 39.34 -14.91
N LEU B 192 25.59 39.06 -15.01
CA LEU B 192 26.17 37.79 -14.62
C LEU B 192 27.29 38.07 -13.63
N ARG B 193 27.46 37.15 -12.68
CA ARG B 193 28.47 37.30 -11.64
C ARG B 193 29.21 35.98 -11.43
N VAL B 194 29.41 35.22 -12.51
CA VAL B 194 30.15 33.97 -12.40
C VAL B 194 31.58 34.26 -11.99
N SER B 195 32.26 33.23 -11.50
CA SER B 195 33.63 33.37 -11.05
C SER B 195 34.53 33.82 -12.19
N ALA B 196 35.65 34.44 -11.84
CA ALA B 196 36.61 34.88 -12.84
C ALA B 196 37.09 33.71 -13.69
N THR B 197 37.49 32.62 -13.03
CA THR B 197 37.92 31.43 -13.75
C THR B 197 36.81 30.89 -14.64
N PHE B 198 35.55 31.12 -14.26
CA PHE B 198 34.44 30.76 -15.13
C PHE B 198 34.40 31.59 -16.40
N TRP B 199 35.11 32.71 -16.45
CA TRP B 199 35.08 33.59 -17.61
C TRP B 199 36.32 33.48 -18.50
N GLN B 200 37.53 33.45 -17.92
CA GLN B 200 38.73 33.39 -18.76
C GLN B 200 38.82 32.09 -19.53
N ASN B 201 38.15 31.04 -19.07
CA ASN B 201 38.14 29.78 -19.80
C ASN B 201 37.46 29.99 -21.15
N PRO B 202 38.12 29.71 -22.27
CA PRO B 202 37.50 29.99 -23.58
C PRO B 202 36.25 29.17 -23.86
N ARG B 203 36.01 28.09 -23.14
CA ARG B 203 34.90 27.19 -23.42
C ARG B 203 33.72 27.51 -22.51
N ASN B 204 33.05 28.61 -22.83
CA ASN B 204 31.81 28.99 -22.14
C ASN B 204 31.03 29.96 -23.01
N HIS B 205 29.87 29.53 -23.50
CA HIS B 205 29.02 30.37 -24.32
C HIS B 205 27.94 30.99 -23.46
N PHE B 206 27.68 32.27 -23.67
CA PHE B 206 26.69 33.02 -22.90
C PHE B 206 25.87 33.84 -23.87
N ARG B 207 24.54 33.80 -23.73
CA ARG B 207 23.71 34.57 -24.63
C ARG B 207 22.36 34.86 -23.98
N CYS B 208 21.90 36.11 -24.13
CA CYS B 208 20.70 36.59 -23.47
C CYS B 208 19.46 36.01 -24.18
N GLN B 209 18.29 36.21 -23.56
CA GLN B 209 17.04 35.60 -23.98
C GLN B 209 15.96 36.66 -24.14
N VAL B 210 16.24 37.66 -24.97
CA VAL B 210 15.44 38.88 -25.04
C VAL B 210 14.15 38.56 -25.81
N GLN B 211 13.95 37.28 -26.12
CA GLN B 211 12.82 36.75 -26.88
C GLN B 211 11.51 37.43 -26.53
N PHE B 212 10.86 38.02 -27.53
CA PHE B 212 9.52 38.59 -27.33
C PHE B 212 8.47 37.49 -27.27
N TYR B 213 7.66 37.53 -26.23
CA TYR B 213 6.40 36.79 -26.17
C TYR B 213 5.27 37.78 -25.95
N GLY B 214 4.24 37.70 -26.79
CA GLY B 214 3.12 38.62 -26.65
C GLY B 214 2.50 39.15 -27.92
N LEU B 215 2.99 38.73 -29.09
CA LEU B 215 2.35 39.17 -30.31
C LEU B 215 2.63 38.17 -31.42
N SER B 216 1.63 37.95 -32.27
CA SER B 216 1.70 36.92 -33.29
C SER B 216 1.42 37.49 -34.69
N GLU B 217 1.31 36.62 -35.69
CA GLU B 217 1.19 37.04 -37.08
C GLU B 217 -0.21 37.54 -37.44
N ASN B 218 -1.24 37.20 -36.67
CA ASN B 218 -2.61 37.57 -37.01
C ASN B 218 -2.81 39.06 -36.71
N ASP B 219 -2.18 39.88 -37.55
CA ASP B 219 -2.24 41.33 -37.43
C ASP B 219 -2.31 41.94 -38.81
N GLU B 220 -2.90 43.14 -38.87
CA GLU B 220 -3.06 43.88 -40.12
C GLU B 220 -1.95 44.90 -40.32
N TRP B 221 -0.76 44.62 -39.81
CA TRP B 221 0.37 45.54 -39.97
C TRP B 221 0.76 45.65 -41.43
N THR B 222 0.98 46.88 -41.89
CA THR B 222 1.32 47.13 -43.28
C THR B 222 2.44 48.14 -43.48
N GLN B 223 3.02 48.68 -42.41
CA GLN B 223 4.05 49.68 -42.56
C GLN B 223 5.34 49.06 -43.10
N ASP B 224 6.24 49.91 -43.57
CA ASP B 224 7.47 49.45 -44.20
C ASP B 224 8.35 48.67 -43.22
N ARG B 225 8.22 48.93 -41.93
CA ARG B 225 9.03 48.24 -40.94
C ARG B 225 8.58 46.79 -40.82
N ALA B 226 9.34 46.01 -40.05
CA ALA B 226 9.08 44.59 -39.93
C ALA B 226 7.76 44.32 -39.23
N LYS B 227 7.18 43.18 -39.53
CA LYS B 227 5.93 42.76 -38.90
C LYS B 227 6.15 42.53 -37.41
N PRO B 228 5.32 43.10 -36.54
CA PRO B 228 5.47 42.84 -35.10
C PRO B 228 4.85 41.51 -34.70
N VAL B 229 5.70 40.51 -34.46
CA VAL B 229 5.25 39.20 -34.02
C VAL B 229 6.19 38.75 -32.91
N THR B 230 6.00 37.54 -32.40
CA THR B 230 6.96 36.98 -31.46
C THR B 230 8.31 36.78 -32.17
N GLN B 231 9.29 37.57 -31.76
CA GLN B 231 10.60 37.59 -32.41
C GLN B 231 11.57 36.69 -31.67
N ILE B 232 12.47 36.08 -32.43
CA ILE B 232 13.51 35.23 -31.87
C ILE B 232 14.84 35.98 -31.93
N VAL B 233 15.15 36.72 -30.88
CA VAL B 233 16.42 37.44 -30.77
C VAL B 233 17.29 36.72 -29.76
N SER B 234 18.56 37.09 -29.69
CA SER B 234 19.49 36.45 -28.78
C SER B 234 20.71 37.35 -28.62
N ALA B 235 21.76 36.80 -28.03
CA ALA B 235 23.03 37.50 -27.88
C ALA B 235 24.13 36.48 -28.11
N GLU B 236 25.36 36.82 -27.71
CA GLU B 236 26.47 35.88 -27.87
C GLU B 236 27.61 36.32 -26.97
N ALA B 237 28.39 35.33 -26.52
CA ALA B 237 29.57 35.58 -25.72
C ALA B 237 30.43 34.33 -25.74
N TRP B 238 31.70 34.51 -25.36
CA TRP B 238 32.66 33.41 -25.28
C TRP B 238 33.78 33.82 -24.35
N GLY B 239 34.68 32.87 -24.09
CA GLY B 239 35.74 33.09 -23.13
C GLY B 239 36.82 34.03 -23.64
N ARG B 240 37.66 34.47 -22.71
CA ARG B 240 38.76 35.38 -23.00
C ARG B 240 39.95 34.94 -22.15
N ALA B 241 40.84 34.16 -22.73
CA ALA B 241 41.98 33.62 -22.02
C ALA B 241 43.04 34.69 -21.80
N ASP B 242 43.96 34.41 -20.88
CA ASP B 242 45.05 35.32 -20.56
C ASP B 242 46.33 34.56 -20.25
N ILE C 1 -10.12 0.26 10.36
CA ILE C 1 -8.86 -0.46 10.47
C ILE C 1 -8.46 -0.57 11.94
N GLN C 2 -8.05 -1.76 12.37
CA GLN C 2 -7.88 -2.05 13.79
C GLN C 2 -6.60 -2.76 14.18
N ARG C 3 -5.90 -3.40 13.25
CA ARG C 3 -4.63 -4.08 13.51
C ARG C 3 -4.75 -5.26 14.47
N THR C 4 -4.98 -4.97 15.76
CA THR C 4 -5.02 -5.82 16.96
C THR C 4 -3.65 -5.80 17.64
N PRO C 5 -3.61 -5.52 18.94
CA PRO C 5 -2.35 -5.18 19.66
C PRO C 5 -1.49 -6.33 20.18
N LYS C 6 -0.63 -6.85 19.30
CA LYS C 6 0.35 -7.85 19.72
C LYS C 6 1.25 -7.28 20.81
N ILE C 7 1.58 -8.12 21.80
CA ILE C 7 2.36 -7.69 22.96
C ILE C 7 3.33 -8.80 23.36
N GLN C 8 4.22 -8.47 24.29
CA GLN C 8 5.14 -9.42 24.89
C GLN C 8 5.57 -8.88 26.25
N VAL C 9 6.35 -9.68 26.97
CA VAL C 9 6.63 -9.42 28.39
C VAL C 9 8.12 -9.53 28.67
N TYR C 10 8.92 -9.66 27.61
CA TYR C 10 10.37 -9.88 27.74
C TYR C 10 10.97 -8.95 28.78
N SER C 11 11.99 -9.46 29.47
CA SER C 11 12.63 -8.75 30.56
C SER C 11 13.96 -8.15 30.13
N ARG C 12 14.49 -7.30 30.99
CA ARG C 12 15.84 -6.77 30.85
C ARG C 12 16.84 -7.82 31.32
N HIS C 13 18.06 -7.37 31.63
CA HIS C 13 19.19 -8.18 32.05
C HIS C 13 18.73 -9.34 32.91
N PRO C 14 19.29 -10.56 32.70
CA PRO C 14 18.70 -11.79 33.26
C PRO C 14 18.23 -11.66 34.69
N ALA C 15 16.93 -11.90 34.92
CA ALA C 15 16.33 -11.67 36.22
C ALA C 15 16.94 -12.57 37.27
N GLU C 16 17.33 -11.97 38.40
CA GLU C 16 17.90 -12.70 39.52
C GLU C 16 17.61 -11.93 40.79
N ASN C 17 17.23 -12.66 41.84
CA ASN C 17 16.84 -12.02 43.09
C ASN C 17 18.00 -11.31 43.77
N GLY C 18 19.24 -11.62 43.38
CA GLY C 18 20.39 -10.97 44.00
C GLY C 18 20.46 -9.48 43.68
N LYS C 19 20.09 -9.10 42.46
CA LYS C 19 20.17 -7.72 42.04
C LYS C 19 18.83 -7.20 41.52
N SER C 20 18.83 -6.01 40.94
CA SER C 20 17.61 -5.36 40.47
C SER C 20 17.54 -5.40 38.96
N ASN C 21 16.30 -5.44 38.45
CA ASN C 21 16.06 -5.44 37.01
C ASN C 21 14.66 -4.91 36.77
N PHE C 22 14.45 -4.43 35.54
CA PHE C 22 13.16 -3.88 35.11
C PHE C 22 12.48 -4.86 34.17
N LEU C 23 11.15 -4.73 34.06
CA LEU C 23 10.39 -5.48 33.07
C LEU C 23 9.97 -4.53 31.96
N ASN C 24 10.10 -4.98 30.72
CA ASN C 24 9.72 -4.20 29.55
C ASN C 24 8.43 -4.75 28.98
N CYS C 25 7.46 -3.88 28.75
CA CYS C 25 6.18 -4.24 28.16
C CYS C 25 6.09 -3.54 26.81
N TYR C 26 6.69 -4.16 25.80
CA TYR C 26 6.68 -3.64 24.44
C TYR C 26 5.42 -4.09 23.72
N VAL C 27 4.99 -3.26 22.75
CA VAL C 27 3.80 -3.56 21.98
C VAL C 27 4.13 -3.34 20.51
N SER C 28 3.55 -4.19 19.66
CA SER C 28 3.66 -4.08 18.21
C SER C 28 2.52 -3.20 17.70
N GLY C 29 2.24 -3.27 16.40
CA GLY C 29 1.34 -2.37 15.69
C GLY C 29 0.01 -2.00 16.31
N PHE C 30 -0.50 -0.84 15.90
CA PHE C 30 -1.67 -0.23 16.51
C PHE C 30 -2.51 0.48 15.46
N HIS C 31 -3.78 0.67 15.80
CA HIS C 31 -4.67 1.61 15.14
C HIS C 31 -5.59 2.17 16.22
N PRO C 32 -6.46 3.17 15.90
CA PRO C 32 -6.61 4.34 16.79
C PRO C 32 -6.48 4.02 18.28
N SER C 33 -5.50 4.67 18.92
CA SER C 33 -4.88 4.15 20.12
C SER C 33 -5.85 4.01 21.30
N ASP C 34 -6.32 5.13 21.84
CA ASP C 34 -7.16 5.13 23.04
C ASP C 34 -6.68 4.10 24.07
N ILE C 35 -5.38 4.13 24.33
CA ILE C 35 -4.68 3.04 25.02
C ILE C 35 -4.67 3.28 26.52
N GLU C 36 -4.81 2.19 27.28
CA GLU C 36 -4.66 2.20 28.73
C GLU C 36 -3.86 0.97 29.13
N VAL C 37 -2.66 1.19 29.66
CA VAL C 37 -1.72 0.12 29.98
C VAL C 37 -1.31 0.23 31.44
N ASP C 38 -1.31 -0.90 32.15
CA ASP C 38 -0.89 -0.95 33.54
C ASP C 38 -0.03 -2.18 33.77
N LEU C 39 0.80 -2.11 34.82
CA LEU C 39 1.67 -3.20 35.21
C LEU C 39 1.10 -3.86 36.47
N LEU C 40 1.14 -5.18 36.53
CA LEU C 40 0.52 -5.94 37.61
C LEU C 40 1.59 -6.49 38.54
N LYS C 41 1.46 -6.19 39.83
CA LYS C 41 2.23 -6.86 40.88
C LYS C 41 1.22 -7.64 41.72
N ASN C 42 1.11 -8.94 41.43
CA ASN C 42 0.18 -9.83 42.12
C ASN C 42 -1.24 -9.29 42.06
N GLY C 43 -1.61 -8.69 40.94
CA GLY C 43 -2.92 -8.10 40.77
C GLY C 43 -2.92 -6.61 41.02
N GLU C 44 -4.06 -6.00 40.70
CA GLU C 44 -4.27 -4.56 40.86
C GLU C 44 -3.27 -3.77 40.00
N ARG C 45 -3.08 -2.49 40.33
CA ARG C 45 -2.22 -1.62 39.55
C ARG C 45 -0.92 -1.34 40.30
N ILE C 46 -0.09 -0.49 39.70
CA ILE C 46 1.17 -0.05 40.28
C ILE C 46 1.30 1.45 40.08
N GLU C 47 1.85 2.14 41.07
CA GLU C 47 2.03 3.58 41.01
C GLU C 47 3.21 3.99 40.13
N LYS C 48 3.94 3.03 39.56
CA LYS C 48 5.11 3.31 38.75
C LYS C 48 4.79 3.41 37.26
N VAL C 49 3.60 3.89 36.91
CA VAL C 49 3.24 4.04 35.50
C VAL C 49 4.25 4.96 34.83
N GLU C 50 4.90 4.46 33.78
CA GLU C 50 5.91 5.21 33.05
C GLU C 50 5.82 4.81 31.58
N HIS C 51 5.22 5.68 30.77
CA HIS C 51 5.07 5.43 29.35
C HIS C 51 6.33 5.90 28.62
N SER C 52 6.28 5.92 27.29
CA SER C 52 7.42 6.32 26.47
C SER C 52 6.89 6.95 25.19
N ASP C 53 7.76 7.07 24.20
CA ASP C 53 7.38 7.68 22.92
C ASP C 53 6.30 6.86 22.24
N LEU C 54 5.26 7.56 21.74
CA LEU C 54 4.21 6.91 20.96
C LEU C 54 4.61 6.94 19.48
N SER C 55 5.77 6.35 19.23
CA SER C 55 6.32 6.30 17.88
C SER C 55 5.55 5.30 17.02
N PHE C 56 6.05 5.08 15.80
CA PHE C 56 5.39 4.18 14.87
C PHE C 56 6.44 3.50 14.01
N SER C 57 6.04 2.38 13.39
CA SER C 57 6.92 1.52 12.63
C SER C 57 6.70 1.70 11.14
N LYS C 58 7.42 0.90 10.36
CA LYS C 58 7.39 1.04 8.90
C LYS C 58 5.99 0.78 8.35
N ASP C 59 5.32 -0.24 8.84
CA ASP C 59 4.01 -0.61 8.31
C ASP C 59 2.89 0.15 8.99
N TRP C 60 3.07 1.47 9.11
CA TRP C 60 2.08 2.39 9.64
C TRP C 60 1.42 1.86 10.91
N SER C 61 2.29 1.49 11.85
CA SER C 61 1.88 0.80 13.06
C SER C 61 2.69 1.33 14.24
N PHE C 62 2.01 1.73 15.30
CA PHE C 62 2.68 2.29 16.47
C PHE C 62 3.46 1.22 17.23
N TYR C 63 4.30 1.68 18.16
CA TYR C 63 4.91 0.80 19.13
C TYR C 63 5.23 1.60 20.39
N LEU C 64 5.40 0.89 21.49
CA LEU C 64 5.43 1.52 22.81
C LEU C 64 6.27 0.67 23.76
N LEU C 65 6.81 1.32 24.80
CA LEU C 65 7.65 0.64 25.77
C LEU C 65 7.39 1.24 27.16
N TYR C 66 7.66 0.45 28.19
CA TYR C 66 7.43 0.84 29.57
C TYR C 66 8.60 0.42 30.44
N TYR C 67 8.77 1.13 31.56
CA TYR C 67 9.78 0.82 32.58
C TYR C 67 9.08 0.55 33.91
N THR C 68 9.83 -0.04 34.84
CA THR C 68 9.44 -0.10 36.24
C THR C 68 10.61 -0.59 37.08
N GLU C 69 10.80 0.04 38.24
CA GLU C 69 11.87 -0.31 39.16
C GLU C 69 11.37 -1.38 40.12
N PHE C 70 12.00 -2.56 40.10
CA PHE C 70 11.66 -3.61 41.05
C PHE C 70 12.81 -4.61 41.11
N THR C 71 12.67 -5.58 42.01
CA THR C 71 13.46 -6.80 41.98
C THR C 71 12.44 -7.91 42.14
N PRO C 72 12.59 -9.01 41.42
CA PRO C 72 11.62 -10.10 41.52
C PRO C 72 11.97 -11.11 42.61
N THR C 73 11.14 -12.13 42.77
CA THR C 73 11.40 -13.19 43.73
C THR C 73 10.84 -14.49 43.17
N GLU C 74 10.90 -15.55 43.98
CA GLU C 74 10.39 -16.85 43.58
C GLU C 74 8.90 -17.01 43.83
N LYS C 75 8.28 -16.11 44.59
CA LYS C 75 6.85 -16.18 44.90
C LYS C 75 6.25 -14.80 44.61
N ASP C 76 5.80 -14.59 43.37
CA ASP C 76 5.23 -13.33 42.93
C ASP C 76 4.57 -13.52 41.57
N GLU C 77 3.56 -12.71 41.30
CA GLU C 77 2.80 -12.76 40.05
C GLU C 77 2.86 -11.40 39.37
N TYR C 78 3.89 -11.20 38.56
CA TYR C 78 4.05 -9.97 37.81
C TYR C 78 3.44 -10.12 36.42
N ALA C 79 2.76 -9.08 35.96
CA ALA C 79 2.11 -9.14 34.65
C ALA C 79 1.90 -7.74 34.12
N CYS C 80 1.64 -7.66 32.81
CA CYS C 80 1.35 -6.41 32.12
C CYS C 80 0.08 -6.63 31.30
N ARG C 81 -1.04 -6.04 31.72
CA ARG C 81 -2.27 -6.25 30.95
C ARG C 81 -2.18 -5.59 29.59
N VAL C 82 -3.18 -5.90 28.76
CA VAL C 82 -3.36 -5.29 27.46
C VAL C 82 -4.80 -4.80 27.37
N ASN C 83 -4.97 -3.55 26.95
CA ASN C 83 -6.31 -3.01 26.74
C ASN C 83 -6.33 -2.19 25.47
N HIS C 84 -7.49 -2.17 24.81
CA HIS C 84 -7.67 -1.48 23.54
C HIS C 84 -9.16 -1.26 23.32
N VAL C 85 -9.51 -0.82 22.11
CA VAL C 85 -10.89 -0.57 21.76
C VAL C 85 -11.40 -1.72 20.91
N THR C 86 -10.50 -2.38 20.17
CA THR C 86 -10.90 -3.51 19.36
C THR C 86 -11.40 -4.66 20.22
N LEU C 87 -10.71 -4.95 21.32
CA LEU C 87 -11.07 -6.06 22.17
C LEU C 87 -12.06 -5.63 23.24
N SER C 88 -12.90 -6.56 23.66
CA SER C 88 -13.85 -6.33 24.74
C SER C 88 -13.35 -6.85 26.09
N GLN C 89 -12.25 -7.59 26.12
CA GLN C 89 -11.72 -8.16 27.35
C GLN C 89 -10.20 -8.05 27.35
N PRO C 90 -9.61 -7.68 28.49
CA PRO C 90 -8.17 -7.47 28.55
C PRO C 90 -7.39 -8.78 28.51
N LYS C 91 -6.09 -8.66 28.24
CA LYS C 91 -5.21 -9.80 28.08
C LYS C 91 -4.04 -9.67 29.06
N ILE C 92 -3.63 -10.80 29.62
CA ILE C 92 -2.60 -10.83 30.66
C ILE C 92 -1.49 -11.77 30.20
N VAL C 93 -0.27 -11.48 30.66
CA VAL C 93 0.92 -12.19 30.21
C VAL C 93 1.78 -12.57 31.43
N LYS C 94 2.59 -13.62 31.26
CA LYS C 94 3.40 -14.17 32.33
C LYS C 94 4.87 -13.84 32.10
N TRP C 95 5.53 -13.35 33.16
CA TRP C 95 6.86 -12.78 33.08
C TRP C 95 7.97 -13.83 33.20
N ASP C 96 7.70 -15.08 32.85
CA ASP C 96 8.63 -16.17 33.13
C ASP C 96 10.03 -15.87 32.60
N ARG C 97 11.03 -16.48 33.24
CA ARG C 97 12.43 -16.23 32.94
C ARG C 97 12.92 -16.96 31.71
N ASP C 98 12.03 -17.52 30.90
CA ASP C 98 12.41 -18.20 29.68
C ASP C 98 12.05 -17.44 28.42
N MET C 99 11.26 -16.38 28.53
CA MET C 99 10.84 -15.59 27.37
C MET C 99 11.02 -14.10 27.63
N HIS D 1 23.35 5.16 8.39
CA HIS D 1 23.27 6.30 9.28
C HIS D 1 22.19 7.26 8.80
N SER D 2 21.04 7.24 9.47
CA SER D 2 19.86 7.97 9.01
C SER D 2 19.38 8.95 10.08
N MET D 3 18.24 9.57 9.81
CA MET D 3 17.67 10.60 10.65
C MET D 3 16.23 10.84 10.24
N ARG D 4 15.30 10.79 11.19
CA ARG D 4 13.88 10.85 10.87
C ARG D 4 13.12 11.58 11.98
N TYR D 5 12.28 12.53 11.60
CA TYR D 5 11.43 13.25 12.55
C TYR D 5 10.00 12.71 12.45
N PHE D 6 9.77 11.61 13.16
CA PHE D 6 8.44 11.00 13.18
C PHE D 6 7.43 11.97 13.77
N PHE D 7 6.29 12.11 13.10
CA PHE D 7 5.14 12.85 13.62
C PHE D 7 3.96 11.91 13.77
N THR D 8 3.00 12.31 14.58
CA THR D 8 1.73 11.60 14.66
C THR D 8 0.69 12.54 15.27
N SER D 9 -0.58 12.17 15.08
CA SER D 9 -1.67 12.96 15.63
C SER D 9 -2.89 12.06 15.78
N VAL D 10 -3.83 12.51 16.62
CA VAL D 10 -5.11 11.84 16.81
C VAL D 10 -6.18 12.91 16.95
N SER D 11 -7.43 12.47 16.94
CA SER D 11 -8.57 13.36 17.07
C SER D 11 -9.41 12.98 18.28
N ARG D 12 -10.03 14.00 18.88
CA ARG D 12 -10.97 13.81 19.99
C ARG D 12 -12.24 14.58 19.64
N PRO D 13 -13.09 14.01 18.79
CA PRO D 13 -14.31 14.73 18.38
C PRO D 13 -15.19 15.06 19.59
N GLY D 14 -15.51 16.33 19.74
CA GLY D 14 -16.27 16.79 20.89
C GLY D 14 -15.50 16.81 22.18
N ARG D 15 -14.17 16.88 22.13
CA ARG D 15 -13.38 16.88 23.35
C ARG D 15 -12.23 17.90 23.31
N GLY D 16 -12.37 18.96 22.51
CA GLY D 16 -11.37 20.01 22.50
C GLY D 16 -10.56 20.13 21.22
N GLU D 17 -9.28 19.81 21.29
CA GLU D 17 -8.35 19.98 20.19
C GLU D 17 -7.54 18.71 19.99
N PRO D 18 -7.07 18.45 18.77
CA PRO D 18 -6.31 17.23 18.51
C PRO D 18 -4.94 17.27 19.16
N ARG D 19 -4.37 16.07 19.30
CA ARG D 19 -3.07 15.91 19.94
C ARG D 19 -1.97 15.92 18.88
N PHE D 20 -0.72 15.76 19.34
CA PHE D 20 0.42 15.69 18.44
C PHE D 20 1.61 15.17 19.24
N ILE D 21 2.25 14.11 18.76
CA ILE D 21 3.46 13.57 19.38
C ILE D 21 4.52 13.39 18.30
N ALA D 22 5.75 13.76 18.60
CA ALA D 22 6.84 13.67 17.64
C ALA D 22 8.11 13.22 18.34
N VAL D 23 8.98 12.57 17.58
CA VAL D 23 10.25 12.05 18.09
C VAL D 23 11.31 12.19 17.01
N GLY D 24 12.53 11.76 17.32
CA GLY D 24 13.61 11.76 16.37
C GLY D 24 14.58 10.64 16.66
N TYR D 25 15.12 10.06 15.58
CA TYR D 25 15.96 8.86 15.64
C TYR D 25 17.24 9.04 14.85
N VAL D 26 17.97 10.13 15.12
CA VAL D 26 19.33 10.26 14.62
C VAL D 26 20.06 8.96 14.94
N ASP D 27 20.67 8.35 13.92
CA ASP D 27 21.12 6.97 13.99
C ASP D 27 19.94 6.08 14.29
N ASP D 28 19.85 5.56 15.53
CA ASP D 28 18.67 4.81 15.94
C ASP D 28 18.11 5.34 17.25
N THR D 29 18.99 5.78 18.15
CA THR D 29 18.58 6.17 19.49
C THR D 29 17.69 7.42 19.44
N GLN D 30 16.66 7.42 20.27
CA GLN D 30 15.78 8.57 20.39
C GLN D 30 16.51 9.74 21.04
N PHE D 31 16.31 10.94 20.48
CA PHE D 31 16.98 12.12 21.02
C PHE D 31 16.03 13.29 21.29
N VAL D 32 14.97 13.43 20.51
CA VAL D 32 14.08 14.58 20.64
C VAL D 32 12.65 14.08 20.85
N ARG D 33 11.83 14.92 21.47
CA ARG D 33 10.44 14.56 21.74
C ARG D 33 9.58 15.82 21.76
N PHE D 34 8.28 15.62 21.66
CA PHE D 34 7.30 16.69 21.79
C PHE D 34 5.96 16.07 22.12
N ASP D 35 5.07 16.89 22.68
CA ASP D 35 3.73 16.43 23.03
C ASP D 35 2.80 17.63 23.02
N SER D 36 1.51 17.35 22.88
CA SER D 36 0.48 18.39 22.94
C SER D 36 -0.19 18.48 24.31
N ASP D 37 0.20 17.63 25.26
CA ASP D 37 -0.36 17.67 26.61
C ASP D 37 0.73 17.78 27.67
N ALA D 38 2.00 17.92 27.26
CA ALA D 38 3.09 18.03 28.22
C ALA D 38 3.13 19.43 28.82
N ALA D 39 3.88 19.56 29.91
CA ALA D 39 4.02 20.83 30.61
C ALA D 39 5.16 21.68 30.09
N SER D 40 6.18 21.06 29.49
CA SER D 40 7.31 21.83 28.98
C SER D 40 6.91 22.63 27.74
N GLN D 41 6.04 22.07 26.90
CA GLN D 41 5.65 22.69 25.63
C GLN D 41 6.87 23.01 24.78
N LYS D 42 7.92 22.21 24.93
CA LYS D 42 9.18 22.44 24.25
C LYS D 42 9.78 21.09 23.90
N MET D 43 10.85 21.13 23.11
CA MET D 43 11.59 19.91 22.80
C MET D 43 12.21 19.35 24.07
N GLU D 44 12.24 18.02 24.17
CA GLU D 44 12.80 17.36 25.35
C GLU D 44 14.13 16.69 24.98
N PRO D 45 15.27 17.27 25.36
CA PRO D 45 16.58 16.72 24.96
C PRO D 45 17.02 15.55 25.83
N ARG D 46 16.32 14.42 25.73
CA ARG D 46 16.74 13.23 26.47
C ARG D 46 17.59 12.32 25.58
N ALA D 47 18.85 12.73 25.46
CA ALA D 47 19.92 11.96 24.84
C ALA D 47 21.22 12.51 25.40
N PRO D 48 22.23 11.67 25.63
CA PRO D 48 23.44 12.19 26.32
C PRO D 48 24.28 13.09 25.44
N TRP D 49 24.48 12.73 24.18
CA TRP D 49 25.39 13.49 23.31
C TRP D 49 24.80 14.84 22.91
N ILE D 50 23.52 14.87 22.53
CA ILE D 50 22.91 16.13 22.05
C ILE D 50 22.29 16.79 23.28
N GLU D 51 23.14 17.47 24.04
CA GLU D 51 22.69 18.29 25.17
C GLU D 51 23.45 19.61 25.31
N GLN D 52 24.67 19.71 24.81
CA GLN D 52 25.53 20.87 25.03
C GLN D 52 25.17 22.06 24.14
N GLU D 53 24.26 21.88 23.19
CA GLU D 53 24.01 22.90 22.19
C GLU D 53 23.29 24.11 22.80
N GLY D 54 23.49 25.28 22.17
CA GLY D 54 23.03 26.54 22.67
C GLY D 54 21.53 26.61 22.92
N PRO D 55 21.13 27.47 23.84
CA PRO D 55 19.72 27.52 24.24
C PRO D 55 18.77 27.97 23.15
N GLU D 56 19.25 28.73 22.15
CA GLU D 56 18.33 29.30 21.17
C GLU D 56 17.68 28.20 20.32
N TYR D 57 18.48 27.27 19.82
CA TYR D 57 17.92 26.24 18.94
C TYR D 57 17.19 25.19 19.75
N TRP D 58 17.63 24.92 20.97
CA TRP D 58 16.81 24.08 21.86
C TRP D 58 15.46 24.71 22.11
N ASP D 59 15.41 26.03 22.29
CA ASP D 59 14.13 26.70 22.48
C ASP D 59 13.25 26.57 21.24
N GLN D 60 13.82 26.85 20.06
CA GLN D 60 12.97 26.85 18.87
C GLN D 60 12.79 25.46 18.28
N GLU D 61 13.85 24.89 17.72
CA GLU D 61 13.75 23.77 16.79
C GLU D 61 12.51 23.91 15.92
N THR D 62 12.35 25.11 15.38
CA THR D 62 11.07 25.53 14.80
C THR D 62 9.93 25.27 15.79
N ARG D 63 9.96 26.04 16.89
CA ARG D 63 8.90 26.03 17.89
C ARG D 63 7.54 26.19 17.23
N ASN D 64 7.56 26.68 15.99
CA ASN D 64 6.45 26.54 15.07
C ASN D 64 6.19 25.08 14.69
N MET D 65 6.88 24.11 15.30
CA MET D 65 6.36 22.76 15.30
C MET D 65 4.96 22.73 15.91
N LYS D 66 4.72 23.60 16.90
CA LYS D 66 3.37 23.82 17.38
C LYS D 66 2.48 24.41 16.29
N ALA D 67 3.03 25.31 15.47
CA ALA D 67 2.27 25.84 14.34
C ALA D 67 1.90 24.72 13.37
N HIS D 68 2.82 23.78 13.14
CA HIS D 68 2.51 22.61 12.33
C HIS D 68 1.41 21.76 12.95
N SER D 69 1.46 21.59 14.28
CA SER D 69 0.39 20.86 14.96
C SER D 69 -0.95 21.56 14.79
N GLN D 70 -0.96 22.89 14.73
CA GLN D 70 -2.18 23.63 14.46
C GLN D 70 -2.51 23.70 12.97
N THR D 71 -1.56 23.35 12.10
CA THR D 71 -1.85 23.21 10.69
C THR D 71 -2.53 21.87 10.43
N ASP D 72 -2.17 20.84 11.19
CA ASP D 72 -2.79 19.54 11.01
C ASP D 72 -4.28 19.57 11.35
N ARG D 73 -4.68 20.43 12.30
CA ARG D 73 -6.10 20.55 12.59
C ARG D 73 -6.85 21.14 11.40
N ALA D 74 -6.21 21.99 10.61
CA ALA D 74 -6.82 22.49 9.39
C ALA D 74 -6.80 21.43 8.29
N ASN D 75 -5.76 20.59 8.26
CA ASN D 75 -5.72 19.50 7.30
C ASN D 75 -6.87 18.53 7.53
N LEU D 76 -7.14 18.21 8.80
CA LEU D 76 -8.26 17.33 9.13
C LEU D 76 -9.55 18.12 9.17
N GLY D 77 -9.77 18.95 8.17
CA GLY D 77 -11.02 19.64 7.96
C GLY D 77 -11.43 19.44 6.52
N THR D 78 -10.45 19.00 5.72
CA THR D 78 -10.70 18.51 4.37
C THR D 78 -10.40 17.03 4.23
N LEU D 79 -9.53 16.46 5.08
CA LEU D 79 -9.40 15.01 5.10
C LEU D 79 -10.66 14.34 5.63
N ARG D 80 -11.52 15.10 6.32
CA ARG D 80 -12.83 14.56 6.71
C ARG D 80 -13.78 14.52 5.53
N GLY D 81 -13.72 15.53 4.64
CA GLY D 81 -14.56 15.52 3.47
C GLY D 81 -14.11 14.56 2.39
N TYR D 82 -12.80 14.33 2.29
CA TYR D 82 -12.27 13.40 1.29
C TYR D 82 -12.80 11.99 1.54
N TYR D 83 -12.43 11.40 2.68
CA TYR D 83 -13.10 10.19 3.15
C TYR D 83 -14.32 10.63 3.93
N ASN D 84 -15.39 10.90 3.18
CA ASN D 84 -16.54 11.63 3.69
C ASN D 84 -17.10 11.00 4.97
N GLN D 85 -17.00 11.75 6.06
CA GLN D 85 -17.63 11.41 7.33
C GLN D 85 -18.44 12.61 7.78
N SER D 86 -19.05 12.57 8.98
CA SER D 86 -19.87 13.70 9.41
C SER D 86 -19.09 14.70 10.25
N GLU D 87 -18.76 14.31 11.49
CA GLU D 87 -17.88 15.15 12.30
C GLU D 87 -16.99 14.32 13.22
N ASP D 88 -17.36 13.06 13.45
CA ASP D 88 -16.86 12.31 14.59
C ASP D 88 -15.69 11.39 14.24
N GLY D 89 -15.18 11.47 13.01
CA GLY D 89 -14.10 10.58 12.62
C GLY D 89 -12.85 10.73 13.45
N SER D 90 -12.59 9.74 14.31
CA SER D 90 -11.37 9.70 15.10
C SER D 90 -10.29 9.04 14.25
N HIS D 91 -9.35 9.84 13.76
CA HIS D 91 -8.37 9.35 12.80
C HIS D 91 -6.99 9.88 13.14
N THR D 92 -5.99 9.20 12.62
CA THR D 92 -4.58 9.56 12.79
C THR D 92 -3.98 9.93 11.44
N ILE D 93 -3.13 10.94 11.43
CA ILE D 93 -2.50 11.45 10.21
C ILE D 93 -1.00 11.45 10.50
N GLN D 94 -0.32 10.37 10.15
CA GLN D 94 1.09 10.26 10.46
C GLN D 94 1.94 10.97 9.41
N ILE D 95 3.14 11.38 9.82
CA ILE D 95 4.10 12.03 8.95
C ILE D 95 5.43 11.31 9.07
N MET D 96 6.14 11.22 7.95
CA MET D 96 7.37 10.43 7.84
C MET D 96 8.39 11.23 7.05
N TYR D 97 9.28 11.92 7.76
CA TYR D 97 10.44 12.54 7.14
C TYR D 97 11.53 11.49 7.02
N GLY D 98 12.75 11.95 6.73
CA GLY D 98 13.89 11.05 6.70
C GLY D 98 14.95 11.52 5.74
N CYS D 99 16.19 11.53 6.21
CA CYS D 99 17.30 12.11 5.43
C CYS D 99 18.51 11.22 5.68
N ASP D 100 18.69 10.22 4.83
CA ASP D 100 19.72 9.21 5.00
C ASP D 100 20.95 9.60 4.18
N VAL D 101 22.09 9.71 4.85
CA VAL D 101 23.32 10.11 4.20
C VAL D 101 24.24 8.90 4.10
N GLY D 102 25.20 8.98 3.18
CA GLY D 102 26.19 7.94 3.01
C GLY D 102 27.24 7.99 4.09
N PRO D 103 27.92 6.86 4.34
CA PRO D 103 28.91 6.82 5.42
C PRO D 103 30.13 7.67 5.17
N ASP D 104 30.38 8.08 3.92
CA ASP D 104 31.46 9.00 3.63
C ASP D 104 31.06 10.46 3.81
N GLY D 105 29.79 10.79 3.60
CA GLY D 105 29.34 12.16 3.72
C GLY D 105 28.49 12.63 2.56
N ARG D 106 28.08 11.70 1.71
CA ARG D 106 27.24 12.04 0.57
C ARG D 106 25.80 12.20 1.04
N PHE D 107 24.88 12.34 0.09
CA PHE D 107 23.46 12.51 0.42
C PHE D 107 22.67 11.21 0.27
N LEU D 108 23.21 10.20 -0.41
CA LEU D 108 22.53 8.92 -0.60
C LEU D 108 21.13 9.12 -1.16
N ARG D 109 20.12 9.07 -0.29
CA ARG D 109 18.76 9.34 -0.75
C ARG D 109 17.90 9.75 0.43
N GLY D 110 17.11 10.82 0.25
CA GLY D 110 16.14 11.22 1.25
C GLY D 110 14.83 10.48 1.11
N TYR D 111 14.03 10.52 2.17
CA TYR D 111 12.80 9.75 2.22
C TYR D 111 11.67 10.60 2.77
N ARG D 112 10.46 10.33 2.27
CA ARG D 112 9.23 10.85 2.86
C ARG D 112 8.02 10.12 2.32
N GLN D 113 7.12 9.69 3.20
CA GLN D 113 5.85 9.10 2.77
C GLN D 113 4.84 9.31 3.88
N ASP D 114 3.76 10.03 3.58
CA ASP D 114 2.70 10.28 4.55
C ASP D 114 1.57 9.29 4.38
N ALA D 115 0.79 9.11 5.45
CA ALA D 115 -0.31 8.15 5.42
C ALA D 115 -1.43 8.64 6.32
N TYR D 116 -2.61 8.05 6.12
CA TYR D 116 -3.82 8.42 6.84
C TYR D 116 -4.59 7.16 7.19
N ASP D 117 -4.97 7.03 8.47
CA ASP D 117 -5.71 5.87 8.95
C ASP D 117 -5.03 4.57 8.57
N GLY D 118 -3.71 4.56 8.67
CA GLY D 118 -2.95 3.37 8.32
C GLY D 118 -2.86 3.09 6.84
N LYS D 119 -3.43 3.96 6.00
CA LYS D 119 -3.38 3.81 4.56
C LYS D 119 -2.57 4.96 3.97
N ASP D 120 -1.69 4.63 3.03
CA ASP D 120 -0.81 5.63 2.44
C ASP D 120 -1.62 6.68 1.69
N TYR D 121 -1.31 7.95 1.97
CA TYR D 121 -2.02 9.08 1.37
C TYR D 121 -1.19 9.82 0.33
N ILE D 122 0.13 9.89 0.51
CA ILE D 122 1.01 10.45 -0.50
C ILE D 122 2.42 10.04 -0.12
N ALA D 123 3.29 9.92 -1.12
CA ALA D 123 4.64 9.45 -0.86
C ALA D 123 5.59 10.04 -1.88
N LEU D 124 6.86 10.16 -1.48
CA LEU D 124 7.92 10.48 -2.42
C LEU D 124 8.42 9.20 -3.08
N ASN D 125 9.45 9.35 -3.91
CA ASN D 125 10.02 8.22 -4.63
C ASN D 125 11.53 8.33 -4.65
N GLU D 126 12.18 7.22 -5.02
CA GLU D 126 13.60 7.25 -5.31
C GLU D 126 13.85 8.25 -6.44
N ASP D 127 15.04 8.84 -6.44
CA ASP D 127 15.27 10.13 -7.08
C ASP D 127 14.31 11.09 -6.39
N LEU D 128 13.60 11.93 -7.14
CA LEU D 128 12.59 12.82 -6.57
C LEU D 128 11.63 13.36 -7.63
N ARG D 129 10.82 14.36 -7.26
CA ARG D 129 9.88 15.01 -8.16
C ARG D 129 8.84 14.02 -8.71
N SER D 130 8.05 13.46 -7.80
CA SER D 130 7.01 12.52 -8.18
C SER D 130 6.05 12.32 -7.02
N TRP D 131 4.77 12.11 -7.33
CA TRP D 131 3.72 11.87 -6.35
C TRP D 131 2.93 10.63 -6.75
N THR D 132 2.55 9.83 -5.74
CA THR D 132 1.97 8.50 -5.95
C THR D 132 0.74 8.31 -5.07
N ALA D 133 -0.21 9.23 -5.16
CA ALA D 133 -1.44 9.14 -4.39
C ALA D 133 -2.12 7.79 -4.62
N ALA D 134 -2.80 7.29 -3.58
CA ALA D 134 -3.33 5.94 -3.58
C ALA D 134 -4.79 5.91 -3.16
N ASP D 135 -5.58 6.82 -3.69
CA ASP D 135 -7.03 6.80 -3.50
C ASP D 135 -7.66 7.78 -4.48
N MET D 136 -8.99 7.73 -4.58
CA MET D 136 -9.70 8.73 -5.37
C MET D 136 -9.60 10.12 -4.76
N ALA D 137 -9.25 10.22 -3.48
CA ALA D 137 -9.19 11.51 -2.82
C ALA D 137 -7.86 12.22 -3.06
N ALA D 138 -6.76 11.59 -2.62
CA ALA D 138 -5.47 12.27 -2.64
C ALA D 138 -4.91 12.48 -4.03
N GLN D 139 -5.62 12.09 -5.09
CA GLN D 139 -5.20 12.48 -6.42
C GLN D 139 -5.20 14.01 -6.56
N ILE D 140 -6.13 14.66 -5.87
CA ILE D 140 -6.13 16.12 -5.81
C ILE D 140 -4.83 16.62 -5.19
N THR D 141 -4.43 16.00 -4.08
CA THR D 141 -3.21 16.40 -3.40
C THR D 141 -1.99 16.16 -4.29
N LYS D 142 -1.98 15.04 -5.01
CA LYS D 142 -0.87 14.74 -5.91
C LYS D 142 -0.75 15.81 -6.99
N ARG D 143 -1.87 16.13 -7.65
CA ARG D 143 -1.82 17.10 -8.73
C ARG D 143 -1.46 18.48 -8.21
N LYS D 144 -1.93 18.82 -7.00
CA LYS D 144 -1.62 20.15 -6.49
C LYS D 144 -0.16 20.26 -6.05
N TRP D 145 0.37 19.23 -5.41
CA TRP D 145 1.80 19.21 -5.14
C TRP D 145 2.60 19.27 -6.42
N GLU D 146 2.06 18.73 -7.51
CA GLU D 146 2.66 18.97 -8.82
C GLU D 146 2.58 20.45 -9.18
N ALA D 147 1.50 21.13 -8.80
CA ALA D 147 1.29 22.51 -9.23
C ALA D 147 2.35 23.48 -8.73
N VAL D 148 2.40 23.74 -7.43
CA VAL D 148 3.36 24.71 -6.92
C VAL D 148 4.64 24.05 -6.40
N HIS D 149 5.52 23.64 -7.32
CA HIS D 149 6.92 23.33 -7.08
C HIS D 149 7.19 22.67 -5.72
N ALA D 150 6.33 21.75 -5.30
CA ALA D 150 6.44 21.19 -3.96
C ALA D 150 7.71 20.36 -3.81
N ALA D 151 7.90 19.39 -4.70
CA ALA D 151 9.06 18.52 -4.59
C ALA D 151 10.36 19.29 -4.76
N GLU D 152 10.33 20.42 -5.46
CA GLU D 152 11.53 21.25 -5.55
C GLU D 152 11.90 21.82 -4.19
N GLN D 153 10.91 22.30 -3.44
CA GLN D 153 11.18 22.77 -2.08
C GLN D 153 11.65 21.62 -1.20
N ARG D 154 11.07 20.44 -1.40
CA ARG D 154 11.54 19.28 -0.65
C ARG D 154 13.00 18.98 -0.98
N ARG D 155 13.39 19.10 -2.25
CA ARG D 155 14.79 18.94 -2.63
C ARG D 155 15.66 19.94 -1.91
N VAL D 156 15.20 21.19 -1.85
CA VAL D 156 15.97 22.24 -1.19
C VAL D 156 16.21 21.83 0.25
N TYR D 157 15.14 21.45 0.94
CA TYR D 157 15.27 21.10 2.35
C TYR D 157 16.20 19.90 2.55
N LEU D 158 16.04 18.87 1.71
CA LEU D 158 16.84 17.65 1.85
C LEU D 158 18.31 17.92 1.59
N GLU D 159 18.63 18.55 0.47
CA GLU D 159 20.03 18.85 0.15
C GLU D 159 20.62 19.90 1.07
N GLY D 160 19.79 20.60 1.84
CA GLY D 160 20.29 21.53 2.82
C GLY D 160 20.27 20.99 4.23
N ARG D 161 19.17 21.30 4.92
CA ARG D 161 19.13 21.14 6.37
C ARG D 161 19.41 19.71 6.79
N CYS D 162 18.92 18.72 6.05
CA CYS D 162 19.16 17.33 6.41
C CYS D 162 20.64 17.05 6.53
N VAL D 163 21.39 17.22 5.45
CA VAL D 163 22.80 16.87 5.46
C VAL D 163 23.56 17.75 6.45
N ASP D 164 23.26 19.05 6.47
CA ASP D 164 23.98 19.96 7.36
C ASP D 164 23.79 19.55 8.83
N GLY D 165 22.55 19.53 9.28
CA GLY D 165 22.28 19.18 10.66
C GLY D 165 22.74 17.80 11.02
N LEU D 166 22.51 16.82 10.13
CA LEU D 166 22.87 15.44 10.44
C LEU D 166 24.38 15.30 10.60
N ARG D 167 25.15 15.91 9.70
CA ARG D 167 26.59 15.92 9.93
C ARG D 167 26.94 16.62 11.22
N ARG D 168 26.18 17.65 11.61
CA ARG D 168 26.43 18.29 12.89
C ARG D 168 26.23 17.32 14.05
N TYR D 169 25.16 16.50 13.99
CA TYR D 169 24.96 15.54 15.08
C TYR D 169 26.04 14.46 15.09
N LEU D 170 26.42 13.95 13.92
CA LEU D 170 27.51 12.97 13.90
C LEU D 170 28.80 13.56 14.46
N GLU D 171 29.07 14.83 14.18
CA GLU D 171 30.21 15.48 14.82
C GLU D 171 30.02 15.54 16.33
N ASN D 172 28.81 15.89 16.78
CA ASN D 172 28.53 15.97 18.21
C ASN D 172 28.47 14.60 18.85
N GLY D 173 27.95 13.61 18.12
CA GLY D 173 27.77 12.27 18.68
C GLY D 173 29.06 11.58 19.04
N LYS D 174 30.17 11.97 18.42
CA LYS D 174 31.48 11.37 18.69
C LYS D 174 31.44 9.86 18.55
N GLU D 175 31.41 9.15 19.67
CA GLU D 175 31.32 7.69 19.67
C GLU D 175 30.02 7.18 20.25
N THR D 176 29.21 8.03 20.88
CA THR D 176 27.94 7.58 21.44
C THR D 176 26.99 7.12 20.36
N LEU D 177 26.88 7.89 19.27
CA LEU D 177 26.02 7.49 18.16
C LEU D 177 26.62 6.35 17.35
N GLN D 178 27.95 6.18 17.39
CA GLN D 178 28.64 5.14 16.63
C GLN D 178 29.55 4.38 17.59
N ARG D 179 29.01 3.34 18.21
CA ARG D 179 29.79 2.50 19.11
C ARG D 179 29.72 1.01 18.80
N THR D 180 28.72 0.55 18.07
CA THR D 180 28.63 -0.82 17.58
C THR D 180 28.69 -1.83 18.73
N ASP D 181 27.67 -1.78 19.59
CA ASP D 181 27.59 -2.72 20.71
C ASP D 181 27.29 -4.12 20.20
N PRO D 182 28.15 -5.10 20.47
CA PRO D 182 27.92 -6.45 19.97
C PRO D 182 27.05 -7.24 20.93
N PRO D 183 26.35 -8.26 20.44
CA PRO D 183 25.53 -9.08 21.32
C PRO D 183 26.36 -9.92 22.28
N LYS D 184 25.71 -10.36 23.35
CA LYS D 184 26.23 -11.40 24.22
C LYS D 184 25.25 -12.56 24.22
N THR D 185 25.78 -13.78 24.19
CA THR D 185 24.98 -14.96 23.93
C THR D 185 25.00 -15.93 25.11
N HIS D 186 23.90 -16.64 25.28
CA HIS D 186 23.78 -17.70 26.27
C HIS D 186 22.65 -18.63 25.84
N MET D 187 22.78 -19.91 26.18
CA MET D 187 21.78 -20.90 25.82
C MET D 187 21.95 -22.12 26.71
N THR D 188 20.83 -22.83 26.92
CA THR D 188 20.83 -24.07 27.69
C THR D 188 19.98 -25.10 26.97
N HIS D 189 19.81 -26.26 27.62
CA HIS D 189 19.14 -27.38 26.98
C HIS D 189 17.64 -27.16 26.86
N HIS D 190 16.99 -26.66 27.92
CA HIS D 190 15.55 -26.40 27.96
C HIS D 190 14.72 -27.59 27.48
N PRO D 191 14.63 -28.67 28.26
CA PRO D 191 13.72 -29.76 27.88
C PRO D 191 12.27 -29.31 27.97
N ILE D 192 11.45 -29.79 27.03
CA ILE D 192 10.04 -29.42 26.99
C ILE D 192 9.19 -30.67 26.81
N SER D 193 7.88 -30.52 26.92
CA SER D 193 6.91 -31.57 26.63
C SER D 193 7.25 -32.87 27.34
N ASP D 194 7.43 -33.95 26.58
CA ASP D 194 7.82 -35.23 27.16
C ASP D 194 8.93 -35.89 26.36
N HIS D 195 9.07 -35.54 25.08
CA HIS D 195 10.04 -36.17 24.19
C HIS D 195 10.81 -35.17 23.35
N GLU D 196 10.80 -33.90 23.72
CA GLU D 196 11.42 -32.87 22.90
C GLU D 196 12.10 -31.83 23.78
N ALA D 197 12.78 -30.89 23.14
CA ALA D 197 13.49 -29.82 23.83
C ALA D 197 13.63 -28.63 22.89
N THR D 198 13.99 -27.48 23.47
CA THR D 198 14.19 -26.26 22.70
C THR D 198 15.62 -25.76 22.90
N LEU D 199 16.31 -25.49 21.80
CA LEU D 199 17.62 -24.86 21.81
C LEU D 199 17.40 -23.39 21.45
N ARG D 200 17.26 -22.54 22.46
CA ARG D 200 16.93 -21.13 22.26
C ARG D 200 18.18 -20.28 22.34
N CYS D 201 18.58 -19.69 21.22
CA CYS D 201 19.69 -18.76 21.21
C CYS D 201 19.26 -17.42 21.82
N TRP D 202 20.18 -16.78 22.51
CA TRP D 202 19.91 -15.50 23.16
C TRP D 202 20.97 -14.48 22.76
N ALA D 203 20.54 -13.24 22.55
CA ALA D 203 21.43 -12.13 22.25
C ALA D 203 20.77 -10.86 22.75
N LEU D 204 21.43 -10.15 23.67
CA LEU D 204 20.82 -9.02 24.35
C LEU D 204 21.74 -7.81 24.35
N GLY D 205 21.13 -6.63 24.28
CA GLY D 205 21.81 -5.38 24.48
C GLY D 205 22.71 -4.91 23.36
N PHE D 206 22.61 -5.50 22.17
CA PHE D 206 23.49 -5.10 21.09
C PHE D 206 23.03 -3.78 20.47
N TYR D 207 23.94 -3.15 19.73
CA TYR D 207 23.65 -1.90 19.03
C TYR D 207 24.61 -1.79 17.86
N PRO D 208 24.17 -1.30 16.70
CA PRO D 208 22.78 -0.95 16.41
C PRO D 208 21.93 -2.18 16.05
N ALA D 209 20.83 -1.93 15.35
CA ALA D 209 19.87 -2.97 15.00
C ALA D 209 20.33 -3.78 13.79
N GLU D 210 19.40 -4.52 13.18
CA GLU D 210 19.66 -5.35 12.01
C GLU D 210 20.64 -6.49 12.33
N ILE D 211 20.20 -7.36 13.25
CA ILE D 211 20.86 -8.63 13.50
C ILE D 211 20.10 -9.72 12.76
N THR D 212 20.82 -10.72 12.28
CA THR D 212 20.22 -11.84 11.57
C THR D 212 20.41 -13.09 12.44
N LEU D 213 19.29 -13.64 12.91
CA LEU D 213 19.30 -14.84 13.75
C LEU D 213 18.14 -15.71 13.26
N THR D 214 18.45 -16.73 12.47
CA THR D 214 17.42 -17.55 11.84
C THR D 214 17.75 -19.03 12.00
N TRP D 215 16.72 -19.86 11.89
CA TRP D 215 16.90 -21.30 11.95
C TRP D 215 16.79 -21.94 10.57
N ASP D 218 21.96 -28.79 10.11
CA ASP D 218 23.41 -28.67 10.12
C ASP D 218 23.88 -27.79 8.97
N GLY D 219 23.27 -26.61 8.86
CA GLY D 219 23.61 -25.68 7.80
C GLY D 219 22.42 -25.34 6.92
N GLU D 220 21.21 -25.46 7.46
CA GLU D 220 19.99 -25.24 6.72
C GLU D 220 19.07 -24.30 7.50
N ASP D 221 18.09 -23.76 6.80
CA ASP D 221 17.12 -22.83 7.37
C ASP D 221 15.73 -23.49 7.33
N GLN D 222 15.39 -24.19 8.41
CA GLN D 222 14.10 -24.87 8.51
C GLN D 222 13.14 -23.99 9.31
N THR D 223 12.66 -22.93 8.65
CA THR D 223 11.74 -21.97 9.26
C THR D 223 10.38 -22.11 8.59
N GLN D 224 9.49 -22.87 9.22
CA GLN D 224 8.14 -23.10 8.71
C GLN D 224 7.10 -23.02 9.82
N ASP D 225 7.30 -22.11 10.77
CA ASP D 225 6.37 -21.95 11.89
C ASP D 225 6.47 -20.51 12.40
N THR D 226 5.85 -20.25 13.56
CA THR D 226 5.71 -18.90 14.09
C THR D 226 6.60 -18.76 15.33
N GLU D 227 7.51 -17.79 15.28
CA GLU D 227 8.40 -17.49 16.40
C GLU D 227 8.65 -15.99 16.41
N LEU D 228 9.05 -15.49 17.59
CA LEU D 228 9.51 -14.11 17.77
C LEU D 228 8.38 -13.11 17.62
N VAL D 229 8.44 -12.00 18.36
CA VAL D 229 7.35 -11.03 18.30
C VAL D 229 7.61 -9.97 17.24
N GLU D 230 8.57 -9.10 17.49
CA GLU D 230 8.90 -7.94 16.65
C GLU D 230 10.24 -7.40 17.10
N THR D 231 10.59 -6.20 16.61
CA THR D 231 11.74 -5.48 17.13
C THR D 231 11.53 -5.20 18.61
N ARG D 232 12.56 -5.47 19.42
CA ARG D 232 12.39 -5.56 20.86
C ARG D 232 13.35 -4.60 21.56
N PRO D 233 12.84 -3.53 22.18
CA PRO D 233 13.70 -2.54 22.83
C PRO D 233 14.01 -2.87 24.29
N ALA D 234 15.30 -2.76 24.65
CA ALA D 234 15.78 -3.14 25.96
C ALA D 234 15.75 -2.00 26.97
N GLY D 235 14.87 -1.02 26.78
CA GLY D 235 14.66 0.02 27.78
C GLY D 235 15.64 1.16 27.76
N ASP D 236 16.64 1.14 26.88
CA ASP D 236 17.54 2.28 26.74
C ASP D 236 17.81 2.66 25.29
N GLY D 237 17.42 1.85 24.33
CA GLY D 237 17.78 2.06 22.95
C GLY D 237 18.43 0.83 22.38
N THR D 238 19.02 0.02 23.26
CA THR D 238 19.60 -1.26 22.85
C THR D 238 18.50 -2.25 22.49
N PHE D 239 18.79 -3.10 21.52
CA PHE D 239 17.82 -4.04 20.98
C PHE D 239 18.33 -5.45 21.18
N GLN D 240 17.39 -6.41 21.25
CA GLN D 240 17.74 -7.80 21.51
C GLN D 240 16.75 -8.73 20.85
N LYS D 241 17.22 -9.94 20.52
CA LYS D 241 16.41 -10.97 19.90
C LYS D 241 16.85 -12.32 20.46
N TRP D 242 15.92 -13.27 20.45
CA TRP D 242 16.23 -14.63 20.86
C TRP D 242 15.81 -15.63 19.79
N ALA D 243 15.87 -16.92 20.10
CA ALA D 243 15.59 -17.94 19.10
C ALA D 243 14.65 -18.98 19.70
N ALA D 244 13.93 -19.67 18.81
CA ALA D 244 13.01 -20.73 19.20
C ALA D 244 13.06 -21.84 18.17
N VAL D 245 13.00 -23.08 18.65
CA VAL D 245 13.03 -24.25 17.77
C VAL D 245 12.52 -25.45 18.58
N VAL D 246 11.95 -26.42 17.88
CA VAL D 246 11.45 -27.64 18.50
C VAL D 246 12.21 -28.82 17.88
N VAL D 247 12.91 -29.57 18.71
CA VAL D 247 13.70 -30.71 18.27
C VAL D 247 13.42 -31.91 19.17
N PRO D 248 13.52 -33.14 18.67
CA PRO D 248 13.19 -34.30 19.51
C PRO D 248 14.26 -34.55 20.57
N SER D 249 13.86 -35.28 21.61
CA SER D 249 14.80 -35.66 22.66
C SER D 249 15.92 -36.49 22.08
N GLY D 250 17.15 -36.19 22.49
CA GLY D 250 18.32 -36.87 21.98
C GLY D 250 18.82 -36.37 20.65
N GLU D 251 17.95 -35.84 19.79
CA GLU D 251 18.32 -35.25 18.51
C GLU D 251 18.03 -33.75 18.62
N GLU D 252 19.00 -32.99 19.11
CA GLU D 252 18.83 -31.56 19.33
C GLU D 252 19.57 -30.70 18.31
N GLN D 253 20.68 -31.19 17.76
CA GLN D 253 21.48 -30.41 16.83
C GLN D 253 20.74 -30.17 15.52
N CYS D 257 22.60 -21.84 15.63
CA CYS D 257 21.73 -20.94 14.87
C CYS D 257 22.56 -19.90 14.12
N HIS D 258 21.95 -19.31 13.08
CA HIS D 258 22.64 -18.32 12.27
C HIS D 258 22.95 -17.08 13.09
N VAL D 259 24.18 -16.57 12.98
CA VAL D 259 24.66 -15.44 13.76
C VAL D 259 25.23 -14.42 12.78
N GLN D 260 24.43 -13.43 12.39
CA GLN D 260 24.86 -12.40 11.46
C GLN D 260 24.37 -11.04 11.95
N HIS D 261 25.29 -10.09 12.07
CA HIS D 261 24.98 -8.71 12.42
C HIS D 261 25.81 -7.79 11.53
N GLU D 262 25.22 -6.68 11.11
CA GLU D 262 25.95 -5.72 10.28
C GLU D 262 27.17 -5.17 11.03
N GLY D 263 27.09 -5.06 12.34
CA GLY D 263 28.21 -4.71 13.18
C GLY D 263 28.86 -5.88 13.90
N LEU D 264 28.58 -7.11 13.48
CA LEU D 264 29.16 -8.27 14.13
C LEU D 264 30.68 -8.24 14.00
N PRO D 265 31.42 -8.56 15.07
CA PRO D 265 32.89 -8.60 15.03
C PRO D 265 33.41 -9.73 14.15
N PHE E 1 18.14 18.61 12.24
CA PHE E 1 17.35 19.82 12.07
C PHE E 1 15.92 19.54 11.60
N THR E 2 15.00 20.40 12.01
CA THR E 2 13.59 20.24 11.70
C THR E 2 13.30 20.75 10.29
N SER E 3 12.04 20.65 9.89
CA SER E 3 11.56 21.17 8.62
C SER E 3 10.45 22.17 8.88
N ASP E 4 10.40 23.22 8.06
CA ASP E 4 9.46 24.30 8.25
C ASP E 4 8.34 24.33 7.24
N TYR E 5 8.43 23.59 6.14
CA TYR E 5 7.38 23.58 5.13
C TYR E 5 6.21 22.77 5.65
N TYR E 6 5.10 23.43 5.94
CA TYR E 6 3.90 22.79 6.45
C TYR E 6 2.98 22.52 5.26
N GLN E 7 3.06 21.30 4.72
CA GLN E 7 2.36 20.94 3.49
C GLN E 7 0.87 20.91 3.75
N LEU E 8 0.14 21.83 3.12
CA LEU E 8 -1.32 21.79 3.21
C LEU E 8 -1.85 20.60 2.43
N TYR E 9 -2.86 19.95 2.98
CA TYR E 9 -3.51 18.82 2.33
C TYR E 9 -4.78 19.26 1.60
N GLN F 1 -43.37 -24.88 2.59
CA GLN F 1 -42.39 -25.40 1.64
C GLN F 1 -42.06 -26.86 1.94
N SER F 2 -41.77 -27.63 0.89
CA SER F 2 -41.45 -29.04 1.03
C SER F 2 -40.22 -29.36 0.19
N VAL F 3 -39.21 -29.94 0.82
CA VAL F 3 -37.99 -30.37 0.15
C VAL F 3 -37.72 -31.82 0.52
N ALA F 4 -37.48 -32.65 -0.49
CA ALA F 4 -37.29 -34.07 -0.29
C ALA F 4 -36.08 -34.56 -1.07
N GLN F 5 -35.35 -35.52 -0.48
CA GLN F 5 -34.25 -36.21 -1.14
C GLN F 5 -34.52 -37.70 -1.01
N PRO F 6 -35.12 -38.32 -2.02
CA PRO F 6 -35.50 -39.74 -1.89
C PRO F 6 -34.33 -40.65 -1.58
N GLU F 7 -33.13 -40.33 -2.06
CA GLU F 7 -31.97 -41.16 -1.79
C GLU F 7 -31.56 -41.00 -0.34
N ASP F 8 -31.84 -42.01 0.48
CA ASP F 8 -31.40 -42.02 1.87
C ASP F 8 -29.99 -42.55 2.03
N GLN F 9 -29.41 -43.10 0.98
CA GLN F 9 -28.04 -43.62 1.01
C GLN F 9 -27.54 -43.81 -0.41
N VAL F 10 -26.41 -43.21 -0.74
CA VAL F 10 -25.83 -43.31 -2.08
C VAL F 10 -24.43 -43.91 -1.97
N ASN F 11 -24.17 -44.92 -2.79
CA ASN F 11 -22.91 -45.64 -2.73
C ASN F 11 -22.21 -45.49 -4.08
N VAL F 12 -21.00 -44.93 -4.06
CA VAL F 12 -20.21 -44.71 -5.26
C VAL F 12 -18.78 -45.17 -4.99
N ALA F 13 -18.25 -46.02 -5.87
CA ALA F 13 -16.88 -46.47 -5.75
C ALA F 13 -15.94 -45.39 -6.28
N GLU F 14 -14.64 -45.68 -6.25
CA GLU F 14 -13.65 -44.72 -6.73
C GLU F 14 -13.34 -44.95 -8.21
N GLY F 15 -14.39 -45.12 -9.00
CA GLY F 15 -14.28 -45.20 -10.44
C GLY F 15 -15.47 -44.57 -11.13
N ASN F 16 -16.36 -43.99 -10.33
CA ASN F 16 -17.69 -43.58 -10.75
C ASN F 16 -17.89 -42.11 -10.36
N PRO F 17 -18.34 -41.26 -11.27
CA PRO F 17 -18.72 -39.91 -10.86
C PRO F 17 -19.89 -39.92 -9.87
N LEU F 18 -19.82 -39.02 -8.90
CA LEU F 18 -20.86 -38.92 -7.88
C LEU F 18 -22.17 -38.45 -8.48
N THR F 19 -23.27 -39.00 -7.95
CA THR F 19 -24.62 -38.60 -8.34
C THR F 19 -25.49 -38.65 -7.10
N VAL F 20 -26.09 -37.52 -6.72
CA VAL F 20 -27.12 -37.51 -5.69
C VAL F 20 -28.32 -36.76 -6.24
N LYS F 21 -29.38 -36.61 -5.44
CA LYS F 21 -30.62 -36.06 -5.93
C LYS F 21 -31.18 -35.04 -4.94
N CYS F 22 -31.77 -33.97 -5.48
CA CYS F 22 -32.47 -32.96 -4.70
C CYS F 22 -33.80 -32.66 -5.39
N THR F 23 -34.84 -32.43 -4.60
CA THR F 23 -36.15 -32.10 -5.14
C THR F 23 -36.82 -31.05 -4.26
N TYR F 24 -37.75 -30.31 -4.86
CA TYR F 24 -38.51 -29.30 -4.15
C TYR F 24 -39.77 -28.98 -4.92
N SER F 25 -40.73 -28.36 -4.22
CA SER F 25 -41.95 -27.87 -4.86
C SER F 25 -42.46 -26.69 -4.03
N VAL F 26 -42.12 -25.47 -4.45
CA VAL F 26 -42.50 -24.24 -3.76
C VAL F 26 -42.97 -23.23 -4.79
N SER F 27 -43.29 -22.03 -4.32
CA SER F 27 -43.77 -20.94 -5.15
C SER F 27 -42.75 -19.81 -5.15
N GLY F 28 -43.03 -18.78 -5.94
CA GLY F 28 -42.15 -17.65 -6.02
C GLY F 28 -40.85 -17.99 -6.73
N ASN F 29 -39.80 -17.24 -6.39
CA ASN F 29 -38.48 -17.46 -6.94
C ASN F 29 -37.69 -18.32 -5.96
N PRO F 30 -37.51 -19.61 -6.20
CA PRO F 30 -36.87 -20.49 -5.21
C PRO F 30 -35.35 -20.46 -5.30
N TYR F 31 -34.73 -20.50 -4.13
CA TYR F 31 -33.27 -20.52 -4.00
C TYR F 31 -32.86 -21.80 -3.31
N LEU F 32 -31.99 -22.58 -3.94
CA LEU F 32 -31.57 -23.88 -3.43
C LEU F 32 -30.13 -23.81 -2.95
N PHE F 33 -29.88 -24.29 -1.73
CA PHE F 33 -28.55 -24.32 -1.14
C PHE F 33 -28.19 -25.73 -0.70
N TRP F 34 -26.91 -26.07 -0.82
CA TRP F 34 -26.37 -27.35 -0.40
C TRP F 34 -25.39 -27.14 0.75
N TYR F 35 -25.15 -28.21 1.51
CA TYR F 35 -24.18 -28.19 2.59
C TYR F 35 -23.55 -29.56 2.75
N VAL F 36 -22.42 -29.58 3.45
CA VAL F 36 -21.70 -30.82 3.76
C VAL F 36 -21.49 -30.89 5.27
N GLN F 37 -21.80 -32.04 5.86
CA GLN F 37 -21.58 -32.28 7.28
C GLN F 37 -20.55 -33.39 7.41
N TYR F 38 -19.28 -33.01 7.48
CA TYR F 38 -18.24 -33.98 7.76
C TYR F 38 -18.48 -34.58 9.15
N PRO F 39 -18.09 -35.84 9.36
CA PRO F 39 -18.57 -36.59 10.54
C PRO F 39 -18.23 -35.90 11.85
N ASN F 40 -19.27 -35.54 12.59
CA ASN F 40 -19.14 -34.89 13.90
C ASN F 40 -18.28 -33.64 13.82
N ARG F 41 -18.69 -32.72 12.96
CA ARG F 41 -17.96 -31.48 12.75
C ARG F 41 -18.94 -30.45 12.21
N GLY F 42 -18.43 -29.34 11.70
CA GLY F 42 -19.27 -28.26 11.22
C GLY F 42 -20.07 -28.63 9.98
N LEU F 43 -20.70 -27.61 9.42
CA LEU F 43 -21.65 -27.74 8.31
C LEU F 43 -21.26 -26.84 7.16
N GLN F 44 -20.00 -26.93 6.74
CA GLN F 44 -19.49 -26.09 5.65
C GLN F 44 -20.38 -26.18 4.42
N PHE F 45 -20.53 -25.07 3.73
CA PHE F 45 -21.27 -25.00 2.47
C PHE F 45 -20.30 -24.97 1.31
N LEU F 46 -20.61 -25.75 0.26
CA LEU F 46 -19.72 -25.86 -0.87
C LEU F 46 -20.44 -25.59 -2.19
N LEU F 47 -21.75 -25.82 -2.22
CA LEU F 47 -22.55 -25.73 -3.44
C LEU F 47 -23.71 -24.77 -3.20
N LYS F 48 -23.48 -23.49 -3.44
CA LYS F 48 -24.56 -22.52 -3.36
C LYS F 48 -25.29 -22.45 -4.70
N TYR F 49 -26.47 -21.85 -4.68
CA TYR F 49 -27.23 -21.59 -5.90
C TYR F 49 -28.34 -20.58 -5.65
N ILE F 50 -28.36 -19.50 -6.43
CA ILE F 50 -29.40 -18.49 -6.28
C ILE F 50 -30.16 -18.34 -7.58
N THR F 51 -29.48 -17.90 -8.63
CA THR F 51 -30.09 -17.66 -9.93
C THR F 51 -28.96 -17.40 -10.93
N GLY F 52 -29.35 -17.23 -12.19
CA GLY F 52 -28.39 -16.93 -13.24
C GLY F 52 -28.04 -18.12 -14.10
N ASP F 53 -26.76 -18.48 -14.13
CA ASP F 53 -26.31 -19.61 -14.93
C ASP F 53 -26.86 -20.92 -14.39
N ASN F 54 -26.96 -21.92 -15.27
CA ASN F 54 -27.53 -23.20 -14.89
C ASN F 54 -26.50 -24.07 -14.19
N LEU F 55 -25.39 -24.39 -14.87
CA LEU F 55 -24.36 -25.27 -14.35
C LEU F 55 -23.56 -24.52 -13.29
N VAL F 56 -24.14 -24.45 -12.09
CA VAL F 56 -23.57 -23.64 -11.02
C VAL F 56 -22.29 -24.27 -10.52
N LYS F 57 -21.31 -23.42 -10.18
CA LYS F 57 -20.01 -23.87 -9.73
C LYS F 57 -20.12 -24.59 -8.39
N GLY F 58 -18.98 -25.09 -7.91
CA GLY F 58 -18.89 -25.61 -6.57
C GLY F 58 -17.45 -25.65 -6.12
N SER F 59 -17.26 -25.72 -4.80
CA SER F 59 -15.92 -25.80 -4.24
C SER F 59 -15.27 -27.11 -4.65
N TYR F 60 -13.95 -27.17 -4.46
CA TYR F 60 -13.15 -28.33 -4.87
C TYR F 60 -13.40 -28.62 -6.35
N GLY F 61 -14.28 -29.57 -6.63
CA GLY F 61 -14.63 -29.84 -8.00
C GLY F 61 -16.11 -30.11 -8.19
N PHE F 62 -16.87 -30.04 -7.11
CA PHE F 62 -18.29 -30.36 -7.16
C PHE F 62 -19.04 -29.33 -8.00
N GLU F 63 -20.20 -29.73 -8.51
CA GLU F 63 -21.06 -28.82 -9.24
C GLU F 63 -22.48 -29.38 -9.24
N ALA F 64 -23.41 -28.56 -9.72
CA ALA F 64 -24.77 -29.00 -9.96
C ALA F 64 -25.49 -27.96 -10.81
N GLU F 65 -26.60 -28.38 -11.41
CA GLU F 65 -27.39 -27.51 -12.28
C GLU F 65 -28.86 -27.68 -11.95
N PHE F 66 -29.64 -26.65 -12.28
CA PHE F 66 -31.07 -26.62 -11.97
C PHE F 66 -31.86 -26.83 -13.25
N ASN F 67 -32.84 -27.74 -13.20
CA ASN F 67 -33.70 -28.05 -14.33
C ASN F 67 -35.15 -27.92 -13.89
N LYS F 68 -35.92 -27.11 -14.62
CA LYS F 68 -37.35 -27.02 -14.37
C LYS F 68 -38.07 -28.31 -14.71
N SER F 69 -37.52 -29.09 -15.65
CA SER F 69 -38.17 -30.32 -16.09
C SER F 69 -38.30 -31.34 -14.96
N GLN F 70 -37.52 -31.19 -13.89
CA GLN F 70 -37.62 -32.08 -12.75
C GLN F 70 -37.60 -31.36 -11.41
N THR F 71 -37.46 -30.03 -11.39
CA THR F 71 -37.36 -29.25 -10.16
C THR F 71 -36.27 -29.80 -9.25
N SER F 72 -35.13 -30.11 -9.85
CA SER F 72 -34.06 -30.81 -9.17
C SER F 72 -32.76 -30.03 -9.35
N PHE F 73 -31.77 -30.36 -8.52
CA PHE F 73 -30.50 -29.67 -8.59
C PHE F 73 -29.31 -30.63 -8.71
N HIS F 74 -29.35 -31.79 -8.06
CA HIS F 74 -28.47 -32.92 -8.37
C HIS F 74 -26.99 -32.55 -8.23
N LEU F 75 -26.58 -32.34 -6.98
CA LEU F 75 -25.15 -32.23 -6.67
C LEU F 75 -24.38 -33.38 -7.29
N LYS F 76 -23.40 -33.06 -8.13
CA LYS F 76 -22.68 -34.09 -8.89
C LYS F 76 -21.22 -33.68 -9.05
N LYS F 77 -20.42 -34.62 -9.53
CA LYS F 77 -19.00 -34.40 -9.80
C LYS F 77 -18.42 -35.51 -10.63
N PRO F 78 -17.61 -35.20 -11.64
CA PRO F 78 -17.00 -36.26 -12.46
C PRO F 78 -16.12 -37.22 -11.68
N SER F 79 -15.42 -36.75 -10.65
CA SER F 79 -14.55 -37.64 -9.86
C SER F 79 -14.48 -37.08 -8.45
N ALA F 80 -15.33 -37.61 -7.56
CA ALA F 80 -15.41 -37.10 -6.19
C ALA F 80 -14.08 -37.30 -5.47
N LEU F 81 -13.81 -36.41 -4.51
CA LEU F 81 -12.59 -36.49 -3.73
C LEU F 81 -12.56 -37.81 -2.94
N VAL F 82 -11.37 -38.12 -2.41
CA VAL F 82 -11.14 -39.44 -1.83
C VAL F 82 -12.03 -39.68 -0.61
N SER F 83 -12.19 -38.67 0.25
CA SER F 83 -12.95 -38.92 1.47
C SER F 83 -14.45 -38.77 1.24
N ASP F 84 -14.92 -37.54 1.03
CA ASP F 84 -16.31 -37.24 0.68
C ASP F 84 -17.36 -38.07 1.41
N SER F 85 -17.09 -38.45 2.66
CA SER F 85 -18.04 -39.24 3.44
C SER F 85 -18.74 -38.29 4.40
N ALA F 86 -19.99 -37.95 4.10
CA ALA F 86 -20.70 -36.92 4.84
C ALA F 86 -22.20 -37.13 4.66
N LEU F 87 -22.98 -36.12 5.03
CA LEU F 87 -24.43 -36.21 4.99
C LEU F 87 -25.01 -35.06 4.18
N TYR F 88 -24.50 -34.88 2.96
CA TYR F 88 -24.93 -33.81 2.06
C TYR F 88 -26.44 -33.67 2.03
N PHE F 89 -26.93 -32.45 2.24
CA PHE F 89 -28.36 -32.18 2.19
C PHE F 89 -28.63 -30.90 1.41
N CYS F 90 -29.84 -30.81 0.87
CA CYS F 90 -30.23 -29.78 -0.09
C CYS F 90 -31.45 -29.05 0.45
N ALA F 91 -31.34 -27.74 0.63
CA ALA F 91 -32.36 -26.97 1.32
C ALA F 91 -32.75 -25.72 0.52
N VAL F 92 -33.98 -25.28 0.72
CA VAL F 92 -34.56 -24.15 -0.01
C VAL F 92 -35.10 -23.15 1.00
N ARG F 93 -34.87 -21.87 0.72
CA ARG F 93 -35.36 -20.77 1.54
C ARG F 93 -36.58 -20.13 0.88
N VAL F 94 -37.58 -19.82 1.69
CA VAL F 94 -38.85 -19.31 1.20
C VAL F 94 -38.88 -17.79 1.37
N VAL F 95 -39.82 -17.14 0.70
CA VAL F 95 -39.98 -15.69 0.79
C VAL F 95 -40.71 -15.34 2.08
N THR F 96 -40.16 -14.37 2.81
CA THR F 96 -40.77 -13.91 4.06
C THR F 96 -40.35 -12.47 4.28
N SER F 97 -41.20 -11.70 4.97
CA SER F 97 -40.91 -10.31 5.29
C SER F 97 -39.57 -10.19 5.99
N GLY F 98 -38.61 -9.54 5.35
CA GLY F 98 -37.25 -9.46 5.81
C GLY F 98 -36.38 -10.62 5.37
N GLY F 99 -36.99 -11.67 4.81
CA GLY F 99 -36.27 -12.84 4.38
C GLY F 99 -36.42 -14.00 5.34
N SER F 100 -36.69 -15.20 4.81
CA SER F 100 -36.77 -16.38 5.66
C SER F 100 -35.46 -17.11 5.80
N TYR F 101 -34.48 -16.85 4.91
CA TYR F 101 -33.13 -17.42 4.99
C TYR F 101 -33.07 -18.88 5.44
N PRO F 103 -31.54 -24.74 7.43
CA PRO F 103 -31.67 -25.35 6.11
C PRO F 103 -32.69 -26.47 6.06
N THR F 104 -33.92 -26.15 5.66
CA THR F 104 -34.98 -27.16 5.62
C THR F 104 -34.72 -28.11 4.46
N PHE F 105 -33.94 -29.15 4.72
CA PHE F 105 -33.49 -30.06 3.67
C PHE F 105 -34.05 -31.47 3.85
N GLY F 106 -33.84 -32.09 5.00
CA GLY F 106 -34.17 -33.47 5.24
C GLY F 106 -32.97 -34.20 5.78
N ARG F 107 -32.98 -35.52 5.66
CA ARG F 107 -31.87 -36.32 6.13
C ARG F 107 -30.71 -36.36 5.16
N GLY F 108 -30.88 -35.85 3.94
CA GLY F 108 -29.79 -35.88 2.98
C GLY F 108 -29.41 -37.30 2.62
N THR F 109 -28.12 -37.52 2.37
CA THR F 109 -27.64 -38.83 2.00
C THR F 109 -26.16 -38.94 2.37
N SER F 110 -25.67 -40.17 2.44
CA SER F 110 -24.30 -40.45 2.83
C SER F 110 -23.57 -41.11 1.68
N LEU F 111 -22.32 -40.69 1.46
CA LEU F 111 -21.46 -41.27 0.44
C LEU F 111 -20.35 -42.08 1.09
N ILE F 112 -20.12 -43.28 0.59
CA ILE F 112 -19.00 -44.11 1.01
C ILE F 112 -18.18 -44.44 -0.23
N VAL F 113 -16.86 -44.26 -0.12
CA VAL F 113 -15.99 -44.11 -1.28
C VAL F 113 -15.02 -45.29 -1.31
N HIS F 114 -15.53 -46.50 -1.01
CA HIS F 114 -14.73 -47.72 -0.97
C HIS F 114 -13.69 -47.74 -2.08
N PRO F 115 -12.40 -47.76 -1.76
CA PRO F 115 -11.37 -47.82 -2.80
C PRO F 115 -11.08 -49.27 -3.21
N TYR F 116 -10.60 -49.42 -4.44
CA TYR F 116 -10.25 -50.76 -4.93
C TYR F 116 -9.11 -50.62 -5.93
N ILE F 117 -7.87 -50.74 -5.43
CA ILE F 117 -6.67 -50.90 -6.26
C ILE F 117 -5.69 -51.76 -5.46
N GLN F 118 -4.56 -52.07 -6.10
CA GLN F 118 -3.37 -52.59 -5.44
C GLN F 118 -3.66 -53.91 -4.70
N ASN F 119 -3.99 -54.92 -5.51
CA ASN F 119 -3.98 -56.35 -5.20
C ASN F 119 -4.29 -56.67 -3.74
N PRO F 120 -5.52 -56.43 -3.29
CA PRO F 120 -5.86 -56.68 -1.87
C PRO F 120 -5.52 -58.10 -1.45
N ASP F 121 -4.93 -58.21 -0.26
CA ASP F 121 -4.46 -59.49 0.26
C ASP F 121 -5.24 -59.85 1.52
N PRO F 122 -6.26 -60.70 1.42
CA PRO F 122 -7.05 -61.04 2.62
C PRO F 122 -6.19 -61.70 3.69
N ALA F 123 -6.54 -61.42 4.94
CA ALA F 123 -5.79 -61.94 6.08
C ALA F 123 -6.60 -61.71 7.35
N VAL F 124 -6.57 -62.68 8.25
CA VAL F 124 -7.21 -62.58 9.56
C VAL F 124 -6.13 -62.71 10.63
N TYR F 125 -6.24 -61.92 11.68
CA TYR F 125 -5.29 -61.93 12.79
C TYR F 125 -6.05 -61.81 14.10
N GLN F 126 -5.34 -62.06 15.19
CA GLN F 126 -5.89 -61.90 16.53
C GLN F 126 -4.87 -61.17 17.40
N LEU F 127 -5.34 -60.16 18.14
CA LEU F 127 -4.47 -59.26 18.88
C LEU F 127 -4.75 -59.34 20.37
N ARG F 128 -3.68 -59.34 21.17
CA ARG F 128 -3.75 -59.37 22.62
C ARG F 128 -3.33 -58.03 23.19
N ASP F 129 -3.57 -57.85 24.49
CA ASP F 129 -3.27 -56.62 25.20
C ASP F 129 -2.17 -56.82 26.24
N SER F 130 -1.90 -55.74 26.98
CA SER F 130 -1.01 -55.76 28.12
C SER F 130 -1.78 -56.19 29.36
N LYS F 131 -1.18 -55.99 30.54
CA LYS F 131 -1.70 -56.42 31.84
C LYS F 131 -2.37 -57.77 31.76
N SER F 132 -3.70 -57.80 31.86
CA SER F 132 -4.43 -59.06 31.72
C SER F 132 -4.45 -59.50 30.27
N SER F 133 -3.49 -60.34 29.89
CA SER F 133 -3.34 -60.76 28.50
C SER F 133 -4.45 -61.70 28.04
N ASP F 134 -5.27 -62.22 28.97
CA ASP F 134 -6.35 -63.11 28.57
C ASP F 134 -7.31 -62.42 27.61
N LYS F 135 -7.51 -61.11 27.77
CA LYS F 135 -8.31 -60.36 26.81
C LYS F 135 -7.59 -60.31 25.47
N SER F 136 -8.35 -60.53 24.40
CA SER F 136 -7.78 -60.54 23.06
C SER F 136 -8.87 -60.17 22.05
N VAL F 137 -8.44 -59.64 20.91
CA VAL F 137 -9.33 -59.29 19.82
C VAL F 137 -8.80 -59.88 18.53
N CYS F 138 -9.70 -60.15 17.61
CA CYS F 138 -9.35 -60.63 16.27
C CYS F 138 -9.30 -59.46 15.31
N LEU F 139 -8.56 -59.64 14.23
CA LEU F 139 -8.29 -58.58 13.27
C LEU F 139 -8.31 -59.14 11.86
N PHE F 140 -8.71 -58.32 10.90
CA PHE F 140 -8.68 -58.69 9.49
C PHE F 140 -7.67 -57.78 8.78
N THR F 141 -7.48 -58.00 7.48
CA THR F 141 -6.54 -57.18 6.72
C THR F 141 -6.85 -57.28 5.23
N ASP F 142 -7.01 -56.13 4.58
CA ASP F 142 -7.02 -56.00 3.11
C ASP F 142 -8.12 -56.85 2.48
N PHE F 143 -9.36 -56.46 2.75
CA PHE F 143 -10.51 -57.17 2.19
C PHE F 143 -10.89 -56.53 0.85
N ASP F 144 -12.03 -56.97 0.31
CA ASP F 144 -12.49 -56.55 -1.01
C ASP F 144 -13.15 -55.18 -0.92
N SER F 145 -13.90 -54.79 -1.95
CA SER F 145 -14.56 -53.51 -1.98
C SER F 145 -16.07 -53.62 -2.21
N GLN F 146 -16.64 -54.81 -2.02
CA GLN F 146 -18.06 -55.02 -2.25
C GLN F 146 -18.79 -55.63 -1.06
N THR F 147 -18.10 -56.24 -0.11
CA THR F 147 -18.74 -56.96 0.98
C THR F 147 -19.67 -56.05 1.77
N ASN F 148 -20.98 -56.33 1.70
CA ASN F 148 -21.97 -55.53 2.38
C ASN F 148 -22.64 -56.31 3.52
N ASP F 154 -25.97 -61.46 17.07
CA ASP F 154 -25.86 -61.93 18.44
C ASP F 154 -25.35 -60.82 19.36
N SER F 155 -25.48 -61.04 20.67
CA SER F 155 -25.05 -60.07 21.67
C SER F 155 -23.66 -60.37 22.22
N ASP F 156 -22.94 -61.34 21.66
CA ASP F 156 -21.62 -61.71 22.13
C ASP F 156 -20.66 -61.81 20.96
N VAL F 157 -19.38 -61.57 21.25
CA VAL F 157 -18.31 -61.61 20.25
C VAL F 157 -18.62 -60.65 19.12
N TYR F 158 -18.50 -59.35 19.37
CA TYR F 158 -18.76 -58.34 18.36
C TYR F 158 -17.54 -58.21 17.44
N ILE F 159 -17.74 -57.60 16.27
CA ILE F 159 -16.65 -57.48 15.33
C ILE F 159 -16.22 -56.03 15.11
N THR F 160 -17.05 -55.23 14.43
CA THR F 160 -16.83 -53.83 14.05
C THR F 160 -18.05 -53.28 13.34
N ASP F 161 -17.98 -52.02 12.94
CA ASP F 161 -18.82 -51.47 11.90
C ASP F 161 -18.00 -51.42 10.61
N LYS F 162 -18.53 -50.75 9.58
CA LYS F 162 -17.78 -50.59 8.34
C LYS F 162 -16.44 -49.93 8.62
N CYS F 163 -15.38 -50.44 8.00
CA CYS F 163 -14.02 -50.11 8.39
C CYS F 163 -13.17 -49.91 7.14
N VAL F 164 -12.94 -48.64 6.79
CA VAL F 164 -12.13 -48.27 5.63
C VAL F 164 -11.24 -47.09 6.03
N LEU F 165 -9.98 -47.14 5.63
CA LEU F 165 -9.03 -46.09 5.99
C LEU F 165 -8.25 -45.64 4.77
N ASP F 166 -7.45 -44.59 4.96
CA ASP F 166 -6.43 -44.18 4.02
C ASP F 166 -5.19 -43.75 4.79
N MET F 167 -4.01 -44.17 4.31
CA MET F 167 -2.75 -43.86 4.97
C MET F 167 -1.84 -43.15 3.97
N ARG F 168 -1.11 -42.14 4.48
CA ARG F 168 -0.48 -41.15 3.63
C ARG F 168 1.02 -41.38 3.44
N SER F 169 1.53 -42.56 3.76
CA SER F 169 2.96 -42.82 3.56
C SER F 169 3.27 -42.97 2.08
N MET F 170 2.69 -43.98 1.43
CA MET F 170 2.75 -44.14 -0.01
C MET F 170 1.36 -44.20 -0.62
N ASP F 171 0.38 -43.58 0.05
CA ASP F 171 -1.02 -43.57 -0.40
C ASP F 171 -1.61 -44.98 -0.47
N PHE F 172 -1.14 -45.87 0.40
CA PHE F 172 -1.64 -47.22 0.46
C PHE F 172 -2.94 -47.26 1.27
N LYS F 173 -3.49 -48.45 1.45
CA LYS F 173 -4.71 -48.63 2.22
C LYS F 173 -4.59 -49.88 3.08
N SER F 174 -5.36 -49.91 4.17
CA SER F 174 -5.34 -51.01 5.12
C SER F 174 -6.76 -51.37 5.52
N ASN F 175 -7.64 -51.50 4.52
CA ASN F 175 -9.02 -51.88 4.76
C ASN F 175 -9.09 -53.18 5.54
N SER F 176 -9.59 -53.12 6.76
CA SER F 176 -9.52 -54.26 7.66
C SER F 176 -10.81 -54.34 8.48
N ALA F 177 -10.80 -55.19 9.50
CA ALA F 177 -11.93 -55.34 10.40
C ALA F 177 -11.44 -56.00 11.69
N VAL F 178 -11.59 -55.30 12.81
CA VAL F 178 -11.23 -55.84 14.11
C VAL F 178 -12.37 -56.75 14.55
N ALA F 179 -12.14 -57.58 15.56
CA ALA F 179 -13.17 -58.48 16.07
C ALA F 179 -12.83 -58.82 17.52
N TRP F 180 -13.76 -58.56 18.43
CA TRP F 180 -13.51 -58.76 19.86
C TRP F 180 -14.57 -59.67 20.46
N SER F 181 -14.12 -60.67 21.20
CA SER F 181 -15.02 -61.64 21.82
C SER F 181 -15.79 -61.01 22.97
N ALA F 189 -11.88 -66.69 14.16
CA ALA F 189 -12.11 -67.83 13.28
C ALA F 189 -13.57 -67.89 12.84
N ASN F 190 -14.39 -68.58 13.63
CA ASN F 190 -15.80 -68.71 13.31
C ASN F 190 -16.59 -67.42 13.51
N ALA F 191 -15.98 -66.40 14.11
CA ALA F 191 -16.68 -65.13 14.31
C ALA F 191 -17.07 -64.49 12.98
N PHE F 192 -16.31 -64.76 11.92
CA PHE F 192 -16.63 -64.23 10.61
C PHE F 192 -17.70 -65.09 9.94
N ASN F 193 -18.80 -65.36 10.64
CA ASN F 193 -19.86 -66.18 10.09
C ASN F 193 -20.72 -65.42 9.09
N ASN F 194 -20.89 -64.12 9.30
CA ASN F 194 -21.62 -63.27 8.36
C ASN F 194 -20.74 -62.72 7.25
N SER F 195 -19.45 -63.09 7.24
CA SER F 195 -18.50 -62.60 6.25
C SER F 195 -18.33 -63.62 5.14
N ILE F 196 -18.00 -63.12 3.95
CA ILE F 196 -17.91 -63.94 2.75
C ILE F 196 -16.45 -63.91 2.27
N ILE F 197 -15.53 -63.85 3.22
CA ILE F 197 -14.09 -63.75 2.97
C ILE F 197 -13.66 -64.81 1.94
N PRO F 198 -12.74 -64.47 1.04
CA PRO F 198 -12.38 -65.42 -0.02
C PRO F 198 -11.54 -66.58 0.51
N GLU F 199 -11.37 -67.58 -0.35
CA GLU F 199 -10.63 -68.77 0.03
C GLU F 199 -9.13 -68.52 0.18
N ASP F 200 -8.60 -67.47 -0.45
CA ASP F 200 -7.17 -67.17 -0.40
C ASP F 200 -6.81 -66.31 0.81
N THR F 201 -7.64 -66.32 1.85
CA THR F 201 -7.36 -65.54 3.05
C THR F 201 -6.14 -66.09 3.76
N PHE F 202 -5.29 -65.18 4.27
CA PHE F 202 -4.09 -65.55 5.00
C PHE F 202 -4.39 -65.94 6.45
N PHE F 203 -5.66 -66.21 6.78
CA PHE F 203 -6.08 -66.63 8.11
C PHE F 203 -5.29 -67.85 8.57
N PRO F 204 -4.44 -67.71 9.58
CA PRO F 204 -3.59 -68.83 10.02
C PRO F 204 -4.18 -69.68 11.14
N SER F 205 -5.30 -69.27 11.72
CA SER F 205 -5.92 -70.00 12.83
C SER F 205 -4.95 -70.22 13.98
N GLY G 1 -14.08 -17.82 14.19
CA GLY G 1 -14.71 -18.96 14.84
C GLY G 1 -16.12 -18.70 15.32
N VAL G 2 -16.97 -19.71 15.17
CA VAL G 2 -18.38 -19.62 15.54
C VAL G 2 -18.48 -20.32 16.89
N THR G 3 -17.37 -20.29 17.63
CA THR G 3 -17.14 -21.11 18.82
C THR G 3 -18.38 -21.27 19.68
N GLN G 4 -18.57 -22.49 20.15
CA GLN G 4 -19.68 -22.89 21.01
C GLN G 4 -19.16 -23.16 22.41
N THR G 5 -20.10 -23.30 23.34
CA THR G 5 -19.79 -23.73 24.70
C THR G 5 -21.10 -24.11 25.39
N PRO G 6 -21.18 -25.30 26.01
CA PRO G 6 -20.11 -26.31 25.95
C PRO G 6 -20.21 -27.17 24.70
N ARG G 7 -19.11 -27.86 24.35
CA ARG G 7 -19.14 -28.77 23.23
C ARG G 7 -19.82 -30.09 23.55
N TYR G 8 -20.06 -30.38 24.83
CA TYR G 8 -20.61 -31.66 25.23
C TYR G 8 -21.28 -31.49 26.59
N LEU G 9 -22.53 -31.94 26.71
CA LEU G 9 -23.27 -31.77 27.95
C LEU G 9 -24.23 -32.93 28.16
N ILE G 10 -24.53 -33.22 29.42
CA ILE G 10 -25.46 -34.27 29.80
C ILE G 10 -26.38 -33.72 30.88
N LYS G 11 -27.68 -33.99 30.74
CA LYS G 11 -28.65 -33.53 31.73
C LYS G 11 -29.73 -34.59 31.89
N THR G 12 -30.31 -34.65 33.09
CA THR G 12 -31.41 -35.55 33.36
C THR G 12 -32.73 -34.88 32.98
N ARG G 13 -33.84 -35.52 33.33
CA ARG G 13 -35.15 -35.14 32.82
C ARG G 13 -35.68 -33.93 33.59
N GLY G 14 -36.09 -32.89 32.85
CA GLY G 14 -36.92 -31.85 33.43
C GLY G 14 -36.40 -30.43 33.45
N GLN G 15 -35.13 -30.23 33.80
CA GLN G 15 -34.66 -28.89 34.11
C GLN G 15 -34.12 -28.19 32.86
N GLN G 16 -33.59 -26.99 33.07
CA GLN G 16 -33.19 -26.08 32.01
C GLN G 16 -31.70 -26.18 31.72
N VAL G 17 -31.33 -25.76 30.51
CA VAL G 17 -29.96 -25.86 30.03
C VAL G 17 -29.49 -24.49 29.57
N THR G 18 -28.19 -24.24 29.69
CA THR G 18 -27.57 -22.99 29.27
C THR G 18 -26.48 -23.33 28.25
N LEU G 19 -26.75 -23.04 26.98
CA LEU G 19 -25.82 -23.34 25.89
C LEU G 19 -25.51 -22.03 25.17
N SER G 20 -24.25 -21.84 24.82
CA SER G 20 -23.79 -20.57 24.27
C SER G 20 -23.27 -20.75 22.85
N CYS G 21 -23.60 -19.77 22.00
CA CYS G 21 -23.05 -19.68 20.65
C CYS G 21 -22.39 -18.32 20.50
N SER G 22 -21.13 -18.32 20.06
CA SER G 22 -20.38 -17.09 19.89
C SER G 22 -20.14 -16.83 18.42
N PRO G 23 -20.67 -15.74 17.85
CA PRO G 23 -20.42 -15.45 16.43
C PRO G 23 -18.99 -15.00 16.21
N ILE G 24 -18.59 -15.01 14.94
CA ILE G 24 -17.24 -14.61 14.58
C ILE G 24 -17.01 -13.14 14.89
N SER G 25 -17.91 -12.28 14.41
CA SER G 25 -17.72 -10.83 14.50
C SER G 25 -19.09 -10.18 14.36
N GLY G 26 -19.09 -8.88 14.08
CA GLY G 26 -20.31 -8.13 13.84
C GLY G 26 -21.26 -8.85 12.90
N HIS G 27 -22.42 -9.21 13.44
CA HIS G 27 -23.45 -9.95 12.72
C HIS G 27 -24.78 -9.63 13.36
N ARG G 28 -25.86 -9.99 12.68
CA ARG G 28 -27.20 -9.78 13.23
C ARG G 28 -28.05 -11.05 13.26
N SER G 29 -27.82 -11.98 12.34
CA SER G 29 -28.64 -13.18 12.23
C SER G 29 -27.90 -14.37 12.83
N VAL G 30 -28.53 -15.05 13.78
CA VAL G 30 -27.96 -16.23 14.43
C VAL G 30 -29.08 -17.25 14.56
N SER G 31 -29.00 -18.35 13.82
CA SER G 31 -30.08 -19.32 13.74
C SER G 31 -29.96 -20.40 14.81
N TRP G 32 -30.98 -21.25 14.85
CA TRP G 32 -31.03 -22.37 15.79
C TRP G 32 -31.79 -23.52 15.14
N TYR G 33 -31.27 -24.73 15.32
CA TYR G 33 -31.88 -25.92 14.73
C TYR G 33 -31.67 -27.10 15.66
N GLN G 34 -31.94 -28.30 15.15
CA GLN G 34 -31.76 -29.53 15.91
C GLN G 34 -31.46 -30.64 14.91
N GLN G 35 -30.18 -30.94 14.72
CA GLN G 35 -29.75 -31.93 13.72
C GLN G 35 -29.79 -33.34 14.28
N THR G 36 -30.92 -33.72 14.84
CA THR G 36 -31.09 -35.08 15.33
C THR G 36 -31.48 -36.00 14.18
N PRO G 37 -31.14 -37.29 14.27
CA PRO G 37 -31.65 -38.25 13.28
C PRO G 37 -33.17 -38.30 13.22
N GLY G 38 -33.86 -38.06 14.34
CA GLY G 38 -35.30 -38.10 14.36
C GLY G 38 -35.93 -36.80 13.87
N GLN G 39 -37.26 -36.85 13.71
CA GLN G 39 -38.11 -35.75 13.27
C GLN G 39 -37.43 -34.84 12.24
N GLY G 40 -37.52 -33.52 12.45
CA GLY G 40 -36.94 -32.57 11.52
C GLY G 40 -36.33 -31.39 12.25
N LEU G 41 -35.65 -30.55 11.47
CA LEU G 41 -35.00 -29.37 12.05
C LEU G 41 -36.02 -28.40 12.63
N GLN G 42 -37.12 -28.17 11.91
CA GLN G 42 -38.27 -27.40 12.37
C GLN G 42 -37.98 -25.90 12.46
N PHE G 43 -36.73 -25.50 12.27
CA PHE G 43 -36.33 -24.10 12.29
C PHE G 43 -36.78 -23.44 13.60
N LEU G 44 -36.17 -23.89 14.68
CA LEU G 44 -36.59 -23.60 16.04
C LEU G 44 -36.96 -22.13 16.27
N PHE G 45 -35.99 -21.22 16.16
CA PHE G 45 -36.25 -19.81 16.40
C PHE G 45 -35.00 -19.02 16.04
N GLU G 46 -35.16 -17.69 16.01
CA GLU G 46 -34.07 -16.76 15.79
C GLU G 46 -34.57 -15.34 16.04
N TYR G 47 -33.69 -14.49 16.55
CA TYR G 47 -34.03 -13.11 16.87
C TYR G 47 -33.44 -12.18 15.81
N PHE G 48 -34.27 -11.25 15.32
CA PHE G 48 -33.86 -10.24 14.36
C PHE G 48 -33.76 -8.90 15.08
N SER G 49 -32.54 -8.38 15.20
CA SER G 49 -32.27 -7.14 15.90
C SER G 49 -32.89 -7.15 17.31
N GLU G 50 -32.46 -8.15 18.09
CA GLU G 50 -32.96 -8.37 19.44
C GLU G 50 -34.47 -8.61 19.45
N THR G 51 -34.99 -9.23 18.40
CA THR G 51 -36.41 -9.55 18.33
C THR G 51 -36.64 -10.88 17.60
N GLN G 66 -30.46 -13.61 22.05
CA GLN G 66 -29.18 -12.98 21.74
C GLN G 66 -29.00 -11.67 22.50
N PHE G 67 -27.76 -11.23 22.62
CA PHE G 67 -27.43 -9.95 23.24
C PHE G 67 -27.01 -8.94 22.16
N SER G 68 -26.74 -7.72 22.62
CA SER G 68 -26.41 -6.64 21.70
C SER G 68 -25.13 -6.93 20.93
N ASN G 69 -24.13 -7.51 21.61
CA ASN G 69 -22.87 -7.88 20.99
C ASN G 69 -22.96 -9.17 20.19
N SER G 70 -24.16 -9.62 19.86
CA SER G 70 -24.51 -10.75 19.00
C SER G 70 -24.35 -12.09 19.70
N ARG G 71 -23.86 -12.14 20.94
CA ARG G 71 -23.78 -13.41 21.64
C ARG G 71 -25.17 -13.99 21.85
N SER G 72 -25.28 -15.31 21.73
CA SER G 72 -26.57 -15.99 21.79
C SER G 72 -26.50 -17.15 22.76
N GLU G 73 -27.55 -17.30 23.57
CA GLU G 73 -27.67 -18.36 24.56
C GLU G 73 -29.00 -19.07 24.37
N MET G 74 -29.05 -20.33 24.79
CA MET G 74 -30.30 -21.09 24.75
C MET G 74 -30.73 -21.51 26.15
N ASN G 75 -32.04 -21.48 26.37
CA ASN G 75 -32.65 -21.93 27.62
C ASN G 75 -33.81 -22.85 27.25
N VAL G 76 -33.64 -24.14 27.48
CA VAL G 76 -34.69 -25.13 27.26
C VAL G 76 -35.18 -25.55 28.64
N SER G 77 -36.24 -24.91 29.11
CA SER G 77 -36.68 -25.07 30.50
C SER G 77 -37.08 -26.50 30.80
N THR G 78 -37.83 -27.15 29.90
CA THR G 78 -38.33 -28.50 30.11
C THR G 78 -37.78 -29.40 29.02
N LEU G 79 -37.22 -30.53 29.43
CA LEU G 79 -36.70 -31.54 28.51
C LEU G 79 -37.65 -32.73 28.42
N GLU G 80 -37.70 -33.33 27.24
CA GLU G 80 -38.54 -34.48 26.95
C GLU G 80 -37.71 -35.62 26.40
N LEU G 81 -36.62 -35.93 27.10
CA LEU G 81 -35.70 -37.01 26.75
C LEU G 81 -34.98 -36.75 25.44
N GLY G 82 -35.38 -37.45 24.37
CA GLY G 82 -34.65 -37.38 23.11
C GLY G 82 -34.70 -36.04 22.43
N ASP G 83 -35.56 -35.13 22.89
CA ASP G 83 -35.73 -33.84 22.22
C ASP G 83 -34.46 -33.00 22.24
N SER G 84 -33.50 -33.33 23.10
CA SER G 84 -32.22 -32.64 23.17
C SER G 84 -31.14 -33.61 22.70
N ALA G 85 -30.81 -33.54 21.40
CA ALA G 85 -29.81 -34.42 20.81
C ALA G 85 -28.58 -33.68 20.30
N LEU G 86 -28.77 -32.72 19.40
CA LEU G 86 -27.65 -32.00 18.80
C LEU G 86 -28.18 -30.69 18.21
N TYR G 87 -27.72 -29.56 18.74
CA TYR G 87 -28.25 -28.25 18.39
C TYR G 87 -27.17 -27.41 17.74
N LEU G 88 -27.57 -26.58 16.77
CA LEU G 88 -26.66 -25.81 15.95
C LEU G 88 -27.09 -24.35 15.90
N CYS G 89 -26.10 -23.46 15.73
CA CYS G 89 -26.35 -22.04 15.55
C CYS G 89 -25.69 -21.55 14.27
N ALA G 90 -26.17 -20.42 13.77
CA ALA G 90 -25.68 -19.82 12.54
C ALA G 90 -25.16 -18.42 12.80
N SER G 91 -24.61 -17.81 11.74
CA SER G 91 -24.11 -16.44 11.80
C SER G 91 -24.09 -15.86 10.40
N SER G 92 -24.79 -14.74 10.21
CA SER G 92 -24.82 -14.08 8.92
C SER G 92 -25.13 -12.60 9.13
N LEU G 93 -24.75 -11.80 8.14
CA LEU G 93 -24.91 -10.36 8.26
C LEU G 93 -26.37 -9.95 8.40
N ALA G 94 -27.22 -10.42 7.48
CA ALA G 94 -28.63 -10.04 7.51
C ALA G 94 -29.60 -11.17 7.22
N GLY G 95 -29.13 -12.33 6.79
CA GLY G 95 -30.05 -13.40 6.40
C GLY G 95 -30.85 -13.05 5.16
N ASP G 96 -30.25 -12.36 4.20
CA ASP G 96 -30.94 -11.99 2.98
C ASP G 96 -31.16 -13.22 2.10
N LEU G 97 -31.93 -13.03 1.03
CA LEU G 97 -32.26 -14.14 0.16
C LEU G 97 -31.03 -14.74 -0.51
N GLY G 98 -30.10 -13.89 -0.95
CA GLY G 98 -28.91 -14.32 -1.63
C GLY G 98 -27.69 -14.52 -0.75
N THR G 99 -27.86 -14.60 0.57
CA THR G 99 -26.74 -14.72 1.48
C THR G 99 -26.85 -16.00 2.30
N GLU G 100 -25.70 -16.51 2.72
CA GLU G 100 -25.57 -17.74 3.48
C GLU G 100 -25.16 -17.44 4.91
N ALA G 101 -25.10 -18.49 5.73
CA ALA G 101 -24.73 -18.36 7.13
C ALA G 101 -23.77 -19.48 7.52
N PHE G 102 -22.65 -19.11 8.13
CA PHE G 102 -21.76 -20.11 8.71
C PHE G 102 -22.41 -20.76 9.91
N PHE G 103 -22.09 -22.03 10.13
CA PHE G 103 -22.68 -22.80 11.21
C PHE G 103 -21.62 -23.18 12.23
N GLY G 104 -22.00 -23.16 13.51
CA GLY G 104 -21.10 -23.53 14.57
C GLY G 104 -21.00 -25.03 14.77
N GLN G 105 -19.94 -25.46 15.44
CA GLN G 105 -19.70 -26.88 15.63
C GLN G 105 -20.75 -27.54 16.52
N GLY G 106 -21.75 -26.80 16.98
CA GLY G 106 -22.88 -27.38 17.65
C GLY G 106 -22.61 -27.73 19.09
N THR G 107 -23.60 -28.39 19.69
CA THR G 107 -23.61 -28.74 21.11
C THR G 107 -24.03 -30.20 21.27
N ARG G 108 -23.36 -31.10 20.56
CA ARG G 108 -23.61 -32.53 20.66
C ARG G 108 -23.70 -32.96 22.13
N LEU G 109 -24.89 -33.38 22.56
CA LEU G 109 -25.17 -33.57 23.98
C LEU G 109 -26.00 -34.84 24.22
N THR G 110 -25.62 -35.95 23.58
CA THR G 110 -26.30 -37.22 23.77
C THR G 110 -26.61 -37.48 25.23
N VAL G 111 -27.89 -37.74 25.52
CA VAL G 111 -28.45 -37.68 26.86
C VAL G 111 -28.53 -39.09 27.45
N VAL G 112 -28.48 -39.16 28.77
CA VAL G 112 -28.63 -40.41 29.50
C VAL G 112 -30.06 -40.53 30.00
N GLU G 113 -30.42 -41.73 30.45
CA GLU G 113 -31.72 -41.92 31.09
C GLU G 113 -31.77 -41.19 32.44
N ASP G 114 -30.89 -41.56 33.35
CA ASP G 114 -30.78 -40.91 34.65
C ASP G 114 -29.30 -40.79 35.02
N LEU G 115 -29.04 -40.17 36.17
CA LEU G 115 -27.67 -40.09 36.65
C LEU G 115 -27.10 -41.46 37.01
N LYS G 116 -27.96 -42.45 37.24
CA LYS G 116 -27.50 -43.74 37.75
C LYS G 116 -26.61 -44.46 36.73
N ASN G 117 -27.03 -44.49 35.47
CA ASN G 117 -26.38 -45.31 34.45
C ASN G 117 -25.38 -44.53 33.62
N VAL G 118 -24.72 -43.52 34.20
CA VAL G 118 -23.68 -42.77 33.51
C VAL G 118 -22.36 -43.47 33.83
N PHE G 119 -21.80 -44.17 32.85
CA PHE G 119 -20.69 -45.07 33.15
C PHE G 119 -19.40 -44.60 32.49
N PRO G 120 -18.26 -44.81 33.15
CA PRO G 120 -16.97 -44.46 32.56
C PRO G 120 -16.55 -45.50 31.53
N PRO G 121 -15.55 -45.20 30.71
CA PRO G 121 -15.12 -46.15 29.68
C PRO G 121 -14.00 -47.06 30.13
N GLU G 122 -14.05 -48.29 29.63
CA GLU G 122 -12.99 -49.27 29.86
C GLU G 122 -12.15 -49.38 28.60
N VAL G 123 -10.84 -49.29 28.77
CA VAL G 123 -9.91 -49.17 27.65
C VAL G 123 -8.93 -50.33 27.67
N ALA G 124 -8.46 -50.73 26.49
CA ALA G 124 -7.46 -51.77 26.37
C ALA G 124 -6.73 -51.57 25.05
N VAL G 125 -5.41 -51.42 25.11
CA VAL G 125 -4.60 -51.30 23.91
C VAL G 125 -4.22 -52.68 23.43
N PHE G 126 -4.54 -52.98 22.18
CA PHE G 126 -4.36 -54.30 21.60
C PHE G 126 -3.25 -54.21 20.56
N GLU G 127 -2.05 -54.65 20.96
CA GLU G 127 -0.86 -54.50 20.14
C GLU G 127 -0.92 -55.40 18.92
N PRO G 128 -0.14 -55.10 17.88
CA PRO G 128 -0.10 -55.97 16.71
C PRO G 128 0.48 -57.34 17.06
N SER G 129 -0.02 -58.36 16.38
CA SER G 129 0.52 -59.70 16.51
C SER G 129 1.71 -59.88 15.58
N GLU G 130 2.53 -60.88 15.89
CA GLU G 130 3.70 -61.15 15.07
C GLU G 130 3.32 -61.53 13.64
N ALA G 131 2.08 -62.00 13.43
CA ALA G 131 1.65 -62.37 12.09
C ALA G 131 1.49 -61.14 11.21
N GLU G 132 0.94 -60.06 11.75
CA GLU G 132 0.75 -58.83 10.99
C GLU G 132 1.70 -57.74 11.45
N SER G 134 4.71 -60.22 10.26
CA SER G 134 6.14 -60.50 10.15
C SER G 134 6.66 -60.19 8.75
N HIS G 135 5.74 -60.12 7.79
CA HIS G 135 6.10 -59.89 6.40
C HIS G 135 5.25 -58.85 5.70
N THR G 136 4.17 -58.37 6.32
CA THR G 136 3.28 -57.44 5.66
C THR G 136 3.78 -56.00 5.66
N GLN G 137 4.80 -55.69 6.45
CA GLN G 137 5.30 -54.32 6.60
C GLN G 137 4.18 -53.37 7.00
N LYS G 138 3.41 -53.79 8.00
CA LYS G 138 2.23 -53.02 8.44
C LYS G 138 1.84 -53.49 9.82
N ALA G 139 1.79 -52.56 10.78
CA ALA G 139 1.38 -52.87 12.14
C ALA G 139 -0.08 -52.50 12.35
N THR G 140 -0.62 -52.86 13.52
CA THR G 140 -2.00 -52.56 13.85
C THR G 140 -2.17 -52.54 15.37
N LEU G 141 -2.28 -51.34 15.94
CA LEU G 141 -2.64 -51.18 17.34
C LEU G 141 -4.10 -50.80 17.45
N VAL G 142 -4.75 -51.23 18.53
CA VAL G 142 -6.19 -51.07 18.69
C VAL G 142 -6.50 -50.62 20.11
N CYS G 143 -7.38 -49.63 20.24
CA CYS G 143 -7.96 -49.26 21.53
C CYS G 143 -9.47 -49.43 21.45
N LEU G 144 -10.05 -49.97 22.51
CA LEU G 144 -11.49 -50.10 22.65
C LEU G 144 -11.97 -49.25 23.82
N ALA G 145 -13.25 -48.88 23.76
CA ALA G 145 -13.94 -48.22 24.86
C ALA G 145 -15.14 -49.10 25.20
N THR G 146 -14.91 -50.13 26.00
CA THR G 146 -15.94 -51.11 26.29
C THR G 146 -16.80 -50.62 27.44
N GLY G 147 -18.11 -50.54 27.21
CA GLY G 147 -19.05 -50.23 28.26
C GLY G 147 -19.10 -48.78 28.67
N PHE G 148 -19.53 -47.90 27.76
CA PHE G 148 -19.75 -46.50 28.10
C PHE G 148 -21.13 -46.08 27.63
N TYR G 149 -21.70 -45.11 28.33
CA TYR G 149 -22.98 -44.52 27.99
C TYR G 149 -23.06 -43.14 28.62
N PRO G 150 -23.44 -42.10 27.86
CA PRO G 150 -23.89 -42.15 26.47
C PRO G 150 -22.75 -42.09 25.47
N ASP G 151 -23.08 -41.74 24.22
CA ASP G 151 -22.07 -41.65 23.16
C ASP G 151 -21.55 -40.21 23.10
N HIS G 152 -20.60 -39.92 23.98
CA HIS G 152 -19.90 -38.64 23.99
C HIS G 152 -18.41 -38.77 23.75
N VAL G 153 -17.91 -39.97 23.47
CA VAL G 153 -16.47 -40.17 23.38
C VAL G 153 -15.89 -39.34 22.24
N GLU G 154 -14.68 -38.84 22.46
CA GLU G 154 -14.00 -37.98 21.49
C GLU G 154 -12.69 -38.63 21.06
N LEU G 155 -12.76 -39.92 20.71
CA LEU G 155 -11.59 -40.72 20.37
C LEU G 155 -10.63 -39.98 19.46
N SER G 156 -9.39 -39.83 19.93
CA SER G 156 -8.28 -39.52 19.04
C SER G 156 -7.11 -40.45 19.36
N TRP G 157 -5.95 -40.17 18.80
CA TRP G 157 -4.75 -40.95 19.05
C TRP G 157 -3.57 -40.03 19.35
N TRP G 158 -2.57 -40.62 20.02
CA TRP G 158 -1.34 -39.93 20.39
C TRP G 158 -0.15 -40.76 19.94
N VAL G 159 0.72 -40.16 19.14
CA VAL G 159 1.95 -40.80 18.68
C VAL G 159 3.12 -40.00 19.20
N ASN G 160 3.99 -40.66 19.97
CA ASN G 160 5.19 -40.11 20.60
C ASN G 160 4.93 -38.73 21.19
N GLY G 161 3.70 -38.49 21.66
CA GLY G 161 3.28 -37.23 22.21
C GLY G 161 2.59 -36.31 21.23
N LYS G 162 2.66 -36.60 19.94
CA LYS G 162 2.17 -35.69 18.91
C LYS G 162 0.89 -36.22 18.27
N GLU G 163 0.08 -35.29 17.76
CA GLU G 163 -1.14 -35.62 17.04
C GLU G 163 -0.82 -36.25 15.69
N VAL G 164 -1.69 -37.17 15.26
CA VAL G 164 -1.61 -37.75 13.93
C VAL G 164 -3.03 -37.86 13.37
N HIS G 165 -3.14 -37.93 12.04
CA HIS G 165 -4.41 -38.21 11.40
C HIS G 165 -4.24 -39.16 10.21
N SER G 166 -3.19 -39.97 10.21
CA SER G 166 -2.96 -40.97 9.19
C SER G 166 -2.93 -42.34 9.85
N GLY G 167 -3.77 -43.25 9.37
CA GLY G 167 -4.02 -44.50 10.05
C GLY G 167 -5.10 -44.42 11.11
N VAL G 168 -5.63 -43.23 11.38
CA VAL G 168 -6.65 -42.99 12.39
C VAL G 168 -8.03 -43.16 11.76
N CYS G 169 -8.95 -43.79 12.49
CA CYS G 169 -10.31 -43.95 11.99
C CYS G 169 -11.21 -44.26 13.18
N THR G 170 -12.51 -44.13 12.94
CA THR G 170 -13.53 -44.43 13.92
C THR G 170 -14.87 -44.50 13.21
N ASP G 171 -15.65 -45.54 13.46
CA ASP G 171 -16.94 -45.68 12.80
C ASP G 171 -17.89 -44.55 13.24
N PRO G 172 -18.76 -44.10 12.34
CA PRO G 172 -19.65 -42.98 12.68
C PRO G 172 -20.72 -43.34 13.69
N GLN G 173 -20.89 -44.61 14.01
CA GLN G 173 -21.90 -45.04 14.97
C GLN G 173 -21.37 -46.23 15.76
N PRO G 174 -21.06 -46.05 17.05
CA PRO G 174 -20.61 -47.19 17.85
C PRO G 174 -21.64 -48.30 17.87
N LEU G 175 -21.16 -49.54 17.81
CA LEU G 175 -22.07 -50.67 17.87
C LEU G 175 -22.65 -50.78 19.28
N LYS G 176 -23.97 -50.87 19.34
CA LYS G 176 -24.69 -50.85 20.59
C LYS G 176 -24.77 -52.25 21.21
N GLU G 177 -24.95 -52.27 22.54
CA GLU G 177 -24.95 -53.50 23.32
C GLU G 177 -26.27 -54.23 23.17
N GLN G 178 -26.56 -55.17 24.05
CA GLN G 178 -27.87 -55.80 24.04
C GLN G 178 -28.95 -54.72 24.11
N PRO G 179 -30.02 -54.82 23.32
CA PRO G 179 -30.90 -53.66 23.13
C PRO G 179 -31.54 -53.14 24.41
N ALA G 180 -31.87 -54.02 25.34
CA ALA G 180 -32.60 -53.65 26.57
C ALA G 180 -33.89 -52.94 26.13
N LEU G 181 -34.29 -51.87 26.80
CA LEU G 181 -35.49 -51.12 26.43
C LEU G 181 -35.16 -49.74 25.91
N ASN G 182 -34.45 -48.92 26.70
CA ASN G 182 -34.12 -47.56 26.28
C ASN G 182 -32.69 -47.17 26.62
N ASP G 183 -31.81 -48.12 26.93
CA ASP G 183 -30.45 -47.80 27.27
C ASP G 183 -29.55 -48.99 26.95
N SER G 184 -28.26 -48.71 26.82
CA SER G 184 -27.25 -49.71 26.52
C SER G 184 -25.89 -49.06 26.70
N ARG G 185 -24.84 -49.81 26.36
CA ARG G 185 -23.48 -49.30 26.31
C ARG G 185 -22.96 -49.39 24.88
N TYR G 186 -21.70 -49.01 24.69
CA TYR G 186 -21.11 -49.01 23.36
C TYR G 186 -19.65 -49.41 23.47
N ALA G 187 -19.06 -49.74 22.31
CA ALA G 187 -17.66 -50.11 22.22
C ALA G 187 -16.83 -49.06 21.49
N LEU G 188 -17.22 -48.70 20.27
CA LEU G 188 -16.66 -47.56 19.55
C LEU G 188 -15.14 -47.65 19.49
N SER G 189 -14.66 -48.66 18.75
CA SER G 189 -13.23 -48.90 18.73
C SER G 189 -12.55 -48.06 17.64
N SER G 190 -11.24 -47.94 17.77
CA SER G 190 -10.40 -47.32 16.77
C SER G 190 -9.11 -48.11 16.68
N ARG G 191 -8.43 -48.00 15.54
CA ARG G 191 -7.16 -48.69 15.38
C ARG G 191 -6.27 -47.93 14.40
N LEU G 192 -4.99 -48.26 14.44
CA LEU G 192 -3.97 -47.50 13.75
C LEU G 192 -3.12 -48.46 12.92
N ARG G 193 -2.50 -47.93 11.87
CA ARG G 193 -1.76 -48.74 10.91
C ARG G 193 -0.40 -48.14 10.62
N VAL G 194 0.36 -47.80 11.67
CA VAL G 194 1.72 -47.36 11.44
C VAL G 194 2.54 -48.49 10.83
N SER G 195 3.67 -48.13 10.25
CA SER G 195 4.51 -49.11 9.57
C SER G 195 4.99 -50.18 10.54
N ALA G 196 5.37 -51.33 10.00
CA ALA G 196 5.88 -52.40 10.85
C ALA G 196 7.14 -51.96 11.59
N THR G 197 8.04 -51.27 10.90
CA THR G 197 9.23 -50.74 11.56
C THR G 197 8.87 -49.71 12.61
N PHE G 198 7.72 -49.04 12.46
CA PHE G 198 7.29 -48.08 13.45
C PHE G 198 6.97 -48.76 14.78
N TRP G 199 6.36 -49.94 14.72
CA TRP G 199 5.97 -50.63 15.95
C TRP G 199 7.12 -51.45 16.52
N GLN G 200 8.03 -51.94 15.66
CA GLN G 200 9.16 -52.72 16.15
C GLN G 200 10.06 -51.87 17.05
N ASN G 201 10.20 -50.60 16.72
CA ASN G 201 10.94 -49.69 17.58
C ASN G 201 10.23 -49.60 18.94
N PRO G 202 10.96 -49.65 20.05
CA PRO G 202 10.33 -49.59 21.38
C PRO G 202 10.01 -48.19 21.88
N ARG G 203 10.51 -47.14 21.24
CA ARG G 203 10.25 -45.77 21.66
C ARG G 203 9.12 -45.19 20.80
N ASN G 204 7.93 -45.79 20.94
CA ASN G 204 6.79 -45.38 20.13
C ASN G 204 5.50 -45.35 20.95
N HIS G 205 5.55 -44.75 22.14
CA HIS G 205 4.42 -44.79 23.06
C HIS G 205 3.16 -44.24 22.39
N PHE G 206 2.08 -45.03 22.46
CA PHE G 206 0.77 -44.65 21.97
C PHE G 206 -0.20 -44.62 23.13
N ARG G 207 -1.24 -43.81 23.02
CA ARG G 207 -2.18 -43.70 24.12
C ARG G 207 -3.53 -43.17 23.64
N CYS G 208 -4.55 -44.02 23.68
CA CYS G 208 -5.89 -43.67 23.21
C CYS G 208 -6.45 -42.53 24.05
N GLN G 209 -7.46 -41.86 23.49
CA GLN G 209 -7.94 -40.57 23.98
C GLN G 209 -9.45 -40.64 24.21
N VAL G 210 -9.87 -41.60 25.02
CA VAL G 210 -11.28 -41.95 25.18
C VAL G 210 -11.89 -40.92 26.13
N GLN G 211 -11.16 -39.82 26.35
CA GLN G 211 -11.55 -38.72 27.23
C GLN G 211 -13.03 -38.37 27.08
N PHE G 212 -13.77 -38.47 28.18
CA PHE G 212 -15.16 -38.08 28.18
C PHE G 212 -15.31 -36.57 28.19
N TYR G 213 -16.17 -36.07 27.33
CA TYR G 213 -16.66 -34.70 27.38
C TYR G 213 -18.17 -34.77 27.54
N GLY G 214 -18.73 -34.01 28.49
CA GLY G 214 -20.18 -33.97 28.57
C GLY G 214 -20.84 -33.91 29.93
N LEU G 215 -20.09 -33.93 31.02
CA LEU G 215 -20.75 -33.85 32.32
C LEU G 215 -19.78 -33.28 33.35
N SER G 216 -20.31 -32.48 34.27
CA SER G 216 -19.53 -31.80 35.29
C SER G 216 -19.98 -32.23 36.67
N GLU G 217 -19.42 -31.57 37.69
CA GLU G 217 -19.66 -31.94 39.08
C GLU G 217 -20.98 -31.40 39.63
N ASN G 218 -21.64 -30.48 38.92
CA ASN G 218 -22.89 -29.88 39.41
C ASN G 218 -24.02 -30.88 39.24
N ASP G 219 -23.93 -31.97 40.01
CA ASP G 219 -24.90 -33.04 39.95
C ASP G 219 -25.20 -33.51 41.37
N GLU G 220 -26.40 -34.07 41.54
CA GLU G 220 -26.84 -34.62 42.82
C GLU G 220 -26.65 -36.12 42.89
N TRP G 221 -25.59 -36.64 42.27
CA TRP G 221 -25.30 -38.06 42.31
C TRP G 221 -24.98 -38.50 43.73
N THR G 222 -25.55 -39.64 44.14
CA THR G 222 -25.36 -40.13 45.49
C THR G 222 -25.11 -41.63 45.58
N GLN G 223 -25.12 -42.36 44.46
CA GLN G 223 -24.93 -43.79 44.53
C GLN G 223 -23.48 -44.13 44.87
N ASP G 224 -23.27 -45.40 45.24
CA ASP G 224 -21.95 -45.83 45.70
C ASP G 224 -20.89 -45.71 44.61
N ARG G 225 -21.31 -45.74 43.34
CA ARG G 225 -20.35 -45.67 42.25
C ARG G 225 -19.76 -44.27 42.15
N ALA G 226 -18.77 -44.13 41.27
CA ALA G 226 -18.05 -42.87 41.14
C ALA G 226 -18.95 -41.76 40.63
N LYS G 227 -18.62 -40.53 41.01
CA LYS G 227 -19.36 -39.37 40.55
C LYS G 227 -19.26 -39.25 39.03
N PRO G 228 -20.37 -39.06 38.33
CA PRO G 228 -20.32 -38.90 36.86
C PRO G 228 -19.98 -37.46 36.49
N VAL G 229 -18.77 -37.26 35.98
CA VAL G 229 -18.27 -35.98 35.52
C VAL G 229 -17.46 -36.20 34.26
N THR G 230 -16.92 -35.12 33.70
CA THR G 230 -15.88 -35.27 32.70
C THR G 230 -14.64 -35.86 33.37
N GLN G 231 -14.08 -36.88 32.75
CA GLN G 231 -13.02 -37.67 33.38
C GLN G 231 -11.86 -37.86 32.42
N ILE G 232 -10.66 -37.97 32.99
CA ILE G 232 -9.47 -38.15 32.18
C ILE G 232 -9.08 -39.63 32.19
N VAL G 233 -9.63 -40.38 31.24
CA VAL G 233 -9.21 -41.75 31.00
C VAL G 233 -8.06 -41.71 29.99
N SER G 234 -7.34 -42.81 29.86
CA SER G 234 -6.16 -42.83 29.01
C SER G 234 -5.92 -44.27 28.57
N ALA G 235 -4.72 -44.53 28.05
CA ALA G 235 -4.32 -45.85 27.61
C ALA G 235 -2.81 -45.94 27.77
N GLU G 236 -2.19 -46.94 27.14
CA GLU G 236 -0.74 -47.06 27.18
C GLU G 236 -0.27 -48.00 26.09
N ALA G 237 0.92 -47.72 25.57
CA ALA G 237 1.54 -48.57 24.57
C ALA G 237 3.01 -48.19 24.49
N TRP G 238 3.80 -49.09 23.91
CA TRP G 238 5.23 -48.85 23.74
C TRP G 238 5.79 -49.75 22.65
N ILE H 1 -10.33 4.51 -7.90
CA ILE H 1 -8.98 4.89 -8.29
C ILE H 1 -8.90 4.96 -9.81
N GLN H 2 -8.14 5.94 -10.32
CA GLN H 2 -8.15 6.27 -11.74
C GLN H 2 -6.71 6.50 -12.23
N ARG H 3 -5.83 5.56 -11.94
CA ARG H 3 -4.42 5.73 -12.26
C ARG H 3 -4.18 5.85 -13.76
N THR H 4 -3.12 6.68 -14.14
CA THR H 4 -2.63 7.17 -15.42
C THR H 4 -1.85 6.11 -16.19
N PRO H 5 -1.96 6.13 -17.52
CA PRO H 5 -1.24 5.17 -18.37
C PRO H 5 0.24 5.48 -18.55
N LYS H 6 0.89 4.74 -19.45
CA LYS H 6 2.27 5.03 -19.85
C LYS H 6 2.37 4.79 -21.36
N ILE H 7 3.62 4.74 -21.86
CA ILE H 7 3.87 4.71 -23.29
C ILE H 7 5.26 4.13 -23.53
N GLN H 8 5.42 3.47 -24.68
CA GLN H 8 6.73 3.04 -25.18
C GLN H 8 6.55 2.49 -26.60
N VAL H 9 7.57 2.68 -27.44
CA VAL H 9 7.48 2.26 -28.83
C VAL H 9 8.74 1.49 -29.23
N TYR H 10 9.43 0.92 -28.26
CA TYR H 10 10.70 0.25 -28.51
C TYR H 10 10.58 -0.77 -29.63
N SER H 11 11.64 -0.89 -30.42
CA SER H 11 11.65 -1.75 -31.60
C SER H 11 12.25 -3.11 -31.28
N ARG H 12 12.08 -4.02 -32.23
CA ARG H 12 12.67 -5.35 -32.15
C ARG H 12 14.13 -5.22 -32.60
N HIS H 13 14.78 -6.33 -32.94
CA HIS H 13 16.16 -6.40 -33.39
C HIS H 13 16.49 -5.23 -34.31
N PRO H 14 17.70 -4.67 -34.23
CA PRO H 14 17.97 -3.33 -34.77
C PRO H 14 17.31 -3.02 -36.11
N ALA H 15 16.61 -1.90 -36.17
CA ALA H 15 15.84 -1.55 -37.36
C ALA H 15 16.75 -1.31 -38.54
N GLU H 16 16.38 -1.90 -39.68
CA GLU H 16 17.15 -1.75 -40.92
C GLU H 16 16.24 -2.11 -42.08
N ASN H 17 16.19 -1.22 -43.08
CA ASN H 17 15.28 -1.41 -44.20
C ASN H 17 15.63 -2.63 -45.04
N GLY H 18 16.83 -3.17 -44.88
CA GLY H 18 17.21 -4.35 -45.65
C GLY H 18 16.38 -5.57 -45.29
N LYS H 19 16.05 -5.71 -44.02
CA LYS H 19 15.26 -6.85 -43.54
C LYS H 19 13.97 -6.34 -42.89
N SER H 20 13.24 -7.26 -42.27
CA SER H 20 11.97 -6.94 -41.62
C SER H 20 12.16 -6.79 -40.12
N ASN H 21 11.25 -6.05 -39.50
CA ASN H 21 11.34 -5.72 -38.08
C ASN H 21 9.96 -5.90 -37.45
N PHE H 22 9.88 -5.59 -36.16
CA PHE H 22 8.64 -5.66 -35.39
C PHE H 22 8.43 -4.36 -34.64
N LEU H 23 7.18 -3.91 -34.60
CA LEU H 23 6.80 -2.82 -33.72
C LEU H 23 6.33 -3.39 -32.38
N ASN H 24 6.68 -2.69 -31.31
CA ASN H 24 6.35 -3.15 -29.96
C ASN H 24 5.81 -1.96 -29.17
N CYS H 25 4.49 -1.92 -28.99
CA CYS H 25 3.82 -0.91 -28.18
C CYS H 25 3.41 -1.59 -26.87
N TYR H 26 4.34 -1.61 -25.91
CA TYR H 26 4.15 -2.34 -24.66
C TYR H 26 3.84 -1.34 -23.55
N VAL H 27 2.55 -1.10 -23.36
CA VAL H 27 2.08 -0.18 -22.34
C VAL H 27 2.31 -0.80 -20.96
N SER H 28 2.84 0.01 -20.05
CA SER H 28 3.04 -0.40 -18.66
C SER H 28 1.80 -0.15 -17.82
N GLY H 29 1.96 -0.19 -16.50
CA GLY H 29 0.89 -0.22 -15.53
C GLY H 29 -0.38 0.58 -15.75
N PHE H 30 -1.52 -0.07 -15.53
CA PHE H 30 -2.85 0.51 -15.72
C PHE H 30 -3.76 0.34 -14.52
N HIS H 31 -5.01 0.75 -14.69
CA HIS H 31 -6.18 0.68 -13.81
C HIS H 31 -7.37 0.95 -14.74
N PRO H 32 -8.65 0.88 -14.27
CA PRO H 32 -9.70 0.28 -15.10
C PRO H 32 -9.57 0.49 -16.60
N SER H 33 -9.43 -0.62 -17.33
CA SER H 33 -8.81 -0.60 -18.65
C SER H 33 -9.58 0.22 -19.68
N ASP H 34 -10.76 -0.27 -20.10
CA ASP H 34 -11.56 0.37 -21.15
C ASP H 34 -10.69 0.92 -22.27
N ILE H 35 -9.77 0.09 -22.76
CA ILE H 35 -8.63 0.53 -23.56
C ILE H 35 -8.88 0.26 -25.05
N GLU H 36 -8.38 1.17 -25.88
CA GLU H 36 -8.31 0.99 -27.33
C GLU H 36 -6.92 1.39 -27.80
N VAL H 37 -6.27 0.52 -28.55
CA VAL H 37 -4.89 0.71 -28.96
C VAL H 37 -4.75 0.38 -30.44
N ASP H 38 -3.98 1.20 -31.17
CA ASP H 38 -3.65 0.93 -32.56
C ASP H 38 -2.26 1.50 -32.85
N LEU H 39 -1.64 0.96 -33.89
CA LEU H 39 -0.35 1.43 -34.37
C LEU H 39 -0.56 2.37 -35.56
N LEU H 40 0.31 3.37 -35.66
CA LEU H 40 0.20 4.42 -36.67
C LEU H 40 1.29 4.28 -37.72
N LYS H 41 0.90 4.26 -38.98
CA LYS H 41 1.83 4.30 -40.12
C LYS H 41 1.44 5.49 -40.97
N ASN H 42 2.18 6.59 -40.81
CA ASN H 42 1.94 7.85 -41.53
C ASN H 42 0.50 8.34 -41.37
N GLY H 43 -0.15 7.99 -40.26
CA GLY H 43 -1.50 8.41 -40.03
C GLY H 43 -2.52 7.31 -40.19
N GLU H 44 -3.67 7.46 -39.51
CA GLU H 44 -4.82 6.57 -39.64
C GLU H 44 -4.55 5.19 -39.06
N ARG H 45 -5.62 4.45 -38.77
CA ARG H 45 -5.54 3.13 -38.15
C ARG H 45 -5.09 2.09 -39.18
N ILE H 46 -4.46 1.02 -38.69
CA ILE H 46 -4.02 -0.08 -39.52
C ILE H 46 -4.90 -1.30 -39.23
N GLU H 47 -4.74 -2.33 -40.06
CA GLU H 47 -5.52 -3.56 -39.95
C GLU H 47 -4.72 -4.70 -39.31
N LYS H 48 -3.55 -4.42 -38.76
CA LYS H 48 -2.70 -5.43 -38.13
C LYS H 48 -2.84 -5.43 -36.61
N VAL H 49 -4.05 -5.16 -36.12
CA VAL H 49 -4.27 -5.15 -34.68
C VAL H 49 -4.06 -6.55 -34.12
N GLU H 50 -3.12 -6.69 -33.19
CA GLU H 50 -2.82 -7.97 -32.57
C GLU H 50 -2.41 -7.70 -31.12
N HIS H 51 -3.36 -7.90 -30.20
CA HIS H 51 -3.10 -7.67 -28.78
C HIS H 51 -2.45 -8.91 -28.18
N SER H 52 -2.35 -8.94 -26.85
CA SER H 52 -1.70 -10.04 -26.16
C SER H 52 -2.37 -10.21 -24.81
N ASP H 53 -1.70 -10.91 -23.90
CA ASP H 53 -2.26 -11.18 -22.57
C ASP H 53 -2.51 -9.89 -21.81
N LEU H 54 -3.67 -9.81 -21.16
CA LEU H 54 -3.99 -8.68 -20.29
C LEU H 54 -3.64 -9.03 -18.83
N SER H 55 -2.35 -9.24 -18.61
CA SER H 55 -1.85 -9.69 -17.32
C SER H 55 -1.73 -8.50 -16.37
N PHE H 56 -1.09 -8.71 -15.22
CA PHE H 56 -0.90 -7.65 -14.24
C PHE H 56 0.45 -7.82 -13.56
N SER H 57 0.96 -6.72 -13.01
CA SER H 57 2.29 -6.69 -12.43
C SER H 57 2.20 -6.59 -10.90
N LYS H 58 3.37 -6.51 -10.26
CA LYS H 58 3.41 -6.57 -8.80
C LYS H 58 2.68 -5.38 -8.17
N ASP H 59 2.84 -4.19 -8.74
CA ASP H 59 2.17 -3.02 -8.17
C ASP H 59 0.75 -2.91 -8.74
N TRP H 60 0.10 -4.06 -8.75
CA TRP H 60 -1.32 -4.23 -9.09
C TRP H 60 -1.68 -3.44 -10.36
N SER H 61 -0.82 -3.57 -11.36
CA SER H 61 -0.90 -2.80 -12.59
C SER H 61 -0.70 -3.72 -13.79
N PHE H 62 -1.47 -3.48 -14.85
CA PHE H 62 -1.47 -4.36 -16.01
C PHE H 62 -0.28 -4.07 -16.94
N TYR H 63 -0.16 -4.89 -17.97
CA TYR H 63 0.72 -4.60 -19.09
C TYR H 63 0.23 -5.36 -20.32
N LEU H 64 0.69 -4.91 -21.48
CA LEU H 64 0.12 -5.38 -22.74
C LEU H 64 1.05 -5.02 -23.89
N LEU H 65 1.32 -5.99 -24.77
CA LEU H 65 2.23 -5.81 -25.89
C LEU H 65 1.52 -6.15 -27.20
N TYR H 66 1.99 -5.52 -28.29
CA TYR H 66 1.43 -5.73 -29.62
C TYR H 66 2.54 -6.13 -30.59
N TYR H 67 2.20 -6.97 -31.55
CA TYR H 67 3.12 -7.50 -32.53
C TYR H 67 2.82 -6.95 -33.92
N THR H 68 3.82 -6.99 -34.79
CA THR H 68 3.62 -6.85 -36.23
C THR H 68 4.88 -7.24 -37.00
N GLU H 69 4.69 -7.99 -38.08
CA GLU H 69 5.79 -8.30 -38.99
C GLU H 69 5.82 -7.24 -40.08
N PHE H 70 6.90 -6.45 -40.12
CA PHE H 70 6.94 -5.33 -41.04
C PHE H 70 8.39 -5.00 -41.37
N THR H 71 8.57 -4.22 -42.43
CA THR H 71 9.85 -3.63 -42.77
C THR H 71 9.66 -2.13 -42.98
N PRO H 72 10.47 -1.29 -42.34
CA PRO H 72 10.30 0.16 -42.52
C PRO H 72 11.15 0.72 -43.64
N THR H 73 11.10 2.04 -43.82
CA THR H 73 11.96 2.76 -44.75
C THR H 73 12.56 3.96 -44.02
N GLU H 74 13.39 4.71 -44.73
CA GLU H 74 13.96 5.91 -44.15
C GLU H 74 12.94 7.03 -44.04
N LYS H 75 12.02 7.11 -44.99
CA LYS H 75 10.99 8.16 -45.03
C LYS H 75 9.65 7.53 -44.65
N ASP H 76 9.35 7.52 -43.35
CA ASP H 76 8.11 6.97 -42.86
C ASP H 76 7.78 7.61 -41.52
N GLU H 77 6.50 7.54 -41.15
CA GLU H 77 6.01 8.11 -39.90
C GLU H 77 5.31 7.01 -39.12
N TYR H 78 6.06 6.29 -38.30
CA TYR H 78 5.52 5.24 -37.46
C TYR H 78 5.22 5.78 -36.07
N ALA H 79 4.07 5.40 -35.52
CA ALA H 79 3.67 5.85 -34.19
C ALA H 79 2.70 4.83 -33.62
N CYS H 80 2.38 5.01 -32.33
CA CYS H 80 1.41 4.17 -31.65
C CYS H 80 0.58 5.04 -30.72
N ARG H 81 -0.73 5.05 -30.93
CA ARG H 81 -1.60 5.79 -30.04
C ARG H 81 -1.70 5.10 -28.69
N VAL H 82 -2.05 5.88 -27.68
CA VAL H 82 -2.47 5.36 -26.38
C VAL H 82 -3.72 6.14 -25.96
N ASN H 83 -4.80 5.42 -25.68
CA ASN H 83 -6.04 6.03 -25.24
C ASN H 83 -6.53 5.34 -23.97
N HIS H 84 -7.22 6.09 -23.13
CA HIS H 84 -7.72 5.59 -21.86
C HIS H 84 -8.89 6.46 -21.43
N VAL H 85 -9.34 6.29 -20.20
CA VAL H 85 -10.43 7.09 -19.65
C VAL H 85 -9.92 8.19 -18.73
N THR H 86 -8.72 8.05 -18.16
CA THR H 86 -8.17 9.08 -17.29
C THR H 86 -7.89 10.39 -18.03
N LEU H 87 -7.74 10.35 -19.34
CA LEU H 87 -7.34 11.51 -20.13
C LEU H 87 -8.46 11.92 -21.07
N SER H 88 -8.45 13.20 -21.44
CA SER H 88 -9.42 13.76 -22.38
C SER H 88 -8.89 13.82 -23.81
N GLN H 89 -7.66 13.38 -24.06
CA GLN H 89 -7.08 13.42 -25.38
C GLN H 89 -6.05 12.31 -25.52
N PRO H 90 -5.94 11.70 -26.70
CA PRO H 90 -4.97 10.62 -26.89
C PRO H 90 -3.52 11.11 -26.86
N LYS H 91 -2.58 10.17 -26.94
CA LYS H 91 -1.15 10.48 -26.89
C LYS H 91 -0.45 9.71 -28.00
N ILE H 92 0.58 10.33 -28.58
CA ILE H 92 1.27 9.79 -29.73
C ILE H 92 2.74 9.64 -29.37
N VAL H 93 3.37 8.61 -29.92
CA VAL H 93 4.76 8.30 -29.60
C VAL H 93 5.58 8.32 -30.88
N LYS H 94 6.86 8.67 -30.74
CA LYS H 94 7.78 8.79 -31.86
C LYS H 94 8.64 7.54 -31.96
N TRP H 95 8.72 6.98 -33.16
CA TRP H 95 9.39 5.70 -33.40
C TRP H 95 10.90 5.87 -33.61
N ASP H 96 11.49 6.92 -33.03
CA ASP H 96 12.90 7.24 -33.26
C ASP H 96 13.79 6.01 -33.12
N ARG H 97 14.76 5.89 -34.02
CA ARG H 97 15.58 4.69 -34.13
C ARG H 97 16.50 4.49 -32.93
N ASP H 98 16.67 5.49 -32.09
CA ASP H 98 17.57 5.40 -30.95
C ASP H 98 16.88 4.96 -29.66
N MET H 99 15.57 4.71 -29.71
CA MET H 99 14.84 4.25 -28.54
C MET H 99 14.08 2.97 -28.83
N HIS I 1 11.85 -21.91 -12.07
CA HIS I 1 11.94 -21.70 -10.64
C HIS I 1 10.60 -21.33 -10.02
N SER I 2 9.73 -20.68 -10.81
CA SER I 2 8.46 -20.19 -10.30
C SER I 2 7.34 -20.48 -11.29
N MET I 3 6.12 -20.50 -10.79
CA MET I 3 4.94 -20.73 -11.62
C MET I 3 3.74 -20.15 -10.89
N ARG I 4 3.07 -19.18 -11.52
CA ARG I 4 2.07 -18.36 -10.83
C ARG I 4 0.91 -18.13 -11.79
N TYR I 5 -0.28 -18.65 -11.44
CA TYR I 5 -1.47 -18.55 -12.28
C TYR I 5 -2.14 -17.19 -12.06
N PHE I 6 -1.66 -16.19 -12.79
CA PHE I 6 -2.24 -14.85 -12.68
C PHE I 6 -3.67 -14.86 -13.18
N PHE I 7 -4.58 -14.29 -12.40
CA PHE I 7 -5.97 -14.12 -12.77
C PHE I 7 -6.30 -12.63 -12.82
N THR I 8 -7.33 -12.29 -13.59
CA THR I 8 -7.83 -10.93 -13.60
C THR I 8 -9.27 -10.96 -14.09
N SER I 9 -10.04 -9.95 -13.67
CA SER I 9 -11.44 -9.85 -14.08
C SER I 9 -11.85 -8.38 -14.07
N VAL I 10 -12.86 -8.08 -14.88
CA VAL I 10 -13.43 -6.75 -14.95
C VAL I 10 -14.95 -6.88 -15.02
N SER I 11 -15.64 -5.79 -14.71
CA SER I 11 -17.09 -5.76 -14.73
C SER I 11 -17.57 -4.52 -15.44
N ARG I 12 -18.56 -4.69 -16.31
CA ARG I 12 -19.25 -3.59 -16.98
C ARG I 12 -20.73 -3.73 -16.71
N PRO I 13 -21.23 -3.10 -15.65
CA PRO I 13 -22.64 -3.23 -15.30
C PRO I 13 -23.55 -2.69 -16.39
N GLY I 14 -24.72 -3.33 -16.52
CA GLY I 14 -25.67 -2.94 -17.54
C GLY I 14 -25.35 -3.44 -18.93
N ARG I 15 -24.35 -4.31 -19.08
CA ARG I 15 -23.94 -4.80 -20.39
C ARG I 15 -23.71 -6.31 -20.37
N GLY I 16 -24.42 -7.03 -19.50
CA GLY I 16 -24.37 -8.48 -19.50
C GLY I 16 -23.74 -9.09 -18.27
N GLU I 17 -22.64 -9.82 -18.46
CA GLU I 17 -21.95 -10.52 -17.40
C GLU I 17 -20.48 -10.16 -17.42
N PRO I 18 -19.80 -10.24 -16.28
CA PRO I 18 -18.40 -9.79 -16.22
C PRO I 18 -17.48 -10.66 -17.05
N ARG I 19 -16.27 -10.13 -17.27
CA ARG I 19 -15.24 -10.75 -18.08
C ARG I 19 -14.12 -11.26 -17.19
N PHE I 20 -13.48 -12.34 -17.64
CA PHE I 20 -12.39 -12.94 -16.87
C PHE I 20 -11.27 -13.34 -17.82
N ILE I 21 -10.04 -13.02 -17.46
CA ILE I 21 -8.86 -13.36 -18.24
C ILE I 21 -7.81 -13.94 -17.31
N ALA I 22 -7.09 -14.95 -17.77
CA ALA I 22 -6.09 -15.61 -16.95
C ALA I 22 -4.90 -15.99 -17.82
N VAL I 23 -3.73 -16.13 -17.18
CA VAL I 23 -2.49 -16.48 -17.85
C VAL I 23 -1.67 -17.37 -16.93
N GLY I 24 -0.51 -17.79 -17.43
CA GLY I 24 0.44 -18.56 -16.64
C GLY I 24 1.88 -18.23 -17.02
N TYR I 25 2.76 -18.20 -16.02
CA TYR I 25 4.14 -17.72 -16.18
C TYR I 25 5.13 -18.70 -15.57
N VAL I 26 5.04 -19.97 -15.97
CA VAL I 26 6.10 -20.93 -15.66
C VAL I 26 7.43 -20.28 -15.99
N ASP I 27 8.32 -20.22 -15.00
CA ASP I 27 9.51 -19.38 -15.07
C ASP I 27 9.10 -17.94 -15.34
N ASP I 28 9.22 -17.48 -16.58
CA ASP I 28 8.74 -16.15 -16.93
C ASP I 28 7.84 -16.19 -18.16
N THR I 29 8.11 -17.10 -19.09
CA THR I 29 7.35 -17.16 -20.34
C THR I 29 5.89 -17.51 -20.07
N GLN I 30 5.03 -17.08 -20.99
CA GLN I 30 3.60 -17.35 -20.91
C GLN I 30 3.27 -18.62 -21.68
N PHE I 31 2.42 -19.46 -21.10
CA PHE I 31 2.10 -20.75 -21.70
C PHE I 31 0.61 -21.02 -21.80
N VAL I 32 -0.19 -20.41 -20.92
CA VAL I 32 -1.62 -20.68 -20.89
C VAL I 32 -2.37 -19.35 -20.87
N ARG I 33 -3.60 -19.37 -21.36
CA ARG I 33 -4.43 -18.16 -21.40
C ARG I 33 -5.90 -18.56 -21.33
N PHE I 34 -6.74 -17.57 -21.05
CA PHE I 34 -8.19 -17.76 -21.02
C PHE I 34 -8.84 -16.42 -21.32
N ASP I 35 -10.09 -16.48 -21.76
CA ASP I 35 -10.88 -15.28 -22.00
C ASP I 35 -12.35 -15.64 -21.89
N SER I 36 -13.18 -14.62 -21.69
CA SER I 36 -14.63 -14.79 -21.66
C SER I 36 -15.31 -14.32 -22.93
N ASP I 37 -14.54 -13.88 -23.93
CA ASP I 37 -15.09 -13.47 -25.21
C ASP I 37 -14.47 -14.23 -26.38
N ALA I 38 -13.68 -15.26 -26.11
CA ALA I 38 -13.04 -16.03 -27.16
C ALA I 38 -14.01 -17.05 -27.74
N ALA I 39 -13.53 -17.81 -28.72
CA ALA I 39 -14.35 -18.82 -29.39
C ALA I 39 -14.02 -20.24 -29.00
N SER I 40 -12.75 -20.54 -28.68
CA SER I 40 -12.39 -21.89 -28.30
C SER I 40 -12.95 -22.25 -26.92
N GLN I 41 -13.04 -21.25 -26.03
CA GLN I 41 -13.59 -21.43 -24.69
C GLN I 41 -12.84 -22.53 -23.93
N LYS I 42 -11.56 -22.67 -24.22
CA LYS I 42 -10.71 -23.68 -23.60
C LYS I 42 -9.38 -23.03 -23.28
N MET I 43 -8.37 -23.86 -22.99
CA MET I 43 -7.05 -23.35 -22.68
C MET I 43 -6.20 -23.37 -23.94
N GLU I 44 -5.51 -22.28 -24.21
CA GLU I 44 -4.69 -22.15 -25.41
C GLU I 44 -3.22 -22.27 -25.06
N PRO I 45 -2.57 -23.37 -25.42
CA PRO I 45 -1.15 -23.60 -25.08
C PRO I 45 -0.13 -23.04 -26.07
N ARG I 46 0.20 -21.76 -25.92
CA ARG I 46 1.33 -21.21 -26.67
C ARG I 46 2.60 -21.43 -25.86
N ALA I 47 3.30 -22.53 -26.17
CA ALA I 47 4.57 -22.86 -25.55
C ALA I 47 5.18 -24.00 -26.34
N PRO I 48 6.49 -23.99 -26.59
CA PRO I 48 7.11 -25.10 -27.32
C PRO I 48 7.27 -26.37 -26.50
N TRP I 49 7.22 -26.28 -25.18
CA TRP I 49 7.44 -27.44 -24.32
C TRP I 49 6.13 -28.08 -23.88
N ILE I 50 5.25 -27.30 -23.25
CA ILE I 50 3.99 -27.85 -22.72
C ILE I 50 2.96 -27.72 -23.85
N GLU I 51 3.00 -28.69 -24.76
CA GLU I 51 2.03 -28.79 -25.84
C GLU I 51 1.50 -30.21 -26.04
N GLN I 52 2.25 -31.24 -25.70
CA GLN I 52 1.93 -32.62 -26.06
C GLN I 52 1.19 -33.38 -24.96
N GLU I 53 0.86 -32.74 -23.84
CA GLU I 53 0.29 -33.48 -22.73
C GLU I 53 -1.15 -33.89 -23.05
N GLY I 54 -1.60 -34.96 -22.40
CA GLY I 54 -2.83 -35.65 -22.72
C GLY I 54 -4.02 -34.74 -22.95
N PRO I 55 -4.92 -35.18 -23.85
CA PRO I 55 -6.11 -34.36 -24.15
C PRO I 55 -6.96 -34.05 -22.93
N GLU I 56 -6.95 -34.93 -21.92
CA GLU I 56 -7.70 -34.64 -20.70
C GLU I 56 -7.15 -33.41 -20.00
N TYR I 57 -5.82 -33.26 -19.97
CA TYR I 57 -5.18 -32.14 -19.28
C TYR I 57 -5.63 -30.81 -19.88
N TRP I 58 -5.47 -30.65 -21.19
CA TRP I 58 -5.90 -29.42 -21.84
C TRP I 58 -7.41 -29.27 -21.80
N ASP I 59 -8.14 -30.37 -21.96
CA ASP I 59 -9.60 -30.29 -22.01
C ASP I 59 -10.17 -29.75 -20.71
N GLN I 60 -9.69 -30.27 -19.57
CA GLN I 60 -10.20 -29.77 -18.30
C GLN I 60 -9.47 -28.51 -17.86
N GLU I 61 -8.18 -28.63 -17.51
CA GLU I 61 -7.48 -27.56 -16.83
C GLU I 61 -8.35 -26.90 -15.77
N THR I 62 -9.12 -27.70 -15.04
CA THR I 62 -10.22 -27.21 -14.24
C THR I 62 -11.07 -26.23 -15.06
N ARG I 63 -11.75 -26.79 -16.06
CA ARG I 63 -12.63 -26.05 -16.96
C ARG I 63 -13.67 -25.29 -16.14
N ASN I 64 -13.79 -25.67 -14.87
CA ASN I 64 -14.46 -24.85 -13.87
C ASN I 64 -13.68 -23.56 -13.64
N MET I 65 -12.64 -23.32 -14.43
CA MET I 65 -12.12 -21.96 -14.53
C MET I 65 -13.21 -21.00 -14.96
N LYS I 66 -14.01 -21.38 -15.97
CA LYS I 66 -15.26 -20.66 -16.22
C LYS I 66 -16.39 -21.19 -15.34
N ALA I 67 -16.08 -21.41 -14.07
CA ALA I 67 -17.08 -21.51 -13.01
C ALA I 67 -16.63 -20.53 -11.94
N HIS I 68 -15.32 -20.43 -11.78
CA HIS I 68 -14.72 -19.32 -11.05
C HIS I 68 -15.07 -18.00 -11.74
N SER I 69 -15.19 -18.02 -13.06
CA SER I 69 -15.62 -16.83 -13.79
C SER I 69 -17.00 -16.36 -13.36
N GLN I 70 -17.82 -17.23 -12.79
CA GLN I 70 -19.10 -16.84 -12.23
C GLN I 70 -19.05 -16.69 -10.73
N THR I 71 -18.13 -17.40 -10.07
CA THR I 71 -17.87 -17.19 -8.65
C THR I 71 -17.46 -15.75 -8.40
N ASP I 72 -16.67 -15.17 -9.30
CA ASP I 72 -16.28 -13.78 -9.16
C ASP I 72 -17.50 -12.86 -9.29
N ARG I 73 -18.43 -13.19 -10.18
CA ARG I 73 -19.66 -12.41 -10.27
C ARG I 73 -20.45 -12.51 -8.97
N ALA I 74 -20.45 -13.70 -8.35
CA ALA I 74 -21.10 -13.86 -7.06
C ALA I 74 -20.41 -13.01 -5.99
N ASN I 75 -19.09 -12.95 -6.03
CA ASN I 75 -18.35 -12.14 -5.07
C ASN I 75 -18.67 -10.67 -5.22
N LEU I 76 -18.77 -10.19 -6.45
CA LEU I 76 -19.10 -8.79 -6.68
C LEU I 76 -20.60 -8.58 -6.56
N GLY I 77 -21.18 -9.14 -5.50
CA GLY I 77 -22.55 -8.86 -5.10
C GLY I 77 -22.56 -8.57 -3.62
N THR I 78 -21.46 -8.92 -2.96
CA THR I 78 -21.16 -8.49 -1.60
C THR I 78 -20.01 -7.51 -1.53
N LEU I 79 -19.11 -7.54 -2.52
CA LEU I 79 -18.16 -6.44 -2.66
C LEU I 79 -18.83 -5.16 -3.10
N ARG I 80 -20.08 -5.24 -3.59
CA ARG I 80 -20.86 -4.04 -3.86
C ARG I 80 -21.41 -3.42 -2.58
N GLY I 81 -21.52 -4.21 -1.51
CA GLY I 81 -21.96 -3.70 -0.23
C GLY I 81 -20.81 -3.31 0.66
N TYR I 82 -19.69 -4.01 0.53
CA TYR I 82 -18.50 -3.72 1.35
C TYR I 82 -18.01 -2.31 1.11
N TYR I 83 -17.55 -2.02 -0.12
CA TYR I 83 -17.31 -0.65 -0.56
C TYR I 83 -18.60 -0.17 -1.21
N ASN I 84 -19.55 0.22 -0.36
CA ASN I 84 -20.94 0.41 -0.76
C ASN I 84 -21.10 1.34 -1.94
N GLN I 85 -21.55 0.78 -3.06
CA GLN I 85 -21.97 1.51 -4.26
C GLN I 85 -23.42 1.12 -4.53
N SER I 86 -23.97 1.59 -5.65
CA SER I 86 -25.38 1.29 -5.94
C SER I 86 -25.51 0.05 -6.83
N GLU I 87 -25.16 0.16 -8.10
CA GLU I 87 -25.07 -1.02 -8.95
C GLU I 87 -23.99 -0.89 -10.03
N ASP I 88 -23.56 0.33 -10.30
CA ASP I 88 -22.88 0.65 -11.55
C ASP I 88 -21.37 0.58 -11.45
N GLY I 89 -20.82 0.20 -10.31
CA GLY I 89 -19.38 0.19 -10.14
C GLY I 89 -18.66 -0.71 -11.12
N SER I 90 -17.89 -0.11 -12.03
CA SER I 90 -17.05 -0.85 -12.95
C SER I 90 -15.73 -1.13 -12.26
N HIS I 91 -15.48 -2.39 -11.89
CA HIS I 91 -14.48 -2.69 -10.90
C HIS I 91 -13.71 -3.94 -11.30
N THR I 92 -12.52 -4.08 -10.75
CA THR I 92 -11.65 -5.21 -11.04
C THR I 92 -11.29 -5.95 -9.76
N ILE I 93 -11.18 -7.27 -9.87
CA ILE I 93 -10.86 -8.14 -8.74
C ILE I 93 -9.68 -9.01 -9.16
N GLN I 94 -8.47 -8.55 -8.88
CA GLN I 94 -7.28 -9.31 -9.22
C GLN I 94 -7.07 -10.49 -8.28
N ILE I 95 -6.58 -11.60 -8.83
CA ILE I 95 -6.22 -12.78 -8.07
C ILE I 95 -4.82 -13.19 -8.49
N MET I 96 -4.05 -13.75 -7.55
CA MET I 96 -2.67 -14.11 -7.85
C MET I 96 -2.30 -15.34 -7.04
N TYR I 97 -2.27 -16.50 -7.70
CA TYR I 97 -1.77 -17.74 -7.10
C TYR I 97 -0.25 -17.74 -7.20
N GLY I 98 0.37 -18.86 -6.87
CA GLY I 98 1.80 -18.98 -7.14
C GLY I 98 2.58 -19.80 -6.14
N CYS I 99 3.39 -20.72 -6.65
CA CYS I 99 4.29 -21.52 -5.85
C CYS I 99 5.70 -21.42 -6.41
N ASP I 100 6.66 -21.16 -5.52
CA ASP I 100 8.05 -20.90 -5.88
C ASP I 100 8.89 -22.06 -5.34
N VAL I 101 9.44 -22.88 -6.23
CA VAL I 101 10.23 -24.02 -5.80
C VAL I 101 11.70 -23.62 -5.65
N GLY I 102 12.43 -24.43 -4.88
CA GLY I 102 13.85 -24.29 -4.77
C GLY I 102 14.56 -24.93 -5.95
N PRO I 103 15.80 -24.50 -6.20
CA PRO I 103 16.53 -25.03 -7.38
C PRO I 103 16.79 -26.52 -7.31
N ASP I 104 16.77 -27.12 -6.12
CA ASP I 104 16.96 -28.56 -5.98
C ASP I 104 15.66 -29.34 -6.01
N GLY I 105 14.55 -28.73 -5.56
CA GLY I 105 13.28 -29.43 -5.55
C GLY I 105 12.45 -29.15 -4.32
N ARG I 106 12.99 -28.35 -3.40
CA ARG I 106 12.24 -28.02 -2.19
C ARG I 106 11.09 -27.08 -2.52
N PHE I 107 10.11 -27.04 -1.61
CA PHE I 107 8.95 -26.19 -1.82
C PHE I 107 9.27 -24.71 -1.63
N LEU I 108 10.37 -24.38 -0.95
CA LEU I 108 10.73 -22.99 -0.66
C LEU I 108 9.56 -22.27 -0.01
N ARG I 109 8.80 -21.50 -0.77
CA ARG I 109 7.59 -20.88 -0.23
C ARG I 109 6.67 -20.44 -1.35
N GLY I 110 5.37 -20.63 -1.12
CA GLY I 110 4.36 -20.21 -2.06
C GLY I 110 3.77 -18.86 -1.71
N TYR I 111 3.08 -18.26 -2.69
CA TYR I 111 2.57 -16.91 -2.56
C TYR I 111 1.11 -16.86 -3.00
N ARG I 112 0.34 -16.00 -2.36
CA ARG I 112 -0.99 -15.65 -2.83
C ARG I 112 -1.43 -14.37 -2.16
N GLN I 113 -1.69 -13.33 -2.95
CA GLN I 113 -2.33 -12.13 -2.42
C GLN I 113 -3.34 -11.62 -3.43
N ASP I 114 -4.49 -11.19 -2.92
CA ASP I 114 -5.59 -10.70 -3.74
C ASP I 114 -5.80 -9.20 -3.49
N ALA I 115 -6.28 -8.51 -4.52
CA ALA I 115 -6.55 -7.09 -4.40
C ALA I 115 -7.84 -6.74 -5.11
N TYR I 116 -8.44 -5.64 -4.68
CA TYR I 116 -9.64 -5.07 -5.25
C TYR I 116 -9.40 -3.59 -5.50
N ASP I 117 -9.83 -3.10 -6.65
CA ASP I 117 -9.62 -1.71 -7.05
C ASP I 117 -8.15 -1.35 -7.02
N GLY I 118 -7.30 -2.31 -7.36
CA GLY I 118 -5.87 -2.10 -7.32
C GLY I 118 -5.36 -1.91 -5.90
N LYS I 119 -6.20 -2.20 -4.92
CA LYS I 119 -5.86 -2.05 -3.51
C LYS I 119 -5.96 -3.40 -2.82
N ASP I 120 -4.98 -3.70 -1.96
CA ASP I 120 -4.92 -5.01 -1.35
C ASP I 120 -6.17 -5.28 -0.53
N TYR I 121 -6.76 -6.46 -0.74
CA TYR I 121 -7.98 -6.88 -0.07
C TYR I 121 -7.78 -8.04 0.88
N ILE I 122 -6.87 -8.96 0.55
CA ILE I 122 -6.48 -10.01 1.48
C ILE I 122 -5.18 -10.59 0.94
N ALA I 123 -4.37 -11.18 1.83
CA ALA I 123 -3.08 -11.69 1.41
C ALA I 123 -2.65 -12.82 2.33
N LEU I 124 -1.73 -13.64 1.85
CA LEU I 124 -1.04 -14.60 2.67
C LEU I 124 0.21 -13.98 3.27
N ASN I 125 1.00 -14.78 3.97
CA ASN I 125 2.21 -14.31 4.63
C ASN I 125 3.32 -15.32 4.42
N GLU I 126 4.51 -15.00 4.94
CA GLU I 126 5.54 -16.00 5.08
C GLU I 126 5.08 -17.07 6.06
N ASP I 127 5.57 -18.29 5.87
CA ASP I 127 4.87 -19.47 6.36
C ASP I 127 3.45 -19.38 5.80
N LEU I 128 2.44 -19.80 6.55
CA LEU I 128 1.05 -19.66 6.15
C LEU I 128 0.20 -19.52 7.41
N ARG I 129 -1.11 -19.72 7.27
CA ARG I 129 -2.07 -19.62 8.38
C ARG I 129 -2.09 -18.22 8.99
N SER I 130 -2.46 -17.25 8.15
CA SER I 130 -2.55 -15.87 8.60
C SER I 130 -3.26 -15.04 7.55
N TRP I 131 -4.11 -14.11 8.00
CA TRP I 131 -4.83 -13.20 7.13
C TRP I 131 -4.61 -11.77 7.58
N THR I 132 -4.43 -10.87 6.62
CA THR I 132 -3.99 -9.49 6.86
C THR I 132 -4.84 -8.50 6.09
N ALA I 133 -6.16 -8.61 6.21
CA ALA I 133 -7.08 -7.70 5.54
C ALA I 133 -6.69 -6.24 5.80
N ALA I 134 -6.88 -5.41 4.78
CA ALA I 134 -6.36 -4.04 4.79
C ALA I 134 -7.50 -3.03 4.62
N ASP I 135 -8.62 -3.28 5.28
CA ASP I 135 -9.72 -2.33 5.31
C ASP I 135 -10.71 -2.79 6.37
N MET I 136 -11.66 -1.92 6.69
CA MET I 136 -12.74 -2.32 7.58
C MET I 136 -13.75 -3.24 6.91
N ALA I 137 -13.65 -3.41 5.59
CA ALA I 137 -14.55 -4.32 4.88
C ALA I 137 -14.06 -5.76 4.97
N ALA I 138 -12.85 -6.02 4.46
CA ALA I 138 -12.37 -7.39 4.39
C ALA I 138 -12.00 -7.97 5.74
N GLN I 139 -12.21 -7.26 6.85
CA GLN I 139 -12.11 -7.91 8.14
C GLN I 139 -13.11 -9.05 8.26
N ILE I 140 -14.32 -8.83 7.72
CA ILE I 140 -15.32 -9.89 7.67
C ILE I 140 -14.79 -11.07 6.87
N THR I 141 -14.14 -10.80 5.74
CA THR I 141 -13.56 -11.86 4.92
C THR I 141 -12.48 -12.61 5.68
N LYS I 142 -11.64 -11.88 6.43
CA LYS I 142 -10.60 -12.51 7.20
C LYS I 142 -11.18 -13.46 8.24
N ARG I 143 -12.23 -13.00 8.95
CA ARG I 143 -12.87 -13.86 9.94
C ARG I 143 -13.52 -15.08 9.29
N LYS I 144 -14.18 -14.89 8.14
CA LYS I 144 -14.82 -16.01 7.46
C LYS I 144 -13.78 -17.04 7.03
N TRP I 145 -12.65 -16.60 6.50
CA TRP I 145 -11.58 -17.53 6.15
C TRP I 145 -11.05 -18.23 7.38
N GLU I 146 -10.88 -17.49 8.48
CA GLU I 146 -10.43 -18.12 9.71
C GLU I 146 -11.41 -19.17 10.20
N ALA I 147 -12.69 -19.01 9.88
CA ALA I 147 -13.71 -19.94 10.36
C ALA I 147 -13.49 -21.36 9.82
N VAL I 148 -13.69 -21.56 8.52
CA VAL I 148 -13.53 -22.90 7.96
C VAL I 148 -12.14 -23.10 7.35
N HIS I 149 -11.15 -23.33 8.21
CA HIS I 149 -9.84 -23.90 7.87
C HIS I 149 -9.32 -23.50 6.50
N ALA I 150 -9.48 -22.23 6.12
CA ALA I 150 -9.15 -21.82 4.76
C ALA I 150 -7.66 -21.98 4.49
N ALA I 151 -6.83 -21.43 5.38
CA ALA I 151 -5.40 -21.52 5.18
C ALA I 151 -4.91 -22.96 5.15
N GLU I 152 -5.58 -23.86 5.86
CA GLU I 152 -5.21 -25.27 5.79
C GLU I 152 -5.42 -25.83 4.39
N GLN I 153 -6.56 -25.49 3.77
CA GLN I 153 -6.80 -25.94 2.41
C GLN I 153 -5.80 -25.32 1.44
N ARG I 154 -5.46 -24.05 1.65
CA ARG I 154 -4.43 -23.42 0.83
C ARG I 154 -3.10 -24.14 1.00
N ARG I 155 -2.76 -24.50 2.23
CA ARG I 155 -1.54 -25.28 2.49
C ARG I 155 -1.56 -26.57 1.69
N VAL I 156 -2.70 -27.28 1.72
CA VAL I 156 -2.80 -28.53 0.98
C VAL I 156 -2.53 -28.29 -0.49
N TYR I 157 -3.22 -27.30 -1.08
CA TYR I 157 -3.08 -27.08 -2.52
C TYR I 157 -1.65 -26.70 -2.88
N LEU I 158 -1.06 -25.75 -2.13
CA LEU I 158 0.29 -25.29 -2.44
C LEU I 158 1.31 -26.42 -2.32
N GLU I 159 1.32 -27.10 -1.17
CA GLU I 159 2.31 -28.15 -0.97
C GLU I 159 2.03 -29.38 -1.82
N GLY I 160 0.86 -29.47 -2.45
CA GLY I 160 0.51 -30.56 -3.33
C GLY I 160 0.60 -30.13 -4.77
N ARG I 161 -0.53 -29.70 -5.32
CA ARG I 161 -0.73 -29.72 -6.76
C ARG I 161 0.14 -28.69 -7.48
N CYS I 162 0.20 -27.46 -6.96
CA CYS I 162 0.99 -26.42 -7.62
C CYS I 162 2.44 -26.85 -7.78
N VAL I 163 3.06 -27.28 -6.69
CA VAL I 163 4.49 -27.58 -6.73
C VAL I 163 4.75 -28.88 -7.49
N ASP I 164 3.83 -29.86 -7.41
CA ASP I 164 4.02 -31.07 -8.21
C ASP I 164 3.90 -30.76 -9.71
N GLY I 165 2.90 -29.97 -10.10
CA GLY I 165 2.77 -29.57 -11.48
C GLY I 165 3.95 -28.76 -11.96
N LEU I 166 4.56 -27.97 -11.08
CA LEU I 166 5.76 -27.25 -11.48
C LEU I 166 6.94 -28.20 -11.65
N ARG I 167 7.04 -29.25 -10.83
CA ARG I 167 8.04 -30.27 -11.13
C ARG I 167 7.82 -30.83 -12.53
N ARG I 168 6.57 -31.18 -12.83
CA ARG I 168 6.26 -31.79 -14.12
C ARG I 168 6.59 -30.83 -15.26
N TYR I 169 6.29 -29.54 -15.08
CA TYR I 169 6.59 -28.55 -16.10
C TYR I 169 8.10 -28.42 -16.31
N LEU I 170 8.86 -28.40 -15.22
CA LEU I 170 10.32 -28.31 -15.35
C LEU I 170 10.86 -29.52 -16.08
N GLU I 171 10.36 -30.71 -15.75
CA GLU I 171 10.80 -31.91 -16.45
C GLU I 171 10.45 -31.84 -17.93
N ASN I 172 9.24 -31.39 -18.26
CA ASN I 172 8.83 -31.26 -19.65
C ASN I 172 9.54 -30.11 -20.36
N GLY I 173 10.03 -29.11 -19.63
CA GLY I 173 10.69 -27.99 -20.25
C GLY I 173 12.04 -28.32 -20.85
N LYS I 174 12.69 -29.38 -20.37
CA LYS I 174 14.00 -29.80 -20.86
C LYS I 174 14.99 -28.65 -20.80
N GLU I 175 15.23 -28.01 -21.95
CA GLU I 175 16.08 -26.83 -22.03
C GLU I 175 15.34 -25.59 -22.48
N THR I 176 14.13 -25.73 -23.03
CA THR I 176 13.39 -24.57 -23.49
C THR I 176 13.04 -23.64 -22.33
N LEU I 177 12.66 -24.19 -21.19
CA LEU I 177 12.39 -23.37 -20.01
C LEU I 177 13.67 -22.86 -19.36
N GLN I 178 14.76 -23.62 -19.46
CA GLN I 178 16.03 -23.28 -18.81
C GLN I 178 17.14 -23.34 -19.85
N ARG I 179 17.36 -22.23 -20.56
CA ARG I 179 18.50 -22.09 -21.46
C ARG I 179 19.25 -20.78 -21.30
N THR I 180 18.67 -19.76 -20.67
CA THR I 180 19.38 -18.58 -20.17
C THR I 180 20.13 -17.86 -21.29
N ASP I 181 19.36 -17.30 -22.21
CA ASP I 181 19.95 -16.50 -23.28
C ASP I 181 20.55 -15.23 -22.68
N PRO I 182 21.84 -14.98 -22.86
CA PRO I 182 22.46 -13.79 -22.25
C PRO I 182 22.31 -12.58 -23.15
N PRO I 183 22.49 -11.38 -22.61
CA PRO I 183 22.38 -10.18 -23.43
C PRO I 183 23.47 -10.10 -24.48
N LYS I 184 23.16 -9.37 -25.55
CA LYS I 184 24.16 -8.91 -26.51
C LYS I 184 24.23 -7.40 -26.44
N THR I 185 25.44 -6.86 -26.41
CA THR I 185 25.67 -5.46 -26.07
C THR I 185 26.09 -4.66 -27.29
N HIS I 186 25.62 -3.42 -27.35
CA HIS I 186 26.06 -2.46 -28.36
C HIS I 186 25.76 -1.06 -27.84
N MET I 187 26.48 -0.08 -28.37
CA MET I 187 26.29 1.31 -27.96
C MET I 187 26.79 2.22 -29.08
N THR I 188 26.32 3.46 -29.04
CA THR I 188 26.73 4.50 -29.96
C THR I 188 26.99 5.78 -29.18
N HIS I 189 27.85 6.63 -29.74
CA HIS I 189 28.24 7.84 -29.02
C HIS I 189 27.18 8.93 -29.13
N HIS I 190 26.99 9.45 -30.35
CA HIS I 190 26.07 10.51 -30.79
C HIS I 190 25.93 11.70 -29.84
N PRO I 191 25.80 12.92 -30.36
CA PRO I 191 25.83 14.12 -29.50
C PRO I 191 24.48 14.61 -29.01
N ILE I 192 24.52 15.68 -28.23
CA ILE I 192 23.34 16.43 -27.78
C ILE I 192 23.53 17.83 -28.32
N SER I 193 22.61 18.75 -27.97
CA SER I 193 22.43 20.03 -28.64
C SER I 193 23.73 20.74 -29.03
N ASP I 194 24.54 21.15 -28.05
CA ASP I 194 25.76 21.85 -28.42
C ASP I 194 27.02 21.31 -27.74
N HIS I 195 26.93 20.97 -26.45
CA HIS I 195 28.11 20.64 -25.65
C HIS I 195 27.94 19.37 -24.84
N GLU I 196 27.09 18.45 -25.29
CA GLU I 196 26.83 17.24 -24.52
C GLU I 196 26.69 16.04 -25.46
N ALA I 197 26.92 14.86 -24.91
CA ALA I 197 26.75 13.58 -25.59
C ALA I 197 25.89 12.66 -24.73
N THR I 198 25.34 11.61 -25.35
CA THR I 198 24.48 10.65 -24.67
C THR I 198 25.06 9.25 -24.83
N LEU I 199 25.72 8.76 -23.79
CA LEU I 199 26.12 7.37 -23.74
C LEU I 199 24.90 6.50 -23.42
N ARG I 200 24.72 5.43 -24.19
CA ARG I 200 23.57 4.55 -24.02
C ARG I 200 24.02 3.13 -24.27
N CYS I 201 24.22 2.35 -23.20
CA CYS I 201 24.53 0.94 -23.36
C CYS I 201 23.25 0.17 -23.63
N TRP I 202 23.27 -0.69 -24.64
CA TRP I 202 22.10 -1.41 -25.11
C TRP I 202 22.32 -2.90 -24.98
N ALA I 203 21.38 -3.59 -24.34
CA ALA I 203 21.40 -5.04 -24.24
C ALA I 203 20.00 -5.56 -24.57
N LEU I 204 19.93 -6.51 -25.49
CA LEU I 204 18.64 -6.95 -26.03
C LEU I 204 18.57 -8.47 -26.10
N GLY I 205 17.33 -8.97 -26.03
CA GLY I 205 17.05 -10.37 -26.26
C GLY I 205 17.42 -11.32 -25.14
N PHE I 206 17.77 -10.81 -23.96
CA PHE I 206 18.22 -11.69 -22.90
C PHE I 206 17.06 -12.42 -22.25
N TYR I 207 17.39 -13.51 -21.54
CA TYR I 207 16.44 -14.29 -20.76
C TYR I 207 17.24 -15.16 -19.82
N PRO I 208 16.78 -15.38 -18.58
CA PRO I 208 15.54 -14.85 -18.00
C PRO I 208 15.68 -13.42 -17.51
N ALA I 209 14.74 -13.01 -16.66
CA ALA I 209 14.67 -11.66 -16.13
C ALA I 209 15.65 -11.49 -14.98
N GLU I 210 15.48 -10.43 -14.19
CA GLU I 210 16.34 -10.07 -13.07
C GLU I 210 17.73 -9.66 -13.55
N ILE I 211 17.75 -8.72 -14.49
CA ILE I 211 18.96 -7.98 -14.85
C ILE I 211 18.65 -6.49 -14.73
N THR I 212 19.56 -5.75 -14.11
CA THR I 212 19.41 -4.32 -13.99
C THR I 212 20.71 -3.65 -14.41
N LEU I 213 20.59 -2.44 -14.94
CA LEU I 213 21.72 -1.71 -15.51
C LEU I 213 21.81 -0.37 -14.80
N THR I 214 22.89 -0.15 -14.07
CA THR I 214 23.14 1.11 -13.39
C THR I 214 24.34 1.80 -14.03
N TRP I 215 24.29 3.13 -14.06
CA TRP I 215 25.34 3.89 -14.73
C TRP I 215 26.58 4.00 -13.84
N GLN I 216 27.75 3.77 -14.44
CA GLN I 216 29.02 3.84 -13.73
C GLN I 216 29.90 4.91 -14.35
N ARG I 217 30.81 5.44 -13.53
CA ARG I 217 31.78 6.43 -14.00
C ARG I 217 32.97 6.38 -13.06
N ASP I 218 34.11 5.92 -13.56
CA ASP I 218 35.31 5.72 -12.75
C ASP I 218 35.03 4.79 -11.57
N GLY I 219 34.09 3.86 -11.75
CA GLY I 219 33.79 2.86 -10.75
C GLY I 219 32.81 3.30 -9.68
N GLU I 220 32.31 4.53 -9.72
CA GLU I 220 31.39 5.02 -8.70
C GLU I 220 29.95 4.89 -9.20
N ASP I 221 29.03 4.61 -8.27
CA ASP I 221 27.64 4.42 -8.62
C ASP I 221 26.88 5.74 -8.60
N GLN I 222 27.13 6.62 -9.56
CA GLN I 222 26.42 7.90 -9.56
C GLN I 222 25.03 7.72 -10.17
N THR I 223 24.12 7.18 -9.38
CA THR I 223 22.76 6.93 -9.85
C THR I 223 21.99 8.24 -9.96
N GLN I 224 22.34 9.04 -10.97
CA GLN I 224 21.69 10.33 -11.21
C GLN I 224 20.25 10.11 -11.66
N ASP I 225 19.56 11.20 -11.97
CA ASP I 225 18.14 11.11 -12.33
C ASP I 225 17.98 10.53 -13.73
N THR I 226 18.44 9.30 -13.92
CA THR I 226 18.30 8.60 -15.18
C THR I 226 16.86 8.12 -15.36
N GLU I 227 16.38 8.21 -16.60
CA GLU I 227 14.97 7.95 -16.93
C GLU I 227 14.86 6.63 -17.68
N LEU I 228 14.64 5.54 -16.95
CA LEU I 228 14.18 4.28 -17.53
C LEU I 228 12.65 4.23 -17.45
N VAL I 229 12.05 3.15 -17.93
CA VAL I 229 10.59 3.10 -17.96
C VAL I 229 10.01 1.91 -17.18
N GLU I 230 10.26 0.68 -17.64
CA GLU I 230 9.67 -0.52 -17.07
C GLU I 230 10.20 -1.71 -17.87
N THR I 231 9.92 -2.92 -17.37
CA THR I 231 10.43 -4.15 -17.97
C THR I 231 9.51 -4.59 -19.11
N ARG I 232 10.08 -4.76 -20.29
CA ARG I 232 9.29 -4.94 -21.50
C ARG I 232 9.71 -6.19 -22.27
N PRO I 233 8.77 -6.87 -22.93
CA PRO I 233 9.09 -8.04 -23.75
C PRO I 233 9.31 -7.69 -25.21
N ALA I 234 10.19 -8.46 -25.84
CA ALA I 234 10.63 -8.19 -27.21
C ALA I 234 9.81 -8.94 -28.26
N GLY I 235 8.54 -9.22 -27.98
CA GLY I 235 7.66 -9.83 -28.95
C GLY I 235 7.65 -11.34 -28.98
N ASP I 236 8.48 -12.00 -28.17
CA ASP I 236 8.44 -13.44 -28.05
C ASP I 236 8.54 -13.94 -26.61
N GLY I 237 8.91 -13.08 -25.66
CA GLY I 237 9.17 -13.50 -24.30
C GLY I 237 10.52 -13.01 -23.84
N THR I 238 11.38 -12.67 -24.79
CA THR I 238 12.67 -12.10 -24.48
C THR I 238 12.54 -10.64 -24.06
N PHE I 239 13.40 -10.23 -23.14
CA PHE I 239 13.35 -8.88 -22.58
C PHE I 239 14.62 -8.12 -22.96
N GLN I 240 14.52 -6.80 -23.03
CA GLN I 240 15.66 -5.96 -23.36
C GLN I 240 15.63 -4.70 -22.52
N LYS I 241 16.82 -4.14 -22.28
CA LYS I 241 17.01 -2.93 -21.48
C LYS I 241 18.14 -2.10 -22.06
N TRP I 242 18.03 -0.78 -21.93
CA TRP I 242 19.10 0.12 -22.34
C TRP I 242 19.37 1.17 -21.27
N ALA I 243 20.23 2.14 -21.59
CA ALA I 243 20.64 3.16 -20.64
C ALA I 243 20.51 4.54 -21.29
N ALA I 244 20.55 5.58 -20.45
CA ALA I 244 20.51 6.95 -20.91
C ALA I 244 21.16 7.84 -19.86
N VAL I 245 21.99 8.78 -20.31
CA VAL I 245 22.72 9.66 -19.41
C VAL I 245 23.16 10.89 -20.21
N VAL I 246 23.39 11.99 -19.50
CA VAL I 246 23.86 13.24 -20.10
C VAL I 246 25.28 13.49 -19.61
N VAL I 247 26.22 13.61 -20.55
CA VAL I 247 27.63 13.82 -20.23
C VAL I 247 28.13 15.04 -21.00
N PRO I 248 29.10 15.78 -20.48
CA PRO I 248 29.60 16.95 -21.19
C PRO I 248 30.46 16.56 -22.38
N SER I 249 30.45 17.42 -23.39
CA SER I 249 31.21 17.17 -24.61
C SER I 249 32.70 17.07 -24.28
N GLY I 250 33.35 16.06 -24.87
CA GLY I 250 34.76 15.86 -24.65
C GLY I 250 35.05 15.01 -23.43
N GLU I 251 34.10 14.97 -22.51
CA GLU I 251 34.20 14.17 -21.30
C GLU I 251 33.12 13.08 -21.36
N GLU I 252 33.46 11.96 -22.01
CA GLU I 252 32.58 10.81 -22.06
C GLU I 252 33.23 9.54 -21.51
N GLN I 253 34.53 9.34 -21.75
CA GLN I 253 35.15 8.04 -21.50
C GLN I 253 35.13 7.64 -20.04
N ARG I 254 34.92 8.59 -19.12
CA ARG I 254 34.84 8.24 -17.71
C ARG I 254 33.63 7.37 -17.42
N TYR I 255 32.52 7.61 -18.11
CA TYR I 255 31.29 6.89 -17.84
C TYR I 255 31.35 5.48 -18.43
N THR I 256 30.83 4.51 -17.68
CA THR I 256 30.78 3.11 -18.10
C THR I 256 29.46 2.51 -17.69
N CYS I 257 29.09 1.42 -18.36
CA CYS I 257 27.82 0.74 -18.12
C CYS I 257 28.05 -0.52 -17.28
N HIS I 258 27.24 -0.68 -16.23
CA HIS I 258 27.35 -1.84 -15.35
C HIS I 258 26.39 -2.92 -15.83
N VAL I 259 26.93 -4.09 -16.15
CA VAL I 259 26.16 -5.21 -16.68
C VAL I 259 26.30 -6.38 -15.72
N GLN I 260 25.19 -6.78 -15.09
CA GLN I 260 25.20 -7.92 -14.18
C GLN I 260 23.87 -8.65 -14.29
N HIS I 261 23.94 -9.97 -14.46
CA HIS I 261 22.77 -10.83 -14.61
C HIS I 261 22.95 -12.05 -13.72
N GLU I 262 21.85 -12.54 -13.15
CA GLU I 262 21.92 -13.78 -12.39
C GLU I 262 22.37 -14.94 -13.27
N GLY I 263 22.07 -14.88 -14.56
CA GLY I 263 22.57 -15.83 -15.54
C GLY I 263 23.69 -15.32 -16.41
N LEU I 264 24.34 -14.22 -16.04
CA LEU I 264 25.41 -13.67 -16.86
C LEU I 264 26.57 -14.65 -16.93
N PRO I 265 27.20 -14.82 -18.11
CA PRO I 265 28.36 -15.70 -18.27
C PRO I 265 29.60 -15.16 -17.57
N PHE J 1 -0.23 -27.01 -13.26
CA PHE J 1 -1.44 -27.49 -12.63
C PHE J 1 -2.14 -26.36 -11.87
N THR J 2 -3.45 -26.25 -12.05
CA THR J 2 -4.24 -25.14 -11.53
C THR J 2 -4.67 -25.42 -10.10
N SER J 3 -5.50 -24.53 -9.55
CA SER J 3 -6.09 -24.69 -8.23
C SER J 3 -7.60 -24.80 -8.35
N ASP J 4 -8.21 -25.53 -7.42
CA ASP J 4 -9.64 -25.80 -7.53
C ASP J 4 -10.42 -25.45 -6.27
N TYR J 5 -9.79 -24.90 -5.24
CA TYR J 5 -10.54 -24.41 -4.08
C TYR J 5 -11.05 -23.02 -4.42
N TYR J 6 -12.21 -22.98 -5.05
CA TYR J 6 -12.73 -21.72 -5.58
C TYR J 6 -13.19 -20.84 -4.44
N GLN J 7 -12.31 -19.94 -4.00
CA GLN J 7 -12.48 -19.26 -2.72
C GLN J 7 -13.62 -18.25 -2.79
N LEU J 8 -14.49 -18.29 -1.78
CA LEU J 8 -15.56 -17.31 -1.67
C LEU J 8 -15.08 -16.05 -0.96
N TYR J 9 -15.63 -14.92 -1.38
CA TYR J 9 -15.33 -13.63 -0.75
C TYR J 9 -16.48 -13.21 0.16
#